data_8GMX
# 
_entry.id   8GMX 
# 
_audit_conform.dict_name       mmcif_pdbx.dic 
_audit_conform.dict_version    5.376 
_audit_conform.dict_location   http://mmcif.pdb.org/dictionaries/ascii/mmcif_pdbx.dic 
# 
loop_
_database_2.database_id 
_database_2.database_code 
_database_2.pdbx_database_accession 
_database_2.pdbx_DOI 
PDB   8GMX         pdb_00008gmx 10.2210/pdb8gmx/pdb 
WWPDB D_1300031480 ?            ?                   
# 
loop_
_pdbx_database_related.db_name 
_pdbx_database_related.details 
_pdbx_database_related.db_id 
_pdbx_database_related.content_type 
PDB 'pilin-specific sortase SrtC1 from Lactobacillus rhamnosus GG'                                 7CG9 unspecified 
PDB 'housekeeping sortase SrtA bound with self derived tripeptide from Lactobacillus rhamnosus GG' 7F87 unspecified 
PDB 'housekeeping sortase SrtA from Lactobacillus rhamnosus GG'                                    7CFJ unspecified 
# 
_pdbx_database_status.status_code                     REL 
_pdbx_database_status.status_code_sf                  REL 
_pdbx_database_status.status_code_mr                  ? 
_pdbx_database_status.entry_id                        8GMX 
_pdbx_database_status.recvd_initial_deposition_date   2022-08-22 
_pdbx_database_status.SG_entry                        N 
_pdbx_database_status.deposit_site                    PDBJ 
_pdbx_database_status.process_site                    PDBJ 
_pdbx_database_status.status_code_cs                  ? 
_pdbx_database_status.status_code_nmr_data            ? 
_pdbx_database_status.methods_development_category    ? 
_pdbx_database_status.pdb_format_compatible           Y 
# 
loop_
_audit_author.name 
_audit_author.pdbx_ordinal 
_audit_author.identifier_ORCID 
'Das, S.'      1 ? 
'Megta, A.K.'  2 ? 
'Pratap, S.'   3 ? 
'Krishnan, V.' 4 ? 
# 
_citation.abstract                  ? 
_citation.abstract_id_CAS           ? 
_citation.book_id_ISBN              ? 
_citation.book_publisher            ? 
_citation.book_publisher_city       ? 
_citation.book_title                ? 
_citation.coordinate_linkage        ? 
_citation.country                   ? 
_citation.database_id_Medline       ? 
_citation.details                   ? 
_citation.id                        primary 
_citation.journal_abbrev            'To Be Published' 
_citation.journal_id_ASTM           ? 
_citation.journal_id_CSD            0353 
_citation.journal_id_ISSN           ? 
_citation.journal_full              ? 
_citation.journal_issue             ? 
_citation.journal_volume            ? 
_citation.language                  ? 
_citation.page_first                ? 
_citation.page_last                 ? 
_citation.title                     'Crystal structure of pilin-specific sortase SrtC2 from Lactobacillus rhamnosus GG' 
_citation.year                      ? 
_citation.database_id_CSD           ? 
_citation.pdbx_database_id_DOI      ? 
_citation.pdbx_database_id_PubMed   ? 
_citation.pdbx_database_id_patent   ? 
_citation.unpublished_flag          ? 
# 
loop_
_citation_author.citation_id 
_citation_author.name 
_citation_author.ordinal 
_citation_author.identifier_ORCID 
primary 'Das, S.'      1 ? 
primary 'Megta, A.K.'  2 ? 
primary 'Pratap, S.'   3 ? 
primary 'Krishnan, V.' 4 ? 
# 
_cell.angle_alpha                  90.00 
_cell.angle_alpha_esd              ? 
_cell.angle_beta                   90.00 
_cell.angle_beta_esd               ? 
_cell.angle_gamma                  120.00 
_cell.angle_gamma_esd              ? 
_cell.entry_id                     8GMX 
_cell.details                      ? 
_cell.formula_units_Z              ? 
_cell.length_a                     80.400 
_cell.length_a_esd                 ? 
_cell.length_b                     80.400 
_cell.length_b_esd                 ? 
_cell.length_c                     46.895 
_cell.length_c_esd                 ? 
_cell.volume                       ? 
_cell.volume_esd                   ? 
_cell.Z_PDB                        6 
_cell.reciprocal_angle_alpha       ? 
_cell.reciprocal_angle_beta        ? 
_cell.reciprocal_angle_gamma       ? 
_cell.reciprocal_angle_alpha_esd   ? 
_cell.reciprocal_angle_beta_esd    ? 
_cell.reciprocal_angle_gamma_esd   ? 
_cell.reciprocal_length_a          ? 
_cell.reciprocal_length_b          ? 
_cell.reciprocal_length_c          ? 
_cell.reciprocal_length_a_esd      ? 
_cell.reciprocal_length_b_esd      ? 
_cell.reciprocal_length_c_esd      ? 
_cell.pdbx_unique_axis             ? 
_cell.pdbx_esd_method              ? 
# 
_symmetry.entry_id                         8GMX 
_symmetry.cell_setting                     ? 
_symmetry.Int_Tables_number                154 
_symmetry.space_group_name_Hall            ? 
_symmetry.space_group_name_H-M             'P 32 2 1' 
_symmetry.pdbx_full_space_group_name_H-M   ? 
# 
loop_
_entity.id 
_entity.type 
_entity.src_method 
_entity.pdbx_description 
_entity.formula_weight 
_entity.pdbx_number_of_molecules 
_entity.pdbx_ec 
_entity.pdbx_mutation 
_entity.pdbx_fragment 
_entity.details 
1 polymer man 'Class C sortase' 17282.076 1 ? ? ? ? 
2 water   nat water             18.015    4 ? ? ? ? 
# 
_entity_name_com.entity_id   1 
_entity_name_com.name        Sortase 
# 
_entity_poly.entity_id                      1 
_entity_poly.type                           'polypeptide(L)' 
_entity_poly.nstd_linkage                   no 
_entity_poly.nstd_monomer                   no 
_entity_poly.pdbx_seq_one_letter_code       
;MNQAYVKRHLIGRVVIPKLAVDLPLFDTTNNTLLDQGAVVLPGTSYPRGGKNTHTVVSAHGGLPTKRFFTDLSKLKRGQK
FFLQVNGKKMAYQVFRIKTVRPDETQSLRIEPGRDLATLMTCTPYMINSHRLLVTGKRVPYTESLEHHHHHH
;
_entity_poly.pdbx_seq_one_letter_code_can   
;MNQAYVKRHLIGRVVIPKLAVDLPLFDTTNNTLLDQGAVVLPGTSYPRGGKNTHTVVSAHGGLPTKRFFTDLSKLKRGQK
FFLQVNGKKMAYQVFRIKTVRPDETQSLRIEPGRDLATLMTCTPYMINSHRLLVTGKRVPYTESLEHHHHHH
;
_entity_poly.pdbx_strand_id                 A 
_entity_poly.pdbx_target_identifier         ? 
# 
loop_
_entity_poly_seq.entity_id 
_entity_poly_seq.num 
_entity_poly_seq.mon_id 
_entity_poly_seq.hetero 
1 1   MET n 
1 2   ASN n 
1 3   GLN n 
1 4   ALA n 
1 5   TYR n 
1 6   VAL n 
1 7   LYS n 
1 8   ARG n 
1 9   HIS n 
1 10  LEU n 
1 11  ILE n 
1 12  GLY n 
1 13  ARG n 
1 14  VAL n 
1 15  VAL n 
1 16  ILE n 
1 17  PRO n 
1 18  LYS n 
1 19  LEU n 
1 20  ALA n 
1 21  VAL n 
1 22  ASP n 
1 23  LEU n 
1 24  PRO n 
1 25  LEU n 
1 26  PHE n 
1 27  ASP n 
1 28  THR n 
1 29  THR n 
1 30  ASN n 
1 31  ASN n 
1 32  THR n 
1 33  LEU n 
1 34  LEU n 
1 35  ASP n 
1 36  GLN n 
1 37  GLY n 
1 38  ALA n 
1 39  VAL n 
1 40  VAL n 
1 41  LEU n 
1 42  PRO n 
1 43  GLY n 
1 44  THR n 
1 45  SER n 
1 46  TYR n 
1 47  PRO n 
1 48  ARG n 
1 49  GLY n 
1 50  GLY n 
1 51  LYS n 
1 52  ASN n 
1 53  THR n 
1 54  HIS n 
1 55  THR n 
1 56  VAL n 
1 57  VAL n 
1 58  SER n 
1 59  ALA n 
1 60  HIS n 
1 61  GLY n 
1 62  GLY n 
1 63  LEU n 
1 64  PRO n 
1 65  THR n 
1 66  LYS n 
1 67  ARG n 
1 68  PHE n 
1 69  PHE n 
1 70  THR n 
1 71  ASP n 
1 72  LEU n 
1 73  SER n 
1 74  LYS n 
1 75  LEU n 
1 76  LYS n 
1 77  ARG n 
1 78  GLY n 
1 79  GLN n 
1 80  LYS n 
1 81  PHE n 
1 82  PHE n 
1 83  LEU n 
1 84  GLN n 
1 85  VAL n 
1 86  ASN n 
1 87  GLY n 
1 88  LYS n 
1 89  LYS n 
1 90  MET n 
1 91  ALA n 
1 92  TYR n 
1 93  GLN n 
1 94  VAL n 
1 95  PHE n 
1 96  ARG n 
1 97  ILE n 
1 98  LYS n 
1 99  THR n 
1 100 VAL n 
1 101 ARG n 
1 102 PRO n 
1 103 ASP n 
1 104 GLU n 
1 105 THR n 
1 106 GLN n 
1 107 SER n 
1 108 LEU n 
1 109 ARG n 
1 110 ILE n 
1 111 GLU n 
1 112 PRO n 
1 113 GLY n 
1 114 ARG n 
1 115 ASP n 
1 116 LEU n 
1 117 ALA n 
1 118 THR n 
1 119 LEU n 
1 120 MET n 
1 121 THR n 
1 122 CYS n 
1 123 THR n 
1 124 PRO n 
1 125 TYR n 
1 126 MET n 
1 127 ILE n 
1 128 ASN n 
1 129 SER n 
1 130 HIS n 
1 131 ARG n 
1 132 LEU n 
1 133 LEU n 
1 134 VAL n 
1 135 THR n 
1 136 GLY n 
1 137 LYS n 
1 138 ARG n 
1 139 VAL n 
1 140 PRO n 
1 141 TYR n 
1 142 THR n 
1 143 GLU n 
1 144 SER n 
1 145 LEU n 
1 146 GLU n 
1 147 HIS n 
1 148 HIS n 
1 149 HIS n 
1 150 HIS n 
1 151 HIS n 
1 152 HIS n 
# 
_entity_src_gen.entity_id                          1 
_entity_src_gen.pdbx_src_id                        1 
_entity_src_gen.pdbx_alt_source_flag               sample 
_entity_src_gen.pdbx_seq_type                      'Biological sequence' 
_entity_src_gen.pdbx_beg_seq_num                   1 
_entity_src_gen.pdbx_end_seq_num                   152 
_entity_src_gen.gene_src_common_name               ? 
_entity_src_gen.gene_src_genus                     ? 
_entity_src_gen.pdbx_gene_src_gene                 'GM657_11825, LRHM_2278' 
_entity_src_gen.gene_src_species                   ? 
_entity_src_gen.gene_src_strain                    'ATCC 53103 / LMG 18243 / GG' 
_entity_src_gen.gene_src_tissue                    ? 
_entity_src_gen.gene_src_tissue_fraction           ? 
_entity_src_gen.gene_src_details                   ? 
_entity_src_gen.pdbx_gene_src_fragment             ? 
_entity_src_gen.pdbx_gene_src_scientific_name      'Lacticaseibacillus rhamnosus GG' 
_entity_src_gen.pdbx_gene_src_ncbi_taxonomy_id     568703 
_entity_src_gen.pdbx_gene_src_variant              ? 
_entity_src_gen.pdbx_gene_src_cell_line            ? 
_entity_src_gen.pdbx_gene_src_atcc                 53103 
_entity_src_gen.pdbx_gene_src_organ                ? 
_entity_src_gen.pdbx_gene_src_organelle            ? 
_entity_src_gen.pdbx_gene_src_cell                 ? 
_entity_src_gen.pdbx_gene_src_cellular_location    ? 
_entity_src_gen.host_org_common_name               ? 
_entity_src_gen.pdbx_host_org_scientific_name      'Escherichia coli BL21(DE3)' 
_entity_src_gen.pdbx_host_org_ncbi_taxonomy_id     469008 
_entity_src_gen.host_org_genus                     ? 
_entity_src_gen.pdbx_host_org_gene                 ? 
_entity_src_gen.pdbx_host_org_organ                ? 
_entity_src_gen.host_org_species                   ? 
_entity_src_gen.pdbx_host_org_tissue               ? 
_entity_src_gen.pdbx_host_org_tissue_fraction      ? 
_entity_src_gen.pdbx_host_org_strain               ? 
_entity_src_gen.pdbx_host_org_variant              ? 
_entity_src_gen.pdbx_host_org_cell_line            ? 
_entity_src_gen.pdbx_host_org_atcc                 ? 
_entity_src_gen.pdbx_host_org_culture_collection   ? 
_entity_src_gen.pdbx_host_org_cell                 ? 
_entity_src_gen.pdbx_host_org_organelle            ? 
_entity_src_gen.pdbx_host_org_cellular_location    ? 
_entity_src_gen.pdbx_host_org_vector_type          pET24a 
_entity_src_gen.pdbx_host_org_vector               ? 
_entity_src_gen.host_org_details                   ? 
_entity_src_gen.expression_system_id               ? 
_entity_src_gen.plasmid_name                       ? 
_entity_src_gen.plasmid_details                    ? 
_entity_src_gen.pdbx_description                   ? 
# 
_struct_ref.id                         1 
_struct_ref.db_name                    UNP 
_struct_ref.db_code                    A0A7S7JH80_LACRG 
_struct_ref.pdbx_db_accession          A0A7S7JH80 
_struct_ref.pdbx_db_isoform            ? 
_struct_ref.entity_id                  1 
_struct_ref.pdbx_seq_one_letter_code   
;NQAYVKRHLIGRVVIPKLAVDLPLFDTTNNTLLDQGAVVLPGTSYPRGGKNTHTVVSAHGGLPTKRFFTDLSKLKRGQKF
FLQVNGKKMAYQVFRIKTVRPDETQSLRIEPGRDLATLMTCTPYMINSHRLLVTGKRVPYTESLEH
;
_struct_ref.pdbx_align_begin           89 
# 
_struct_ref_seq.align_id                      1 
_struct_ref_seq.ref_id                        1 
_struct_ref_seq.pdbx_PDB_id_code              8GMX 
_struct_ref_seq.pdbx_strand_id                A 
_struct_ref_seq.seq_align_beg                 2 
_struct_ref_seq.pdbx_seq_align_beg_ins_code   ? 
_struct_ref_seq.seq_align_end                 147 
_struct_ref_seq.pdbx_seq_align_end_ins_code   ? 
_struct_ref_seq.pdbx_db_accession             A0A7S7JH80 
_struct_ref_seq.db_align_beg                  89 
_struct_ref_seq.pdbx_db_align_beg_ins_code    ? 
_struct_ref_seq.db_align_end                  234 
_struct_ref_seq.pdbx_db_align_end_ins_code    ? 
_struct_ref_seq.pdbx_auth_seq_align_beg       89 
_struct_ref_seq.pdbx_auth_seq_align_end       234 
# 
loop_
_struct_ref_seq_dif.align_id 
_struct_ref_seq_dif.pdbx_pdb_id_code 
_struct_ref_seq_dif.mon_id 
_struct_ref_seq_dif.pdbx_pdb_strand_id 
_struct_ref_seq_dif.seq_num 
_struct_ref_seq_dif.pdbx_pdb_ins_code 
_struct_ref_seq_dif.pdbx_seq_db_name 
_struct_ref_seq_dif.pdbx_seq_db_accession_code 
_struct_ref_seq_dif.db_mon_id 
_struct_ref_seq_dif.pdbx_seq_db_seq_num 
_struct_ref_seq_dif.details 
_struct_ref_seq_dif.pdbx_auth_seq_num 
_struct_ref_seq_dif.pdbx_ordinal 
1 8GMX MET A 1   ? UNP A0A7S7JH80 ? ? 'initiating methionine' 88  1 
1 8GMX HIS A 148 ? UNP A0A7S7JH80 ? ? 'expression tag'        235 2 
1 8GMX HIS A 149 ? UNP A0A7S7JH80 ? ? 'expression tag'        236 3 
1 8GMX HIS A 150 ? UNP A0A7S7JH80 ? ? 'expression tag'        237 4 
1 8GMX HIS A 151 ? UNP A0A7S7JH80 ? ? 'expression tag'        238 5 
1 8GMX HIS A 152 ? UNP A0A7S7JH80 ? ? 'expression tag'        239 6 
# 
loop_
_chem_comp.id 
_chem_comp.type 
_chem_comp.mon_nstd_flag 
_chem_comp.name 
_chem_comp.pdbx_synonyms 
_chem_comp.formula 
_chem_comp.formula_weight 
ALA 'L-peptide linking' y ALANINE         ? 'C3 H7 N O2'     89.093  
ARG 'L-peptide linking' y ARGININE        ? 'C6 H15 N4 O2 1' 175.209 
ASN 'L-peptide linking' y ASPARAGINE      ? 'C4 H8 N2 O3'    132.118 
ASP 'L-peptide linking' y 'ASPARTIC ACID' ? 'C4 H7 N O4'     133.103 
CYS 'L-peptide linking' y CYSTEINE        ? 'C3 H7 N O2 S'   121.158 
GLN 'L-peptide linking' y GLUTAMINE       ? 'C5 H10 N2 O3'   146.144 
GLU 'L-peptide linking' y 'GLUTAMIC ACID' ? 'C5 H9 N O4'     147.129 
GLY 'peptide linking'   y GLYCINE         ? 'C2 H5 N O2'     75.067  
HIS 'L-peptide linking' y HISTIDINE       ? 'C6 H10 N3 O2 1' 156.162 
HOH non-polymer         . WATER           ? 'H2 O'           18.015  
ILE 'L-peptide linking' y ISOLEUCINE      ? 'C6 H13 N O2'    131.173 
LEU 'L-peptide linking' y LEUCINE         ? 'C6 H13 N O2'    131.173 
LYS 'L-peptide linking' y LYSINE          ? 'C6 H15 N2 O2 1' 147.195 
MET 'L-peptide linking' y METHIONINE      ? 'C5 H11 N O2 S'  149.211 
PHE 'L-peptide linking' y PHENYLALANINE   ? 'C9 H11 N O2'    165.189 
PRO 'L-peptide linking' y PROLINE         ? 'C5 H9 N O2'     115.130 
SER 'L-peptide linking' y SERINE          ? 'C3 H7 N O3'     105.093 
THR 'L-peptide linking' y THREONINE       ? 'C4 H9 N O3'     119.119 
TYR 'L-peptide linking' y TYROSINE        ? 'C9 H11 N O3'    181.189 
VAL 'L-peptide linking' y VALINE          ? 'C5 H11 N O2'    117.146 
# 
_exptl.absorpt_coefficient_mu     ? 
_exptl.absorpt_correction_T_max   ? 
_exptl.absorpt_correction_T_min   ? 
_exptl.absorpt_correction_type    ? 
_exptl.absorpt_process_details    ? 
_exptl.entry_id                   8GMX 
_exptl.crystals_number            1 
_exptl.details                    ? 
_exptl.method                     'X-RAY DIFFRACTION' 
_exptl.method_details             ? 
# 
_exptl_crystal.colour                       ? 
_exptl_crystal.density_diffrn               ? 
_exptl_crystal.density_Matthews             2.53 
_exptl_crystal.density_method               ? 
_exptl_crystal.density_percent_sol          51.42 
_exptl_crystal.description                  ? 
_exptl_crystal.F_000                        ? 
_exptl_crystal.id                           1 
_exptl_crystal.preparation                  ? 
_exptl_crystal.size_max                     ? 
_exptl_crystal.size_mid                     ? 
_exptl_crystal.size_min                     ? 
_exptl_crystal.size_rad                     ? 
_exptl_crystal.colour_lustre                ? 
_exptl_crystal.colour_modifier              ? 
_exptl_crystal.colour_primary               ? 
_exptl_crystal.density_meas                 ? 
_exptl_crystal.density_meas_esd             ? 
_exptl_crystal.density_meas_gt              ? 
_exptl_crystal.density_meas_lt              ? 
_exptl_crystal.density_meas_temp            ? 
_exptl_crystal.density_meas_temp_esd        ? 
_exptl_crystal.density_meas_temp_gt         ? 
_exptl_crystal.density_meas_temp_lt         ? 
_exptl_crystal.pdbx_crystal_image_url       ? 
_exptl_crystal.pdbx_crystal_image_format    ? 
_exptl_crystal.pdbx_mosaicity               ? 
_exptl_crystal.pdbx_mosaicity_esd           ? 
_exptl_crystal.pdbx_mosaic_method           ? 
_exptl_crystal.pdbx_mosaic_block_size       ? 
_exptl_crystal.pdbx_mosaic_block_size_esd   ? 
# 
_exptl_crystal_grow.apparatus       ? 
_exptl_crystal_grow.atmosphere      ? 
_exptl_crystal_grow.crystal_id      1 
_exptl_crystal_grow.details         ? 
_exptl_crystal_grow.method          'VAPOR DIFFUSION, SITTING DROP' 
_exptl_crystal_grow.method_ref      ? 
_exptl_crystal_grow.pH              5.0 
_exptl_crystal_grow.pressure        ? 
_exptl_crystal_grow.pressure_esd    ? 
_exptl_crystal_grow.seeding         ? 
_exptl_crystal_grow.seeding_ref     ? 
_exptl_crystal_grow.temp            295 
_exptl_crystal_grow.temp_details    ? 
_exptl_crystal_grow.temp_esd        ? 
_exptl_crystal_grow.time            ? 
_exptl_crystal_grow.pdbx_details    '0.05 M Citric acid, 0.05 M BIS-TRIS propane pH 5.0, 16% w/v Polyethylene glycol 3350' 
_exptl_crystal_grow.pdbx_pH_range   ? 
# 
_diffrn.ambient_environment              ? 
_diffrn.ambient_temp                     100 
_diffrn.ambient_temp_details             ? 
_diffrn.ambient_temp_esd                 ? 
_diffrn.crystal_id                       1 
_diffrn.crystal_support                  ? 
_diffrn.crystal_treatment                ? 
_diffrn.details                          ? 
_diffrn.id                               1 
_diffrn.ambient_pressure                 ? 
_diffrn.ambient_pressure_esd             ? 
_diffrn.ambient_pressure_gt              ? 
_diffrn.ambient_pressure_lt              ? 
_diffrn.ambient_temp_gt                  ? 
_diffrn.ambient_temp_lt                  ? 
_diffrn.pdbx_serial_crystal_experiment   N 
# 
_diffrn_detector.details                      ? 
_diffrn_detector.detector                     PIXEL 
_diffrn_detector.diffrn_id                    1 
_diffrn_detector.type                         'DECTRIS PILATUS3 X 2M' 
_diffrn_detector.area_resol_mean              ? 
_diffrn_detector.dtime                        ? 
_diffrn_detector.pdbx_frames_total            ? 
_diffrn_detector.pdbx_collection_time_total   ? 
_diffrn_detector.pdbx_collection_date         2022-06-09 
_diffrn_detector.pdbx_frequency               ? 
# 
_diffrn_radiation.collimation                      ? 
_diffrn_radiation.diffrn_id                        1 
_diffrn_radiation.filter_edge                      ? 
_diffrn_radiation.inhomogeneity                    ? 
_diffrn_radiation.monochromator                    ? 
_diffrn_radiation.polarisn_norm                    ? 
_diffrn_radiation.polarisn_ratio                   ? 
_diffrn_radiation.probe                            ? 
_diffrn_radiation.type                             ? 
_diffrn_radiation.xray_symbol                      ? 
_diffrn_radiation.wavelength_id                    1 
_diffrn_radiation.pdbx_monochromatic_or_laue_m_l   M 
_diffrn_radiation.pdbx_wavelength_list             ? 
_diffrn_radiation.pdbx_wavelength                  ? 
_diffrn_radiation.pdbx_diffrn_protocol             'SINGLE WAVELENGTH' 
_diffrn_radiation.pdbx_analyzer                    ? 
_diffrn_radiation.pdbx_scattering_type             x-ray 
# 
_diffrn_radiation_wavelength.id           1 
_diffrn_radiation_wavelength.wavelength   0.873128 
_diffrn_radiation_wavelength.wt           1.0 
# 
_diffrn_source.current                     ? 
_diffrn_source.details                     ? 
_diffrn_source.diffrn_id                   1 
_diffrn_source.power                       ? 
_diffrn_source.size                        ? 
_diffrn_source.source                      SYNCHROTRON 
_diffrn_source.target                      ? 
_diffrn_source.type                        'ESRF BEAMLINE ID23-2' 
_diffrn_source.voltage                     ? 
_diffrn_source.take-off_angle              ? 
_diffrn_source.pdbx_wavelength_list        0.873128 
_diffrn_source.pdbx_wavelength             ? 
_diffrn_source.pdbx_synchrotron_beamline   ID23-2 
_diffrn_source.pdbx_synchrotron_site       ESRF 
# 
_reflns.B_iso_Wilson_estimate                          ? 
_reflns.entry_id                                       8GMX 
_reflns.data_reduction_details                         ? 
_reflns.data_reduction_method                          ? 
_reflns.d_resolution_high                              2.604 
_reflns.d_resolution_low                               34.814 
_reflns.details                                        ? 
_reflns.limit_h_max                                    ? 
_reflns.limit_h_min                                    ? 
_reflns.limit_k_max                                    ? 
_reflns.limit_k_min                                    ? 
_reflns.limit_l_max                                    ? 
_reflns.limit_l_min                                    ? 
_reflns.number_all                                     ? 
_reflns.number_obs                                     4625 
_reflns.observed_criterion                             ? 
_reflns.observed_criterion_F_max                       ? 
_reflns.observed_criterion_F_min                       ? 
_reflns.observed_criterion_I_max                       ? 
_reflns.observed_criterion_I_min                       ? 
_reflns.observed_criterion_sigma_F                     ? 
_reflns.observed_criterion_sigma_I                     ? 
_reflns.percent_possible_obs                           83.2 
_reflns.R_free_details                                 ? 
_reflns.Rmerge_F_all                                   ? 
_reflns.Rmerge_F_obs                                   ? 
_reflns.Friedel_coverage                               ? 
_reflns.number_gt                                      ? 
_reflns.threshold_expression                           ? 
_reflns.pdbx_redundancy                                8.1 
_reflns.pdbx_Rmerge_I_obs                              ? 
_reflns.pdbx_Rmerge_I_all                              ? 
_reflns.pdbx_Rsym_value                                ? 
_reflns.pdbx_netI_over_av_sigmaI                       ? 
_reflns.pdbx_netI_over_sigmaI                          7.6 
_reflns.pdbx_res_netI_over_av_sigmaI_2                 ? 
_reflns.pdbx_res_netI_over_sigmaI_2                    ? 
_reflns.pdbx_chi_squared                               ? 
_reflns.pdbx_scaling_rejects                           ? 
_reflns.pdbx_d_res_high_opt                            ? 
_reflns.pdbx_d_res_low_opt                             ? 
_reflns.pdbx_d_res_opt_method                          ? 
_reflns.phase_calculation_details                      ? 
_reflns.pdbx_Rrim_I_all                                ? 
_reflns.pdbx_Rpim_I_all                                0.077 
_reflns.pdbx_d_opt                                     ? 
_reflns.pdbx_number_measured_all                       ? 
_reflns.pdbx_diffrn_id                                 1 
_reflns.pdbx_ordinal                                   1 
_reflns.pdbx_CC_half                                   0.992 
_reflns.pdbx_CC_star                                   ? 
_reflns.pdbx_R_split                                   ? 
_reflns.pdbx_aniso_diffraction_limit_axis_1_ortho[1]   ? 
_reflns.pdbx_aniso_diffraction_limit_axis_1_ortho[2]   ? 
_reflns.pdbx_aniso_diffraction_limit_axis_1_ortho[3]   ? 
_reflns.pdbx_aniso_diffraction_limit_axis_2_ortho[1]   ? 
_reflns.pdbx_aniso_diffraction_limit_axis_2_ortho[2]   ? 
_reflns.pdbx_aniso_diffraction_limit_axis_2_ortho[3]   ? 
_reflns.pdbx_aniso_diffraction_limit_axis_3_ortho[1]   ? 
_reflns.pdbx_aniso_diffraction_limit_axis_3_ortho[2]   ? 
_reflns.pdbx_aniso_diffraction_limit_axis_3_ortho[3]   ? 
_reflns.pdbx_aniso_diffraction_limit_1                 ? 
_reflns.pdbx_aniso_diffraction_limit_2                 ? 
_reflns.pdbx_aniso_diffraction_limit_3                 ? 
_reflns.pdbx_aniso_B_tensor_eigenvector_1_ortho[1]     ? 
_reflns.pdbx_aniso_B_tensor_eigenvector_1_ortho[2]     ? 
_reflns.pdbx_aniso_B_tensor_eigenvector_1_ortho[3]     ? 
_reflns.pdbx_aniso_B_tensor_eigenvector_2_ortho[1]     ? 
_reflns.pdbx_aniso_B_tensor_eigenvector_2_ortho[2]     ? 
_reflns.pdbx_aniso_B_tensor_eigenvector_2_ortho[3]     ? 
_reflns.pdbx_aniso_B_tensor_eigenvector_3_ortho[1]     ? 
_reflns.pdbx_aniso_B_tensor_eigenvector_3_ortho[2]     ? 
_reflns.pdbx_aniso_B_tensor_eigenvector_3_ortho[3]     ? 
_reflns.pdbx_aniso_B_tensor_eigenvalue_1               ? 
_reflns.pdbx_aniso_B_tensor_eigenvalue_2               ? 
_reflns.pdbx_aniso_B_tensor_eigenvalue_3               ? 
_reflns.pdbx_orthogonalization_convention              ? 
_reflns.pdbx_percent_possible_ellipsoidal              ? 
_reflns.pdbx_percent_possible_spherical                ? 
_reflns.pdbx_percent_possible_ellipsoidal_anomalous    ? 
_reflns.pdbx_percent_possible_spherical_anomalous      ? 
_reflns.pdbx_redundancy_anomalous                      ? 
_reflns.pdbx_CC_half_anomalous                         ? 
_reflns.pdbx_absDiff_over_sigma_anomalous              ? 
_reflns.pdbx_percent_possible_anomalous                ? 
_reflns.pdbx_observed_signal_threshold                 ? 
_reflns.pdbx_signal_type                               ? 
_reflns.pdbx_signal_details                            ? 
_reflns.pdbx_signal_software_id                        ? 
_reflns.pdbx_CC_split_method                           ? 
# 
_reflns_shell.d_res_high                                    2.604 
_reflns_shell.d_res_low                                     2.680 
_reflns_shell.meanI_over_sigI_all                           ? 
_reflns_shell.meanI_over_sigI_obs                           1.2 
_reflns_shell.number_measured_all                           ? 
_reflns_shell.number_measured_obs                           ? 
_reflns_shell.number_possible                               ? 
_reflns_shell.number_unique_all                             ? 
_reflns_shell.number_unique_obs                             231 
_reflns_shell.percent_possible_all                          ? 
_reflns_shell.percent_possible_obs                          ? 
_reflns_shell.Rmerge_F_all                                  ? 
_reflns_shell.Rmerge_F_obs                                  ? 
_reflns_shell.Rmerge_I_all                                  ? 
_reflns_shell.Rmerge_I_obs                                  ? 
_reflns_shell.meanI_over_sigI_gt                            ? 
_reflns_shell.meanI_over_uI_all                             ? 
_reflns_shell.meanI_over_uI_gt                              ? 
_reflns_shell.number_measured_gt                            ? 
_reflns_shell.number_unique_gt                              ? 
_reflns_shell.percent_possible_gt                           ? 
_reflns_shell.Rmerge_F_gt                                   ? 
_reflns_shell.Rmerge_I_gt                                   ? 
_reflns_shell.pdbx_redundancy                               ? 
_reflns_shell.pdbx_Rsym_value                               ? 
_reflns_shell.pdbx_chi_squared                              ? 
_reflns_shell.pdbx_netI_over_sigmaI_all                     ? 
_reflns_shell.pdbx_netI_over_sigmaI_obs                     ? 
_reflns_shell.pdbx_Rrim_I_all                               ? 
_reflns_shell.pdbx_Rpim_I_all                               0.610 
_reflns_shell.pdbx_rejects                                  ? 
_reflns_shell.pdbx_ordinal                                  1 
_reflns_shell.pdbx_diffrn_id                                1 
_reflns_shell.pdbx_CC_half                                  0.415 
_reflns_shell.pdbx_CC_star                                  ? 
_reflns_shell.pdbx_R_split                                  ? 
_reflns_shell.pdbx_percent_possible_ellipsoidal             ? 
_reflns_shell.pdbx_percent_possible_spherical               ? 
_reflns_shell.pdbx_percent_possible_ellipsoidal_anomalous   ? 
_reflns_shell.pdbx_percent_possible_spherical_anomalous     ? 
_reflns_shell.pdbx_redundancy_anomalous                     ? 
_reflns_shell.pdbx_CC_half_anomalous                        ? 
_reflns_shell.pdbx_absDiff_over_sigma_anomalous             ? 
_reflns_shell.pdbx_percent_possible_anomalous               ? 
# 
_refine.aniso_B[1][1]                            ? 
_refine.aniso_B[1][2]                            ? 
_refine.aniso_B[1][3]                            ? 
_refine.aniso_B[2][2]                            ? 
_refine.aniso_B[2][3]                            ? 
_refine.aniso_B[3][3]                            ? 
_refine.B_iso_max                                ? 
_refine.B_iso_mean                               ? 
_refine.B_iso_min                                ? 
_refine.correlation_coeff_Fo_to_Fc               ? 
_refine.correlation_coeff_Fo_to_Fc_free          ? 
_refine.details                                  ? 
_refine.diff_density_max                         ? 
_refine.diff_density_max_esd                     ? 
_refine.diff_density_min                         ? 
_refine.diff_density_min_esd                     ? 
_refine.diff_density_rms                         ? 
_refine.diff_density_rms_esd                     ? 
_refine.entry_id                                 8GMX 
_refine.pdbx_refine_id                           'X-RAY DIFFRACTION' 
_refine.ls_abs_structure_details                 ? 
_refine.ls_abs_structure_Flack                   ? 
_refine.ls_abs_structure_Flack_esd               ? 
_refine.ls_abs_structure_Rogers                  ? 
_refine.ls_abs_structure_Rogers_esd              ? 
_refine.ls_d_res_high                            2.61 
_refine.ls_d_res_low                             34.81 
_refine.ls_extinction_coef                       ? 
_refine.ls_extinction_coef_esd                   ? 
_refine.ls_extinction_expression                 ? 
_refine.ls_extinction_method                     ? 
_refine.ls_goodness_of_fit_all                   ? 
_refine.ls_goodness_of_fit_all_esd               ? 
_refine.ls_goodness_of_fit_obs                   ? 
_refine.ls_goodness_of_fit_obs_esd               ? 
_refine.ls_hydrogen_treatment                    ? 
_refine.ls_matrix_type                           ? 
_refine.ls_number_constraints                    ? 
_refine.ls_number_parameters                     ? 
_refine.ls_number_reflns_all                     ? 
_refine.ls_number_reflns_obs                     4620 
_refine.ls_number_reflns_R_free                  242 
_refine.ls_number_reflns_R_work                  ? 
_refine.ls_number_restraints                     ? 
_refine.ls_percent_reflns_obs                    83.17 
_refine.ls_percent_reflns_R_free                 5.24 
_refine.ls_R_factor_all                          ? 
_refine.ls_R_factor_obs                          0.2075 
_refine.ls_R_factor_R_free                       0.2489 
_refine.ls_R_factor_R_free_error                 ? 
_refine.ls_R_factor_R_free_error_details         ? 
_refine.ls_R_factor_R_work                       0.2048 
_refine.ls_R_Fsqd_factor_obs                     ? 
_refine.ls_R_I_factor_obs                        ? 
_refine.ls_redundancy_reflns_all                 ? 
_refine.ls_redundancy_reflns_obs                 ? 
_refine.ls_restrained_S_all                      ? 
_refine.ls_restrained_S_obs                      ? 
_refine.ls_shift_over_esd_max                    ? 
_refine.ls_shift_over_esd_mean                   ? 
_refine.ls_structure_factor_coef                 ? 
_refine.ls_weighting_details                     ? 
_refine.ls_weighting_scheme                      ? 
_refine.ls_wR_factor_all                         ? 
_refine.ls_wR_factor_obs                         ? 
_refine.ls_wR_factor_R_free                      ? 
_refine.ls_wR_factor_R_work                      ? 
_refine.occupancy_max                            ? 
_refine.occupancy_min                            ? 
_refine.solvent_model_details                    'FLAT BULK SOLVENT MODEL' 
_refine.solvent_model_param_bsol                 ? 
_refine.solvent_model_param_ksol                 ? 
_refine.pdbx_R_complete                          ? 
_refine.ls_R_factor_gt                           ? 
_refine.ls_goodness_of_fit_gt                    ? 
_refine.ls_goodness_of_fit_ref                   ? 
_refine.ls_shift_over_su_max                     ? 
_refine.ls_shift_over_su_max_lt                  ? 
_refine.ls_shift_over_su_mean                    ? 
_refine.ls_shift_over_su_mean_lt                 ? 
_refine.pdbx_ls_sigma_I                          ? 
_refine.pdbx_ls_sigma_F                          1.34 
_refine.pdbx_ls_sigma_Fsqd                       ? 
_refine.pdbx_data_cutoff_high_absF               ? 
_refine.pdbx_data_cutoff_high_rms_absF           ? 
_refine.pdbx_data_cutoff_low_absF                ? 
_refine.pdbx_isotropic_thermal_model             ? 
_refine.pdbx_ls_cross_valid_method               'FREE R-VALUE' 
_refine.pdbx_method_to_determine_struct          'MOLECULAR REPLACEMENT' 
_refine.pdbx_starting_model                      7CG9 
_refine.pdbx_stereochemistry_target_values       ML 
_refine.pdbx_R_Free_selection_details            ? 
_refine.pdbx_stereochem_target_val_spec_case     ? 
_refine.pdbx_overall_ESU_R                       ? 
_refine.pdbx_overall_ESU_R_Free                  ? 
_refine.pdbx_solvent_vdw_probe_radii             1.10 
_refine.pdbx_solvent_ion_probe_radii             ? 
_refine.pdbx_solvent_shrinkage_radii             0.90 
_refine.pdbx_real_space_R                        ? 
_refine.pdbx_density_correlation                 ? 
_refine.pdbx_pd_number_of_powder_patterns        ? 
_refine.pdbx_pd_number_of_points                 ? 
_refine.pdbx_pd_meas_number_of_points            ? 
_refine.pdbx_pd_proc_ls_prof_R_factor            ? 
_refine.pdbx_pd_proc_ls_prof_wR_factor           ? 
_refine.pdbx_pd_Marquardt_correlation_coeff      ? 
_refine.pdbx_pd_Fsqrd_R_factor                   ? 
_refine.pdbx_pd_ls_matrix_band_width             ? 
_refine.pdbx_overall_phase_error                 20.85 
_refine.pdbx_overall_SU_R_free_Cruickshank_DPI   ? 
_refine.pdbx_overall_SU_R_free_Blow_DPI          ? 
_refine.pdbx_overall_SU_R_Blow_DPI               ? 
_refine.pdbx_TLS_residual_ADP_flag               ? 
_refine.pdbx_diffrn_id                           1 
_refine.overall_SU_B                             ? 
_refine.overall_SU_ML                            0.33 
_refine.overall_SU_R_Cruickshank_DPI             ? 
_refine.overall_SU_R_free                        ? 
_refine.overall_FOM_free_R_set                   ? 
_refine.overall_FOM_work_R_set                   ? 
_refine.pdbx_average_fsc_overall                 ? 
_refine.pdbx_average_fsc_work                    ? 
_refine.pdbx_average_fsc_free                    ? 
# 
_refine_hist.pdbx_refine_id                   'X-RAY DIFFRACTION' 
_refine_hist.cycle_id                         LAST 
_refine_hist.pdbx_number_atoms_protein        1069 
_refine_hist.pdbx_number_atoms_nucleic_acid   0 
_refine_hist.pdbx_number_atoms_ligand         0 
_refine_hist.number_atoms_solvent             4 
_refine_hist.number_atoms_total               1073 
_refine_hist.d_res_high                       2.61 
_refine_hist.d_res_low                        34.81 
# 
loop_
_refine_ls_restr.pdbx_refine_id 
_refine_ls_restr.criterion 
_refine_ls_restr.dev_ideal 
_refine_ls_restr.dev_ideal_target 
_refine_ls_restr.number 
_refine_ls_restr.rejects 
_refine_ls_restr.type 
_refine_ls_restr.weight 
_refine_ls_restr.pdbx_restraint_function 
'X-RAY DIFFRACTION' ? 0.002 ? 1092 ? f_bond_d           ? ? 
'X-RAY DIFFRACTION' ? 0.542 ? 1489 ? f_angle_d          ? ? 
'X-RAY DIFFRACTION' ? 5.568 ? 155  ? f_dihedral_angle_d ? ? 
'X-RAY DIFFRACTION' ? 0.046 ? 179  ? f_chiral_restr     ? ? 
'X-RAY DIFFRACTION' ? 0.004 ? 190  ? f_plane_restr      ? ? 
# 
loop_
_refine_ls_shell.pdbx_refine_id 
_refine_ls_shell.d_res_high 
_refine_ls_shell.d_res_low 
_refine_ls_shell.number_reflns_all 
_refine_ls_shell.number_reflns_obs 
_refine_ls_shell.number_reflns_R_free 
_refine_ls_shell.number_reflns_R_work 
_refine_ls_shell.percent_reflns_obs 
_refine_ls_shell.percent_reflns_R_free 
_refine_ls_shell.R_factor_all 
_refine_ls_shell.R_factor_obs 
_refine_ls_shell.R_factor_R_free 
_refine_ls_shell.R_factor_R_free_error 
_refine_ls_shell.R_factor_R_work 
_refine_ls_shell.redundancy_reflns_all 
_refine_ls_shell.redundancy_reflns_obs 
_refine_ls_shell.wR_factor_all 
_refine_ls_shell.wR_factor_obs 
_refine_ls_shell.wR_factor_R_free 
_refine_ls_shell.wR_factor_R_work 
_refine_ls_shell.pdbx_R_complete 
_refine_ls_shell.pdbx_total_number_of_bins_used 
_refine_ls_shell.pdbx_phase_error 
_refine_ls_shell.pdbx_fsc_work 
_refine_ls_shell.pdbx_fsc_free 
'X-RAY DIFFRACTION' 2.61 3.28  . . 105 1952 75.00 . . . 0.3385 . 0.2680 . . . . . . . . . . . 
'X-RAY DIFFRACTION' 3.28 34.81 . . 137 2426 91.00 . . . 0.2223 . 0.1847 . . . . . . . . . . . 
# 
_struct.entry_id                     8GMX 
_struct.title                        'Crystal structure of pilin-specific sortase SrtC2 from Lactobacillus rhamnosus GG' 
_struct.pdbx_model_details           ? 
_struct.pdbx_formula_weight          ? 
_struct.pdbx_formula_weight_method   ? 
_struct.pdbx_model_type_details      ? 
_struct.pdbx_CASP_flag               N 
# 
_struct_keywords.entry_id        8GMX 
_struct_keywords.text            
'Pilin-specific sortase, cysteine-transpeptidase, pilus assembly, Ligilactobacillus rhamnosus GG, pilus, HYDROLASE, probiotics' 
_struct_keywords.pdbx_keywords   HYDROLASE 
# 
loop_
_struct_asym.id 
_struct_asym.pdbx_blank_PDB_chainid_flag 
_struct_asym.pdbx_modified 
_struct_asym.entity_id 
_struct_asym.details 
A N N 1 ? 
B N N 2 ? 
# 
loop_
_struct_conf.conf_type_id 
_struct_conf.id 
_struct_conf.pdbx_PDB_helix_id 
_struct_conf.beg_label_comp_id 
_struct_conf.beg_label_asym_id 
_struct_conf.beg_label_seq_id 
_struct_conf.pdbx_beg_PDB_ins_code 
_struct_conf.end_label_comp_id 
_struct_conf.end_label_asym_id 
_struct_conf.end_label_seq_id 
_struct_conf.pdbx_end_PDB_ins_code 
_struct_conf.beg_auth_comp_id 
_struct_conf.beg_auth_asym_id 
_struct_conf.beg_auth_seq_id 
_struct_conf.end_auth_comp_id 
_struct_conf.end_auth_asym_id 
_struct_conf.end_auth_seq_id 
_struct_conf.pdbx_PDB_helix_class 
_struct_conf.details 
_struct_conf.pdbx_PDB_helix_length 
HELX_P HELX_P1 AA1 GLN A 3  ? HIS A 9  ? GLN A 90  HIS A 96  1 ? 7 
HELX_P HELX_P2 AA2 PRO A 17 ? ALA A 20 ? PRO A 104 ALA A 107 5 ? 4 
HELX_P HELX_P3 AA3 ASN A 30 ? LEU A 34 ? ASN A 117 LEU A 121 5 ? 5 
HELX_P HELX_P4 AA4 ARG A 67 ? SER A 73 ? ARG A 154 SER A 160 1 ? 7 
# 
_struct_conf_type.id          HELX_P 
_struct_conf_type.criteria    ? 
_struct_conf_type.reference   ? 
# 
loop_
_struct_sheet.id 
_struct_sheet.type 
_struct_sheet.number_strands 
_struct_sheet.details 
AA1 ? 4 ? 
AA2 ? 4 ? 
# 
loop_
_struct_sheet_order.sheet_id 
_struct_sheet_order.range_id_1 
_struct_sheet_order.range_id_2 
_struct_sheet_order.offset 
_struct_sheet_order.sense 
AA1 1 2 ? anti-parallel 
AA1 2 3 ? parallel      
AA1 3 4 ? anti-parallel 
AA2 1 2 ? anti-parallel 
AA2 2 3 ? anti-parallel 
AA2 3 4 ? anti-parallel 
# 
loop_
_struct_sheet_range.sheet_id 
_struct_sheet_range.id 
_struct_sheet_range.beg_label_comp_id 
_struct_sheet_range.beg_label_asym_id 
_struct_sheet_range.beg_label_seq_id 
_struct_sheet_range.pdbx_beg_PDB_ins_code 
_struct_sheet_range.end_label_comp_id 
_struct_sheet_range.end_label_asym_id 
_struct_sheet_range.end_label_seq_id 
_struct_sheet_range.pdbx_end_PDB_ins_code 
_struct_sheet_range.beg_auth_comp_id 
_struct_sheet_range.beg_auth_asym_id 
_struct_sheet_range.beg_auth_seq_id 
_struct_sheet_range.end_auth_comp_id 
_struct_sheet_range.end_auth_asym_id 
_struct_sheet_range.end_auth_seq_id 
AA1 1 LEU A 10  ? ILE A 16  ? LEU A 97  ILE A 103 
AA1 2 VAL A 21  ? PHE A 26  ? VAL A 108 PHE A 113 
AA1 3 ALA A 38  ? VAL A 40  ? ALA A 125 VAL A 127 
AA1 4 VAL A 57  ? SER A 58  ? VAL A 144 SER A 145 
AA2 1 LYS A 80  ? VAL A 85  ? LYS A 167 VAL A 172 
AA2 2 LYS A 88  ? VAL A 100 ? LYS A 175 VAL A 187 
AA2 3 ARG A 131 ? VAL A 139 ? ARG A 218 VAL A 226 
AA2 4 LEU A 116 ? CYS A 122 ? LEU A 203 CYS A 209 
# 
loop_
_pdbx_struct_sheet_hbond.sheet_id 
_pdbx_struct_sheet_hbond.range_id_1 
_pdbx_struct_sheet_hbond.range_id_2 
_pdbx_struct_sheet_hbond.range_1_label_atom_id 
_pdbx_struct_sheet_hbond.range_1_label_comp_id 
_pdbx_struct_sheet_hbond.range_1_label_asym_id 
_pdbx_struct_sheet_hbond.range_1_label_seq_id 
_pdbx_struct_sheet_hbond.range_1_PDB_ins_code 
_pdbx_struct_sheet_hbond.range_1_auth_atom_id 
_pdbx_struct_sheet_hbond.range_1_auth_comp_id 
_pdbx_struct_sheet_hbond.range_1_auth_asym_id 
_pdbx_struct_sheet_hbond.range_1_auth_seq_id 
_pdbx_struct_sheet_hbond.range_2_label_atom_id 
_pdbx_struct_sheet_hbond.range_2_label_comp_id 
_pdbx_struct_sheet_hbond.range_2_label_asym_id 
_pdbx_struct_sheet_hbond.range_2_label_seq_id 
_pdbx_struct_sheet_hbond.range_2_PDB_ins_code 
_pdbx_struct_sheet_hbond.range_2_auth_atom_id 
_pdbx_struct_sheet_hbond.range_2_auth_comp_id 
_pdbx_struct_sheet_hbond.range_2_auth_asym_id 
_pdbx_struct_sheet_hbond.range_2_auth_seq_id 
AA1 1 2 N VAL A 14  ? N VAL A 101 O LEU A 23  ? O LEU A 110 
AA1 2 3 N PHE A 26  ? N PHE A 113 O VAL A 40  ? O VAL A 127 
AA1 3 4 N VAL A 39  ? N VAL A 126 O SER A 58  ? O SER A 145 
AA2 1 2 N PHE A 81  ? N PHE A 168 O TYR A 92  ? O TYR A 179 
AA2 2 3 N GLN A 93  ? N GLN A 180 O LYS A 137 ? O LYS A 224 
AA2 3 4 O LEU A 132 ? O LEU A 219 N THR A 121 ? N THR A 208 
# 
_atom_sites.entry_id                    8GMX 
_atom_sites.Cartn_transf_matrix[1][1]   ? 
_atom_sites.Cartn_transf_matrix[1][2]   ? 
_atom_sites.Cartn_transf_matrix[1][3]   ? 
_atom_sites.Cartn_transf_matrix[2][1]   ? 
_atom_sites.Cartn_transf_matrix[2][2]   ? 
_atom_sites.Cartn_transf_matrix[2][3]   ? 
_atom_sites.Cartn_transf_matrix[3][1]   ? 
_atom_sites.Cartn_transf_matrix[3][2]   ? 
_atom_sites.Cartn_transf_matrix[3][3]   ? 
_atom_sites.Cartn_transf_vector[1]      ? 
_atom_sites.Cartn_transf_vector[2]      ? 
_atom_sites.Cartn_transf_vector[3]      ? 
_atom_sites.fract_transf_matrix[1][1]   -0.00681308 
_atom_sites.fract_transf_matrix[1][2]   0.00499216 
_atom_sites.fract_transf_matrix[1][3]   -0.01161597 
_atom_sites.fract_transf_matrix[2][1]   0.00536295 
_atom_sites.fract_transf_matrix[2][2]   -0.00248056 
_atom_sites.fract_transf_matrix[2][3]   -0.01309017 
_atom_sites.fract_transf_matrix[3][1]   -0.01124037 
_atom_sites.fract_transf_matrix[3][2]   -0.01808254 
_atom_sites.fract_transf_matrix[3][3]   -0.00117850 
_atom_sites.fract_transf_vector[1]      -0.064718 
_atom_sites.fract_transf_vector[2]      -0.373494 
_atom_sites.fract_transf_vector[3]      -0.121939 
_atom_sites.solution_primary            ? 
_atom_sites.solution_secondary          ? 
_atom_sites.solution_hydrogens          ? 
_atom_sites.special_details             ? 
# 
loop_
_atom_type.symbol 
C 
N 
O 
S 
# 
loop_
_atom_site.group_PDB 
_atom_site.id 
_atom_site.type_symbol 
_atom_site.label_atom_id 
_atom_site.label_alt_id 
_atom_site.label_comp_id 
_atom_site.label_asym_id 
_atom_site.label_entity_id 
_atom_site.label_seq_id 
_atom_site.pdbx_PDB_ins_code 
_atom_site.Cartn_x 
_atom_site.Cartn_y 
_atom_site.Cartn_z 
_atom_site.occupancy 
_atom_site.B_iso_or_equiv 
_atom_site.pdbx_formal_charge 
_atom_site.auth_seq_id 
_atom_site.auth_comp_id 
_atom_site.auth_asym_id 
_atom_site.auth_atom_id 
_atom_site.pdbx_PDB_model_num 
ATOM   1    N N   . GLN A 1 3   ? -21.127 -2.456  4.706   1.00 74.74  ? 90  GLN A N   1 
ATOM   2    C CA  . GLN A 1 3   ? -20.683 -3.704  5.319   1.00 95.58  ? 90  GLN A CA  1 
ATOM   3    C C   . GLN A 1 3   ? -21.093 -4.902  4.468   1.00 88.97  ? 90  GLN A C   1 
ATOM   4    O O   . GLN A 1 3   ? -20.259 -5.517  3.801   1.00 59.60  ? 90  GLN A O   1 
ATOM   5    C CB  . GLN A 1 3   ? -21.251 -3.840  6.733   1.00 77.45  ? 90  GLN A CB  1 
ATOM   6    N N   . ALA A 1 4   ? -22.384 -5.233  4.505   1.00 99.89  ? 91  ALA A N   1 
ATOM   7    C CA  . ALA A 1 4   ? -22.923 -6.304  3.679   1.00 90.84  ? 91  ALA A CA  1 
ATOM   8    C C   . ALA A 1 4   ? -23.344 -5.826  2.298   1.00 75.59  ? 91  ALA A C   1 
ATOM   9    O O   . ALA A 1 4   ? -23.394 -6.635  1.364   1.00 82.28  ? 91  ALA A O   1 
ATOM   10   C CB  . ALA A 1 4   ? -24.120 -6.960  4.375   1.00 87.36  ? 91  ALA A CB  1 
ATOM   11   N N   . TYR A 1 5   ? -23.644 -4.533  2.150   1.00 78.97  ? 92  TYR A N   1 
ATOM   12   C CA  . TYR A 1 5   ? -23.980 -3.989  0.839   1.00 74.49  ? 92  TYR A CA  1 
ATOM   13   C C   . TYR A 1 5   ? -22.795 -4.070  -0.116  1.00 74.78  ? 92  TYR A C   1 
ATOM   14   O O   . TYR A 1 5   ? -22.986 -4.164  -1.334  1.00 76.47  ? 92  TYR A O   1 
ATOM   15   C CB  . TYR A 1 5   ? -24.457 -2.542  0.989   1.00 81.05  ? 92  TYR A CB  1 
ATOM   16   C CG  . TYR A 1 5   ? -24.483 -1.741  -0.294  1.00 75.10  ? 92  TYR A CG  1 
ATOM   17   C CD1 . TYR A 1 5   ? -25.594 -1.765  -1.126  1.00 79.22  ? 92  TYR A CD1 1 
ATOM   18   C CD2 . TYR A 1 5   ? -23.403 -0.950  -0.668  1.00 73.71  ? 92  TYR A CD2 1 
ATOM   19   C CE1 . TYR A 1 5   ? -25.628 -1.033  -2.294  1.00 76.52  ? 92  TYR A CE1 1 
ATOM   20   C CE2 . TYR A 1 5   ? -23.425 -0.217  -1.838  1.00 70.77  ? 92  TYR A CE2 1 
ATOM   21   C CZ  . TYR A 1 5   ? -24.541 -0.262  -2.648  1.00 78.12  ? 92  TYR A CZ  1 
ATOM   22   O OH  . TYR A 1 5   ? -24.570 0.469   -3.814  1.00 78.67  ? 92  TYR A OH  1 
ATOM   23   N N   . VAL A 1 6   ? -21.571 -4.035  0.416   1.00 76.12  ? 93  VAL A N   1 
ATOM   24   C CA  . VAL A 1 6   ? -20.381 -4.084  -0.430  1.00 61.71  ? 93  VAL A CA  1 
ATOM   25   C C   . VAL A 1 6   ? -20.318 -5.408  -1.182  1.00 67.24  ? 93  VAL A C   1 
ATOM   26   O O   . VAL A 1 6   ? -20.073 -5.445  -2.394  1.00 86.99  ? 93  VAL A O   1 
ATOM   27   C CB  . VAL A 1 6   ? -19.115 -3.852  0.416   1.00 75.93  ? 93  VAL A CB  1 
ATOM   28   C CG1 . VAL A 1 6   ? -17.868 -4.250  -0.360  1.00 64.39  ? 93  VAL A CG1 1 
ATOM   29   C CG2 . VAL A 1 6   ? -19.032 -2.396  0.856   1.00 61.24  ? 93  VAL A CG2 1 
ATOM   30   N N   . LYS A 1 7   ? -20.548 -6.518  -0.476  1.00 68.53  ? 94  LYS A N   1 
ATOM   31   C CA  . LYS A 1 7   ? -20.510 -7.822  -1.127  1.00 77.67  ? 94  LYS A CA  1 
ATOM   32   C C   . LYS A 1 7   ? -21.721 -8.042  -2.025  1.00 67.30  ? 94  LYS A C   1 
ATOM   33   O O   . LYS A 1 7   ? -21.640 -8.803  -2.997  1.00 66.54  ? 94  LYS A O   1 
ATOM   34   C CB  . LYS A 1 7   ? -20.418 -8.931  -0.078  1.00 66.13  ? 94  LYS A CB  1 
ATOM   35   N N   . ARG A 1 8   ? -22.845 -7.385  -1.724  1.00 58.56  ? 95  ARG A N   1 
ATOM   36   C CA  . ARG A 1 8   ? -24.056 -7.572  -2.513  1.00 62.00  ? 95  ARG A CA  1 
ATOM   37   C C   . ARG A 1 8   ? -23.915 -7.048  -3.936  1.00 62.12  ? 95  ARG A C   1 
ATOM   38   O O   . ARG A 1 8   ? -24.669 -7.474  -4.816  1.00 72.64  ? 95  ARG A O   1 
ATOM   39   C CB  . ARG A 1 8   ? -25.240 -6.889  -1.827  1.00 63.34  ? 95  ARG A CB  1 
ATOM   40   N N   . HIS A 1 9   ? -22.968 -6.143  -4.183  1.00 72.53  ? 96  HIS A N   1 
ATOM   41   C CA  . HIS A 1 9   ? -22.775 -5.556  -5.503  1.00 63.78  ? 96  HIS A CA  1 
ATOM   42   C C   . HIS A 1 9   ? -21.355 -5.734  -6.024  1.00 61.56  ? 96  HIS A C   1 
ATOM   43   O O   . HIS A 1 9   ? -21.022 -5.187  -7.082  1.00 58.90  ? 96  HIS A O   1 
ATOM   44   C CB  . HIS A 1 9   ? -23.152 -4.072  -5.472  1.00 62.76  ? 96  HIS A CB  1 
ATOM   45   C CG  . HIS A 1 9   ? -24.625 -3.830  -5.369  1.00 70.31  ? 96  HIS A CG  1 
ATOM   46   N ND1 . HIS A 1 9   ? -25.158 -2.611  -5.009  1.00 73.32  ? 96  HIS A ND1 1 
ATOM   47   C CD2 . HIS A 1 9   ? -25.680 -4.648  -5.597  1.00 80.81  ? 96  HIS A CD2 1 
ATOM   48   C CE1 . HIS A 1 9   ? -26.476 -2.693  -5.010  1.00 85.28  ? 96  HIS A CE1 1 
ATOM   49   N NE2 . HIS A 1 9   ? -26.819 -3.918  -5.362  1.00 87.79  ? 96  HIS A NE2 1 
ATOM   50   N N   . LEU A 1 10  ? -20.514 -6.479  -5.313  1.00 59.41  ? 97  LEU A N   1 
ATOM   51   C CA  . LEU A 1 10  ? -19.174 -6.786  -5.796  1.00 54.72  ? 97  LEU A CA  1 
ATOM   52   C C   . LEU A 1 10  ? -19.258 -7.810  -6.922  1.00 48.85  ? 97  LEU A C   1 
ATOM   53   O O   . LEU A 1 10  ? -19.673 -8.952  -6.700  1.00 54.48  ? 97  LEU A O   1 
ATOM   54   C CB  . LEU A 1 10  ? -18.315 -7.315  -4.651  1.00 37.13  ? 97  LEU A CB  1 
ATOM   55   C CG  . LEU A 1 10  ? -16.844 -7.574  -4.970  1.00 33.82  ? 97  LEU A CG  1 
ATOM   56   C CD1 . LEU A 1 10  ? -16.154 -6.275  -5.326  1.00 47.66  ? 97  LEU A CD1 1 
ATOM   57   C CD2 . LEU A 1 10  ? -16.149 -8.250  -3.798  1.00 41.51  ? 97  LEU A CD2 1 
ATOM   58   N N   . ILE A 1 11  ? -18.867 -7.406  -8.131  1.00 47.36  ? 98  ILE A N   1 
ATOM   59   C CA  . ILE A 1 11  ? -18.973 -8.289  -9.286  1.00 48.96  ? 98  ILE A CA  1 
ATOM   60   C C   . ILE A 1 11  ? -17.635 -8.878  -9.721  1.00 47.85  ? 98  ILE A C   1 
ATOM   61   O O   . ILE A 1 11  ? -17.625 -9.883  -10.449 1.00 50.52  ? 98  ILE A O   1 
ATOM   62   C CB  . ILE A 1 11  ? -19.636 -7.567  -10.478 1.00 45.49  ? 98  ILE A CB  1 
ATOM   63   C CG1 . ILE A 1 11  ? -18.857 -6.301  -10.839 1.00 43.08  ? 98  ILE A CG1 1 
ATOM   64   C CG2 . ILE A 1 11  ? -21.090 -7.250  -10.166 1.00 55.21  ? 98  ILE A CG2 1 
ATOM   65   C CD1 . ILE A 1 11  ? -18.774 -6.050  -12.327 1.00 42.84  ? 98  ILE A CD1 1 
ATOM   66   N N   . GLY A 1 12  ? -16.514 -8.292  -9.308  1.00 36.56  ? 99  GLY A N   1 
ATOM   67   C CA  . GLY A 1 12  ? -15.231 -8.838  -9.702  1.00 32.19  ? 99  GLY A CA  1 
ATOM   68   C C   . GLY A 1 12  ? -14.020 -7.990  -9.376  1.00 32.73  ? 99  GLY A C   1 
ATOM   69   O O   . GLY A 1 12  ? -13.849 -7.548  -8.236  1.00 36.74  ? 99  GLY A O   1 
ATOM   70   N N   . ARG A 1 13  ? -13.170 -7.749  -10.373 1.00 35.05  ? 100 ARG A N   1 
ATOM   71   C CA  . ARG A 1 13  ? -11.858 -7.173  -10.122 1.00 43.28  ? 100 ARG A CA  1 
ATOM   72   C C   . ARG A 1 13  ? -11.373 -6.427  -11.358 1.00 41.04  ? 100 ARG A C   1 
ATOM   73   O O   . ARG A 1 13  ? -11.549 -6.900  -12.484 1.00 45.19  ? 100 ARG A O   1 
ATOM   74   C CB  . ARG A 1 13  ? -10.858 -8.273  -9.745  1.00 48.69  ? 100 ARG A CB  1 
ATOM   75   C CG  . ARG A 1 13  ? -9.648  -7.796  -8.976  1.00 66.76  ? 100 ARG A CG  1 
ATOM   76   C CD  . ARG A 1 13  ? -8.847  -8.970  -8.417  1.00 68.86  ? 100 ARG A CD  1 
ATOM   77   N NE  . ARG A 1 13  ? -8.737  -10.098 -9.338  1.00 76.26  ? 100 ARG A NE  1 
ATOM   78   C CZ  . ARG A 1 13  ? -7.584  -10.592 -9.772  1.00 61.28  ? 100 ARG A CZ  1 
ATOM   79   N NH1 . ARG A 1 13  ? -6.426  -10.076 -9.396  1.00 52.99  ? 100 ARG A NH1 1 
ATOM   80   N NH2 . ARG A 1 13  ? -7.592  -11.635 -10.595 1.00 41.92  ? 100 ARG A NH2 1 
ATOM   81   N N   . VAL A 1 14  ? -10.763 -5.264  -11.140 1.00 27.20  ? 101 VAL A N   1 
ATOM   82   C CA  . VAL A 1 14  ? -10.093 -4.503  -12.192 1.00 34.45  ? 101 VAL A CA  1 
ATOM   83   C C   . VAL A 1 14  ? -8.597  -4.598  -11.942 1.00 36.01  ? 101 VAL A C   1 
ATOM   84   O O   . VAL A 1 14  ? -8.109  -4.163  -10.891 1.00 49.55  ? 101 VAL A O   1 
ATOM   85   C CB  . VAL A 1 14  ? -10.550 -3.036  -12.222 1.00 36.28  ? 101 VAL A CB  1 
ATOM   86   C CG1 . VAL A 1 14  ? -9.874  -2.298  -13.367 1.00 21.66  ? 101 VAL A CG1 1 
ATOM   87   C CG2 . VAL A 1 14  ? -12.059 -2.952  -12.345 1.00 46.31  ? 101 VAL A CG2 1 
ATOM   88   N N   . VAL A 1 15  ? -7.866  -5.160  -12.900 1.00 32.80  ? 102 VAL A N   1 
ATOM   89   C CA  . VAL A 1 15  ? -6.446  -5.442  -12.730 1.00 43.83  ? 102 VAL A CA  1 
ATOM   90   C C   . VAL A 1 15  ? -5.671  -4.816  -13.881 1.00 37.53  ? 102 VAL A C   1 
ATOM   91   O O   . VAL A 1 15  ? -6.029  -4.997  -15.050 1.00 40.86  ? 102 VAL A O   1 
ATOM   92   C CB  . VAL A 1 15  ? -6.170  -6.956  -12.658 1.00 35.26  ? 102 VAL A CB  1 
ATOM   93   C CG1 . VAL A 1 15  ? -4.702  -7.213  -12.363 1.00 36.57  ? 102 VAL A CG1 1 
ATOM   94   C CG2 . VAL A 1 15  ? -7.056  -7.614  -11.612 1.00 39.13  ? 102 VAL A CG2 1 
ATOM   95   N N   . ILE A 1 16  ? -4.617  -4.084  -13.547 1.00 32.82  ? 103 ILE A N   1 
ATOM   96   C CA  . ILE A 1 16  ? -3.669  -3.551  -14.515 1.00 33.54  ? 103 ILE A CA  1 
ATOM   97   C C   . ILE A 1 16  ? -2.285  -4.075  -14.157 1.00 46.41  ? 103 ILE A C   1 
ATOM   98   O O   . ILE A 1 16  ? -1.619  -3.542  -13.267 1.00 56.06  ? 103 ILE A O   1 
ATOM   99   C CB  . ILE A 1 16  ? -3.691  -2.012  -14.540 1.00 30.78  ? 103 ILE A CB  1 
ATOM   100  C CG1 . ILE A 1 16  ? -5.132  -1.499  -14.537 1.00 34.70  ? 103 ILE A CG1 1 
ATOM   101  C CG2 . ILE A 1 16  ? -2.931  -1.492  -15.750 1.00 36.84  ? 103 ILE A CG2 1 
ATOM   102  C CD1 . ILE A 1 16  ? -5.262  -0.039  -14.163 1.00 34.51  ? 103 ILE A CD1 1 
ATOM   103  N N   . PRO A 1 17  ? -1.815  -5.131  -14.831 1.00 53.06  ? 104 PRO A N   1 
ATOM   104  C CA  . PRO A 1 17  ? -0.551  -5.761  -14.412 1.00 49.54  ? 104 PRO A CA  1 
ATOM   105  C C   . PRO A 1 17  ? 0.656   -4.843  -14.498 1.00 42.25  ? 104 PRO A C   1 
ATOM   106  O O   . PRO A 1 17  ? 1.468   -4.816  -13.566 1.00 52.14  ? 104 PRO A O   1 
ATOM   107  C CB  . PRO A 1 17  ? -0.426  -6.956  -15.370 1.00 48.66  ? 104 PRO A CB  1 
ATOM   108  C CG  . PRO A 1 17  ? -1.828  -7.221  -15.831 1.00 44.16  ? 104 PRO A CG  1 
ATOM   109  C CD  . PRO A 1 17  ? -2.463  -5.867  -15.928 1.00 60.48  ? 104 PRO A CD  1 
ATOM   110  N N   . LYS A 1 18  ? 0.799   -4.086  -15.589 1.00 56.59  ? 105 LYS A N   1 
ATOM   111  C CA  . LYS A 1 18  ? 1.958   -3.212  -15.745 1.00 55.02  ? 105 LYS A CA  1 
ATOM   112  C C   . LYS A 1 18  ? 2.020   -2.116  -14.689 1.00 62.42  ? 105 LYS A C   1 
ATOM   113  O O   . LYS A 1 18  ? 3.074   -1.486  -14.538 1.00 64.02  ? 105 LYS A O   1 
ATOM   114  C CB  . LYS A 1 18  ? 1.957   -2.585  -17.140 1.00 47.82  ? 105 LYS A CB  1 
ATOM   115  N N   . LEU A 1 19  ? 0.932   -1.871  -13.963 1.00 56.25  ? 106 LEU A N   1 
ATOM   116  C CA  . LEU A 1 19  ? 0.913   -0.900  -12.880 1.00 56.58  ? 106 LEU A CA  1 
ATOM   117  C C   . LEU A 1 19  ? 0.701   -1.544  -11.518 1.00 56.77  ? 106 LEU A C   1 
ATOM   118  O O   . LEU A 1 19  ? 0.717   -0.835  -10.505 1.00 58.76  ? 106 LEU A O   1 
ATOM   119  C CB  . LEU A 1 19  ? -0.175  0.151   -13.130 1.00 46.11  ? 106 LEU A CB  1 
ATOM   120  C CG  . LEU A 1 19  ? -0.109  0.875   -14.475 1.00 52.34  ? 106 LEU A CG  1 
ATOM   121  C CD1 . LEU A 1 19  ? -1.389  1.650   -14.729 1.00 45.14  ? 106 LEU A CD1 1 
ATOM   122  C CD2 . LEU A 1 19  ? 1.096   1.798   -14.530 1.00 61.75  ? 106 LEU A CD2 1 
ATOM   123  N N   . ALA A 1 20  ? 0.512   -2.864  -11.470 1.00 45.92  ? 107 ALA A N   1 
ATOM   124  C CA  . ALA A 1 20  ? 0.255   -3.590  -10.227 1.00 45.23  ? 107 ALA A CA  1 
ATOM   125  C C   . ALA A 1 20  ? -0.947  -3.001  -9.493  1.00 48.40  ? 107 ALA A C   1 
ATOM   126  O O   . ALA A 1 20  ? -0.916  -2.752  -8.285  1.00 59.07  ? 107 ALA A O   1 
ATOM   127  C CB  . ALA A 1 20  ? 1.496   -3.610  -9.333  1.00 38.06  ? 107 ALA A CB  1 
ATOM   128  N N   . VAL A 1 21  ? -2.018  -2.773  -10.245 1.00 39.89  ? 108 VAL A N   1 
ATOM   129  C CA  . VAL A 1 21  ? -3.252  -2.202  -9.720  1.00 47.90  ? 108 VAL A CA  1 
ATOM   130  C C   . VAL A 1 21  ? -4.274  -3.321  -9.604  1.00 47.18  ? 108 VAL A C   1 
ATOM   131  O O   . VAL A 1 21  ? -4.656  -3.930  -10.609 1.00 52.91  ? 108 VAL A O   1 
ATOM   132  C CB  . VAL A 1 21  ? -3.779  -1.067  -10.611 1.00 40.95  ? 108 VAL A CB  1 
ATOM   133  C CG1 . VAL A 1 21  ? -5.180  -0.667  -10.180 1.00 35.69  ? 108 VAL A CG1 1 
ATOM   134  C CG2 . VAL A 1 21  ? -2.837  0.126   -10.564 1.00 46.12  ? 108 VAL A CG2 1 
ATOM   135  N N   . ASP A 1 22  ? -4.716  -3.593  -8.378  1.00 54.41  ? 109 ASP A N   1 
ATOM   136  C CA  . ASP A 1 22  ? -5.729  -4.609  -8.105  1.00 45.90  ? 109 ASP A CA  1 
ATOM   137  C C   . ASP A 1 22  ? -6.831  -3.947  -7.284  1.00 56.13  ? 109 ASP A C   1 
ATOM   138  O O   . ASP A 1 22  ? -6.660  -3.699  -6.087  1.00 72.29  ? 109 ASP A O   1 
ATOM   139  C CB  . ASP A 1 22  ? -5.126  -5.808  -7.377  1.00 58.19  ? 109 ASP A CB  1 
ATOM   140  C CG  . ASP A 1 22  ? -6.082  -6.984  -7.292  1.00 83.41  ? 109 ASP A CG  1 
ATOM   141  O OD1 . ASP A 1 22  ? -7.226  -6.799  -6.824  1.00 93.47  ? 109 ASP A OD1 1 
ATOM   142  O OD2 . ASP A 1 22  ? -5.687  -8.098  -7.700  1.00 85.62  ? 109 ASP A OD2 1 
ATOM   143  N N   . LEU A 1 23  ? -7.961  -3.662  -7.930  1.00 46.65  ? 110 LEU A N   1 
ATOM   144  C CA  . LEU A 1 23  ? -9.081  -3.035  -7.257  1.00 53.25  ? 110 LEU A CA  1 
ATOM   145  C C   . LEU A 1 23  ? -10.332 -3.890  -7.393  1.00 45.51  ? 110 LEU A C   1 
ATOM   146  O O   . LEU A 1 23  ? -10.532 -4.539  -8.426  1.00 44.76  ? 110 LEU A O   1 
ATOM   147  C CB  . LEU A 1 23  ? -9.366  -1.638  -7.826  1.00 42.72  ? 110 LEU A CB  1 
ATOM   148  C CG  . LEU A 1 23  ? -8.192  -0.668  -7.935  1.00 53.19  ? 110 LEU A CG  1 
ATOM   149  C CD1 . LEU A 1 23  ? -8.534  0.453   -8.895  1.00 27.34  ? 110 LEU A CD1 1 
ATOM   150  C CD2 . LEU A 1 23  ? -7.827  -0.114  -6.564  1.00 47.32  ? 110 LEU A CD2 1 
ATOM   151  N N   . PRO A 1 24  ? -11.183 -3.921  -6.371  1.00 44.44  ? 111 PRO A N   1 
ATOM   152  C CA  . PRO A 1 24  ? -12.492 -4.558  -6.525  1.00 42.83  ? 111 PRO A CA  1 
ATOM   153  C C   . PRO A 1 24  ? -13.355 -3.790  -7.514  1.00 43.61  ? 111 PRO A C   1 
ATOM   154  O O   . PRO A 1 24  ? -13.186 -2.584  -7.720  1.00 43.79  ? 111 PRO A O   1 
ATOM   155  C CB  . PRO A 1 24  ? -13.086 -4.508  -5.112  1.00 38.63  ? 111 PRO A CB  1 
ATOM   156  C CG  . PRO A 1 24  ? -12.305 -3.459  -4.389  1.00 43.09  ? 111 PRO A CG  1 
ATOM   157  C CD  . PRO A 1 24  ? -10.939 -3.456  -4.995  1.00 38.60  ? 111 PRO A CD  1 
ATOM   158  N N   . LEU A 1 25  ? -14.287 -4.505  -8.137  1.00 45.71  ? 112 LEU A N   1 
ATOM   159  C CA  . LEU A 1 25  ? -15.181 -3.933  -9.136  1.00 46.20  ? 112 LEU A CA  1 
ATOM   160  C C   . LEU A 1 25  ? -16.622 -4.076  -8.668  1.00 45.16  ? 112 LEU A C   1 
ATOM   161  O O   . LEU A 1 25  ? -17.031 -5.154  -8.224  1.00 45.98  ? 112 LEU A O   1 
ATOM   162  C CB  . LEU A 1 25  ? -14.988 -4.609  -10.498 1.00 30.47  ? 112 LEU A CB  1 
ATOM   163  C CG  . LEU A 1 25  ? -15.771 -4.014  -11.670 1.00 25.39  ? 112 LEU A CG  1 
ATOM   164  C CD1 . LEU A 1 25  ? -15.628 -2.502  -11.708 1.00 32.24  ? 112 LEU A CD1 1 
ATOM   165  C CD2 . LEU A 1 25  ? -15.321 -4.630  -12.983 1.00 31.15  ? 112 LEU A CD2 1 
ATOM   166  N N   . PHE A 1 26  ? -17.386 -2.991  -8.772  1.00 52.78  ? 113 PHE A N   1 
ATOM   167  C CA  . PHE A 1 26  ? -18.781 -2.959  -8.358  1.00 51.28  ? 113 PHE A CA  1 
ATOM   168  C C   . PHE A 1 26  ? -19.666 -2.614  -9.546  1.00 57.92  ? 113 PHE A C   1 
ATOM   169  O O   . PHE A 1 26  ? -19.319 -1.755  -10.362 1.00 58.71  ? 113 PHE A O   1 
ATOM   170  C CB  . PHE A 1 26  ? -18.996 -1.946  -7.232  1.00 44.32  ? 113 PHE A CB  1 
ATOM   171  C CG  . PHE A 1 26  ? -18.187 -2.230  -6.003  1.00 48.36  ? 113 PHE A CG  1 
ATOM   172  C CD1 . PHE A 1 26  ? -18.660 -3.096  -5.031  1.00 55.82  ? 113 PHE A CD1 1 
ATOM   173  C CD2 . PHE A 1 26  ? -16.949 -1.637  -5.822  1.00 46.67  ? 113 PHE A CD2 1 
ATOM   174  C CE1 . PHE A 1 26  ? -17.916 -3.362  -3.899  1.00 45.85  ? 113 PHE A CE1 1 
ATOM   175  C CE2 . PHE A 1 26  ? -16.200 -1.900  -4.692  1.00 58.21  ? 113 PHE A CE2 1 
ATOM   176  C CZ  . PHE A 1 26  ? -16.684 -2.764  -3.729  1.00 54.96  ? 113 PHE A CZ  1 
ATOM   177  N N   . ASP A 1 27  ? -20.818 -3.285  -9.631  1.00 54.46  ? 114 ASP A N   1 
ATOM   178  C CA  . ASP A 1 27  ? -21.710 -3.101  -10.770 1.00 66.05  ? 114 ASP A CA  1 
ATOM   179  C C   . ASP A 1 27  ? -22.445 -1.769  -10.731 1.00 64.99  ? 114 ASP A C   1 
ATOM   180  O O   . ASP A 1 27  ? -22.949 -1.324  -11.769 1.00 65.89  ? 114 ASP A O   1 
ATOM   181  C CB  . ASP A 1 27  ? -22.723 -4.244  -10.831 1.00 69.62  ? 114 ASP A CB  1 
ATOM   182  N N   . THR A 1 28  ? -22.519 -1.125  -9.572  1.00 60.28  ? 115 THR A N   1 
ATOM   183  C CA  . THR A 1 28  ? -23.259 0.114   -9.404  1.00 78.85  ? 115 THR A CA  1 
ATOM   184  C C   . THR A 1 28  ? -22.308 1.237   -9.019  1.00 71.56  ? 115 THR A C   1 
ATOM   185  O O   . THR A 1 28  ? -21.137 1.014   -8.705  1.00 66.74  ? 115 THR A O   1 
ATOM   186  C CB  . THR A 1 28  ? -24.337 -0.028  -8.322  1.00 74.02  ? 115 THR A CB  1 
ATOM   187  O OG1 . THR A 1 28  ? -24.836 1.269   -7.974  1.00 72.96  ? 115 THR A OG1 1 
ATOM   188  C CG2 . THR A 1 28  ? -23.732 -0.662  -7.085  1.00 66.52  ? 115 THR A CG2 1 
ATOM   189  N N   . THR A 1 29  ? -22.833 2.459   -9.038  1.00 81.22  ? 116 THR A N   1 
ATOM   190  C CA  . THR A 1 29  ? -22.137 3.625   -8.517  1.00 61.09  ? 116 THR A CA  1 
ATOM   191  C C   . THR A 1 29  ? -22.814 4.068   -7.224  1.00 65.94  ? 116 THR A C   1 
ATOM   192  O O   . THR A 1 29  ? -24.046 4.062   -7.125  1.00 79.25  ? 116 THR A O   1 
ATOM   193  C CB  . THR A 1 29  ? -22.104 4.758   -9.558  1.00 48.97  ? 116 THR A CB  1 
ATOM   194  O OG1 . THR A 1 29  ? -21.202 5.787   -9.132  1.00 68.71  ? 116 THR A OG1 1 
ATOM   195  C CG2 . THR A 1 29  ? -23.490 5.347   -9.797  1.00 63.58  ? 116 THR A CG2 1 
ATOM   196  N N   . ASN A 1 30  ? -22.009 4.415   -6.222  1.00 67.31  ? 117 ASN A N   1 
ATOM   197  C CA  . ASN A 1 30  ? -22.543 4.671   -4.892  1.00 59.22  ? 117 ASN A CA  1 
ATOM   198  C C   . ASN A 1 30  ? -21.529 5.494   -4.108  1.00 54.84  ? 117 ASN A C   1 
ATOM   199  O O   . ASN A 1 30  ? -20.328 5.480   -4.396  1.00 67.25  ? 117 ASN A O   1 
ATOM   200  C CB  . ASN A 1 30  ? -22.883 3.352   -4.177  1.00 68.70  ? 117 ASN A CB  1 
ATOM   201  C CG  . ASN A 1 30  ? -23.422 3.549   -2.761  1.00 75.07  ? 117 ASN A CG  1 
ATOM   202  O OD1 . ASN A 1 30  ? -22.675 3.709   -1.799  1.00 65.56  ? 117 ASN A OD1 1 
ATOM   203  N ND2 . ASN A 1 30  ? -24.744 3.552   -2.642  1.00 87.20  ? 117 ASN A ND2 1 
ATOM   204  N N   . ASN A 1 31  ? -22.037 6.209   -3.100  1.00 73.73  ? 118 ASN A N   1 
ATOM   205  C CA  . ASN A 1 31  ? -21.186 7.047   -2.263  1.00 65.50  ? 118 ASN A CA  1 
ATOM   206  C C   . ASN A 1 31  ? -20.290 6.224   -1.347  1.00 67.85  ? 118 ASN A C   1 
ATOM   207  O O   . ASN A 1 31  ? -19.190 6.666   -1.002  1.00 71.46  ? 118 ASN A O   1 
ATOM   208  C CB  . ASN A 1 31  ? -22.050 8.010   -1.448  1.00 69.04  ? 118 ASN A CB  1 
ATOM   209  C CG  . ASN A 1 31  ? -22.596 7.376   -0.180  1.00 81.31  ? 118 ASN A CG  1 
ATOM   210  O OD1 . ASN A 1 31  ? -21.993 7.468   0.889   1.00 65.57  ? 118 ASN A OD1 1 
ATOM   211  N ND2 . ASN A 1 31  ? -23.746 6.720   -0.299  1.00 91.98  ? 118 ASN A ND2 1 
ATOM   212  N N   . THR A 1 32  ? -20.733 5.036   -0.939  1.00 68.31  ? 119 THR A N   1 
ATOM   213  C CA  . THR A 1 32  ? -19.943 4.195   -0.047  1.00 59.07  ? 119 THR A CA  1 
ATOM   214  C C   . THR A 1 32  ? -18.879 3.386   -0.777  1.00 61.51  ? 119 THR A C   1 
ATOM   215  O O   . THR A 1 32  ? -18.203 2.571   -0.139  1.00 65.83  ? 119 THR A O   1 
ATOM   216  C CB  . THR A 1 32  ? -20.853 3.248   0.747   1.00 62.99  ? 119 THR A CB  1 
ATOM   217  O OG1 . THR A 1 32  ? -21.290 2.175   -0.098  1.00 63.08  ? 119 THR A OG1 1 
ATOM   218  C CG2 . THR A 1 32  ? -22.059 3.988   1.310   1.00 68.05  ? 119 THR A CG2 1 
ATOM   219  N N   . LEU A 1 33  ? -18.703 3.593   -2.084  1.00 57.50  ? 120 LEU A N   1 
ATOM   220  C CA  . LEU A 1 33  ? -17.765 2.806   -2.869  1.00 54.08  ? 120 LEU A CA  1 
ATOM   221  C C   . LEU A 1 33  ? -16.587 3.597   -3.422  1.00 51.12  ? 120 LEU A C   1 
ATOM   222  O O   . LEU A 1 33  ? -15.687 2.986   -4.009  1.00 56.30  ? 120 LEU A O   1 
ATOM   223  C CB  . LEU A 1 33  ? -18.487 2.124   -4.042  1.00 51.20  ? 120 LEU A CB  1 
ATOM   224  C CG  . LEU A 1 33  ? -19.707 1.278   -3.687  1.00 39.74  ? 120 LEU A CG  1 
ATOM   225  C CD1 . LEU A 1 33  ? -20.307 0.662   -4.937  1.00 39.43  ? 120 LEU A CD1 1 
ATOM   226  C CD2 . LEU A 1 33  ? -19.330 0.204   -2.681  1.00 58.51  ? 120 LEU A CD2 1 
ATOM   227  N N   . LEU A 1 34  ? -16.558 4.923   -3.259  1.00 49.08  ? 121 LEU A N   1 
ATOM   228  C CA  . LEU A 1 34  ? -15.439 5.694   -3.793  1.00 60.15  ? 121 LEU A CA  1 
ATOM   229  C C   . LEU A 1 34  ? -14.129 5.345   -3.101  1.00 53.14  ? 121 LEU A C   1 
ATOM   230  O O   . LEU A 1 34  ? -13.056 5.504   -3.696  1.00 60.83  ? 121 LEU A O   1 
ATOM   231  C CB  . LEU A 1 34  ? -15.713 7.194   -3.680  1.00 54.85  ? 121 LEU A CB  1 
ATOM   232  C CG  . LEU A 1 34  ? -16.829 7.764   -4.558  1.00 55.89  ? 121 LEU A CG  1 
ATOM   233  C CD1 . LEU A 1 34  ? -18.092 7.985   -3.751  1.00 69.42  ? 121 LEU A CD1 1 
ATOM   234  C CD2 . LEU A 1 34  ? -16.387 9.058   -5.234  1.00 53.23  ? 121 LEU A CD2 1 
ATOM   235  N N   . ASP A 1 35  ? -14.191 4.876   -1.858  1.00 50.83  ? 122 ASP A N   1 
ATOM   236  C CA  . ASP A 1 35  ? -12.996 4.436   -1.152  1.00 53.51  ? 122 ASP A CA  1 
ATOM   237  C C   . ASP A 1 35  ? -12.751 2.941   -1.282  1.00 50.27  ? 122 ASP A C   1 
ATOM   238  O O   . ASP A 1 35  ? -11.638 2.482   -1.002  1.00 44.17  ? 122 ASP A O   1 
ATOM   239  C CB  . ASP A 1 35  ? -13.095 4.809   0.331   1.00 50.17  ? 122 ASP A CB  1 
ATOM   240  C CG  . ASP A 1 35  ? -14.302 4.189   1.009   1.00 73.32  ? 122 ASP A CG  1 
ATOM   241  O OD1 . ASP A 1 35  ? -15.361 4.077   0.354   1.00 66.92  ? 122 ASP A OD1 1 
ATOM   242  O OD2 . ASP A 1 35  ? -14.196 3.816   2.198   1.00 81.75  ? 122 ASP A OD2 1 
ATOM   243  N N   . GLN A 1 36  ? -13.758 2.177   -1.708  1.00 57.00  ? 123 GLN A N   1 
ATOM   244  C CA  . GLN A 1 36  ? -13.628 0.726   -1.789  1.00 54.07  ? 123 GLN A CA  1 
ATOM   245  C C   . GLN A 1 36  ? -12.851 0.308   -3.032  1.00 53.20  ? 123 GLN A C   1 
ATOM   246  O O   . GLN A 1 36  ? -11.822 -0.371  -2.938  1.00 61.68  ? 123 GLN A O   1 
ATOM   247  C CB  . GLN A 1 36  ? -15.015 0.079   -1.778  1.00 64.37  ? 123 GLN A CB  1 
ATOM   248  C CG  . GLN A 1 36  ? -15.687 0.080   -0.415  1.00 58.79  ? 123 GLN A CG  1 
ATOM   249  C CD  . GLN A 1 36  ? -15.097 -0.951  0.522   1.00 55.24  ? 123 GLN A CD  1 
ATOM   250  O OE1 . GLN A 1 36  ? -14.665 -2.022  0.095   1.00 67.11  ? 123 GLN A OE1 1 
ATOM   251  N NE2 . GLN A 1 36  ? -15.073 -0.633  1.810   1.00 62.46  ? 123 GLN A NE2 1 
ATOM   252  N N   . GLY A 1 37  ? -13.329 0.704   -4.207  1.00 47.95  ? 124 GLY A N   1 
ATOM   253  C CA  . GLY A 1 37  ? -12.668 0.343   -5.443  1.00 42.33  ? 124 GLY A CA  1 
ATOM   254  C C   . GLY A 1 37  ? -13.260 1.023   -6.658  1.00 45.11  ? 124 GLY A C   1 
ATOM   255  O O   . GLY A 1 37  ? -13.747 2.154   -6.575  1.00 45.12  ? 124 GLY A O   1 
ATOM   256  N N   . ALA A 1 38  ? -13.221 0.337   -7.796  1.00 36.66  ? 125 ALA A N   1 
ATOM   257  C CA  . ALA A 1 38  ? -13.740 0.870   -9.045  1.00 35.59  ? 125 ALA A CA  1 
ATOM   258  C C   . ALA A 1 38  ? -15.184 0.424   -9.252  1.00 41.88  ? 125 ALA A C   1 
ATOM   259  O O   . ALA A 1 38  ? -15.614 -0.614  -8.742  1.00 50.64  ? 125 ALA A O   1 
ATOM   260  C CB  . ALA A 1 38  ? -12.874 0.422   -10.220 1.00 24.31  ? 125 ALA A CB  1 
ATOM   261  N N   . VAL A 1 39  ? -15.932 1.221   -10.014 1.00 40.82  ? 126 VAL A N   1 
ATOM   262  C CA  . VAL A 1 39  ? -17.369 1.036   -10.168 1.00 56.14  ? 126 VAL A CA  1 
ATOM   263  C C   . VAL A 1 39  ? -17.721 1.065   -11.649 1.00 47.42  ? 126 VAL A C   1 
ATOM   264  O O   . VAL A 1 39  ? -17.133 1.828   -12.421 1.00 50.85  ? 126 VAL A O   1 
ATOM   265  C CB  . VAL A 1 39  ? -18.159 2.118   -9.406  1.00 36.58  ? 126 VAL A CB  1 
ATOM   266  C CG1 . VAL A 1 39  ? -18.187 1.804   -7.916  1.00 53.28  ? 126 VAL A CG1 1 
ATOM   267  C CG2 . VAL A 1 39  ? -17.560 3.493   -9.663  1.00 47.01  ? 126 VAL A CG2 1 
ATOM   268  N N   . VAL A 1 40  ? -18.687 0.238   -12.041 1.00 42.09  ? 127 VAL A N   1 
ATOM   269  C CA  . VAL A 1 40  ? -19.177 0.236   -13.417 1.00 44.17  ? 127 VAL A CA  1 
ATOM   270  C C   . VAL A 1 40  ? -20.199 1.356   -13.560 1.00 36.89  ? 127 VAL A C   1 
ATOM   271  O O   . VAL A 1 40  ? -21.204 1.392   -12.842 1.00 61.12  ? 127 VAL A O   1 
ATOM   272  C CB  . VAL A 1 40  ? -19.785 -1.122  -13.793 1.00 39.75  ? 127 VAL A CB  1 
ATOM   273  C CG1 . VAL A 1 40  ? -20.242 -1.111  -15.247 1.00 22.59  ? 127 VAL A CG1 1 
ATOM   274  C CG2 . VAL A 1 40  ? -18.780 -2.238  -13.563 1.00 26.38  ? 127 VAL A CG2 1 
ATOM   275  N N   . LEU A 1 41  ? -19.946 2.271   -14.489 1.00 39.38  ? 128 LEU A N   1 
ATOM   276  C CA  . LEU A 1 41  ? -20.803 3.436   -14.624 1.00 40.23  ? 128 LEU A CA  1 
ATOM   277  C C   . LEU A 1 41  ? -22.159 3.039   -15.199 1.00 46.17  ? 128 LEU A C   1 
ATOM   278  O O   . LEU A 1 41  ? -22.227 2.257   -16.152 1.00 59.74  ? 128 LEU A O   1 
ATOM   279  C CB  . LEU A 1 41  ? -20.153 4.483   -15.523 1.00 30.35  ? 128 LEU A CB  1 
ATOM   280  C CG  . LEU A 1 41  ? -19.168 5.450   -14.872 1.00 43.74  ? 128 LEU A CG  1 
ATOM   281  C CD1 . LEU A 1 41  ? -19.107 6.716   -15.697 1.00 43.97  ? 128 LEU A CD1 1 
ATOM   282  C CD2 . LEU A 1 41  ? -19.563 5.756   -13.431 1.00 35.45  ? 128 LEU A CD2 1 
ATOM   283  N N   . PRO A 1 42  ? -23.253 3.561   -14.649 1.00 64.66  ? 129 PRO A N   1 
ATOM   284  C CA  . PRO A 1 42  ? -24.564 3.314   -15.255 1.00 60.11  ? 129 PRO A CA  1 
ATOM   285  C C   . PRO A 1 42  ? -24.652 3.961   -16.625 1.00 54.49  ? 129 PRO A C   1 
ATOM   286  O O   . PRO A 1 42  ? -23.972 4.947   -16.919 1.00 45.72  ? 129 PRO A O   1 
ATOM   287  C CB  . PRO A 1 42  ? -25.551 3.952   -14.267 1.00 55.55  ? 129 PRO A CB  1 
ATOM   288  C CG  . PRO A 1 42  ? -24.757 4.275   -13.038 1.00 55.18  ? 129 PRO A CG  1 
ATOM   289  C CD  . PRO A 1 42  ? -23.335 4.418   -13.457 1.00 56.63  ? 129 PRO A CD  1 
ATOM   290  N N   . GLY A 1 43  ? -25.506 3.389   -17.471 1.00 53.76  ? 130 GLY A N   1 
ATOM   291  C CA  . GLY A 1 43  ? -25.581 3.794   -18.855 1.00 50.21  ? 130 GLY A CA  1 
ATOM   292  C C   . GLY A 1 43  ? -24.530 3.179   -19.751 1.00 44.14  ? 130 GLY A C   1 
ATOM   293  O O   . GLY A 1 43  ? -24.601 3.358   -20.973 1.00 52.88  ? 130 GLY A O   1 
ATOM   294  N N   . THR A 1 44  ? -23.568 2.468   -19.196 1.00 46.20  ? 131 THR A N   1 
ATOM   295  C CA  . THR A 1 44  ? -22.558 1.755   -19.961 1.00 40.95  ? 131 THR A CA  1 
ATOM   296  C C   . THR A 1 44  ? -22.806 0.255   -19.862 1.00 26.79  ? 131 THR A C   1 
ATOM   297  O O   . THR A 1 44  ? -23.592 -0.221  -19.038 1.00 36.71  ? 131 THR A O   1 
ATOM   298  C CB  . THR A 1 44  ? -21.148 2.100   -19.468 1.00 38.84  ? 131 THR A CB  1 
ATOM   299  O OG1 . THR A 1 44  ? -20.905 1.460   -18.209 1.00 30.98  ? 131 THR A OG1 1 
ATOM   300  C CG2 . THR A 1 44  ? -21.002 3.606   -19.304 1.00 27.01  ? 131 THR A CG2 1 
ATOM   301  N N   . SER A 1 45  ? -22.107 -0.491  -20.711 1.00 32.01  ? 132 SER A N   1 
ATOM   302  C CA  . SER A 1 45  ? -22.327 -1.927  -20.797 1.00 48.27  ? 132 SER A CA  1 
ATOM   303  C C   . SER A 1 45  ? -21.907 -2.622  -19.508 1.00 46.47  ? 132 SER A C   1 
ATOM   304  O O   . SER A 1 45  ? -20.887 -2.282  -18.902 1.00 50.93  ? 132 SER A O   1 
ATOM   305  C CB  . SER A 1 45  ? -21.551 -2.509  -21.977 1.00 36.14  ? 132 SER A CB  1 
ATOM   306  O OG  . SER A 1 45  ? -21.762 -1.745  -23.152 1.00 34.70  ? 132 SER A OG  1 
ATOM   307  N N   . TYR A 1 46  ? -22.706 -3.591  -19.083 1.00 43.14  ? 133 TYR A N   1 
ATOM   308  C CA  . TYR A 1 46  ? -22.273 -4.482  -18.017 1.00 34.30  ? 133 TYR A CA  1 
ATOM   309  C C   . TYR A 1 46  ? -21.169 -5.383  -18.558 1.00 42.12  ? 133 TYR A C   1 
ATOM   310  O O   . TYR A 1 46  ? -21.313 -5.937  -19.656 1.00 58.12  ? 133 TYR A O   1 
ATOM   311  C CB  . TYR A 1 46  ? -23.445 -5.314  -17.497 1.00 48.78  ? 133 TYR A CB  1 
ATOM   312  C CG  . TYR A 1 46  ? -23.083 -6.243  -16.360 1.00 45.61  ? 133 TYR A CG  1 
ATOM   313  C CD1 . TYR A 1 46  ? -23.005 -5.778  -15.053 1.00 51.79  ? 133 TYR A CD1 1 
ATOM   314  C CD2 . TYR A 1 46  ? -22.817 -7.585  -16.593 1.00 52.64  ? 133 TYR A CD2 1 
ATOM   315  C CE1 . TYR A 1 46  ? -22.672 -6.626  -14.011 1.00 50.94  ? 133 TYR A CE1 1 
ATOM   316  C CE2 . TYR A 1 46  ? -22.486 -8.438  -15.561 1.00 59.93  ? 133 TYR A CE2 1 
ATOM   317  C CZ  . TYR A 1 46  ? -22.414 -7.956  -14.273 1.00 55.51  ? 133 TYR A CZ  1 
ATOM   318  O OH  . TYR A 1 46  ? -22.082 -8.809  -13.245 1.00 59.71  ? 133 TYR A OH  1 
ATOM   319  N N   . PRO A 1 47  ? -20.062 -5.553  -17.838 1.00 56.08  ? 134 PRO A N   1 
ATOM   320  C CA  . PRO A 1 47  ? -18.872 -6.222  -18.417 1.00 41.76  ? 134 PRO A CA  1 
ATOM   321  C C   . PRO A 1 47  ? -18.966 -7.742  -18.548 1.00 43.90  ? 134 PRO A C   1 
ATOM   322  O O   . PRO A 1 47  ? -18.458 -8.521  -17.741 1.00 48.16  ? 134 PRO A O   1 
ATOM   323  C CB  . PRO A 1 47  ? -17.756 -5.808  -17.456 1.00 40.40  ? 134 PRO A CB  1 
ATOM   324  C CG  . PRO A 1 47  ? -18.437 -5.565  -16.157 1.00 39.51  ? 134 PRO A CG  1 
ATOM   325  C CD  . PRO A 1 47  ? -19.838 -5.112  -16.449 1.00 48.69  ? 134 PRO A CD  1 
ATOM   326  N N   . ARG A 1 48  ? -19.642 -8.183  -19.612 1.00 52.44  ? 135 ARG A N   1 
ATOM   327  C CA  . ARG A 1 48  ? -19.542 -9.559  -20.071 1.00 42.46  ? 135 ARG A CA  1 
ATOM   328  C C   . ARG A 1 48  ? -18.706 -9.705  -21.332 1.00 45.83  ? 135 ARG A C   1 
ATOM   329  O O   . ARG A 1 48  ? -18.255 -10.816 -21.629 1.00 64.33  ? 135 ARG A O   1 
ATOM   330  C CB  . ARG A 1 48  ? -20.930 -10.157 -20.347 1.00 59.69  ? 135 ARG A CB  1 
ATOM   331  C CG  . ARG A 1 48  ? -22.012 -9.806  -19.346 1.00 69.83  ? 135 ARG A CG  1 
ATOM   332  C CD  . ARG A 1 48  ? -23.383 -10.081 -19.951 1.00 76.25  ? 135 ARG A CD  1 
ATOM   333  N NE  . ARG A 1 48  ? -24.320 -8.983  -19.747 1.00 73.77  ? 135 ARG A NE  1 
ATOM   334  C CZ  . ARG A 1 48  ? -25.251 -8.961  -18.804 1.00 91.23  ? 135 ARG A CZ  1 
ATOM   335  N NH1 . ARG A 1 48  ? -25.403 -9.966  -17.959 1.00 91.24  ? 135 ARG A NH1 1 
ATOM   336  N NH2 . ARG A 1 48  ? -26.053 -7.902  -18.710 1.00 80.98  ? 135 ARG A NH2 1 
ATOM   337  N N   . GLY A 1 49  ? -18.488 -8.621  -22.073 1.00 39.05  ? 136 GLY A N   1 
ATOM   338  C CA  . GLY A 1 49  ? -17.792 -8.692  -23.340 1.00 42.10  ? 136 GLY A CA  1 
ATOM   339  C C   . GLY A 1 49  ? -18.743 -8.870  -24.504 1.00 40.31  ? 136 GLY A C   1 
ATOM   340  O O   . GLY A 1 49  ? -19.972 -8.874  -24.367 1.00 35.06  ? 136 GLY A O   1 
ATOM   341  N N   . GLY A 1 50  ? -18.155 -9.024  -25.682 1.00 44.80  ? 137 GLY A N   1 
ATOM   342  C CA  . GLY A 1 50  ? -18.910 -9.211  -26.902 1.00 44.39  ? 137 GLY A CA  1 
ATOM   343  C C   . GLY A 1 50  ? -19.011 -7.934  -27.718 1.00 46.93  ? 137 GLY A C   1 
ATOM   344  O O   . GLY A 1 50  ? -18.661 -6.837  -27.278 1.00 48.77  ? 137 GLY A O   1 
ATOM   345  N N   . LYS A 1 51  ? -19.505 -8.097  -28.942 1.00 48.81  ? 138 LYS A N   1 
ATOM   346  C CA  . LYS A 1 51  ? -19.644 -6.968  -29.848 1.00 46.48  ? 138 LYS A CA  1 
ATOM   347  C C   . LYS A 1 51  ? -20.697 -5.992  -29.336 1.00 42.04  ? 138 LYS A C   1 
ATOM   348  O O   . LYS A 1 51  ? -21.606 -6.358  -28.587 1.00 45.16  ? 138 LYS A O   1 
ATOM   349  C CB  . LYS A 1 51  ? -20.006 -7.456  -31.250 1.00 41.08  ? 138 LYS A CB  1 
ATOM   350  C CG  . LYS A 1 51  ? -21.109 -8.505  -31.275 1.00 57.11  ? 138 LYS A CG  1 
ATOM   351  C CD  . LYS A 1 51  ? -21.485 -8.910  -32.697 1.00 59.92  ? 138 LYS A CD  1 
ATOM   352  C CE  . LYS A 1 51  ? -21.233 -7.787  -33.694 1.00 69.12  ? 138 LYS A CE  1 
ATOM   353  N NZ  . LYS A 1 51  ? -21.885 -8.049  -35.006 1.00 80.00  ? 138 LYS A NZ  1 
ATOM   354  N N   . ASN A 1 52  ? -20.558 -4.730  -29.746 1.00 41.66  ? 139 ASN A N   1 
ATOM   355  C CA  . ASN A 1 52  ? -21.483 -3.661  -29.366 1.00 44.49  ? 139 ASN A CA  1 
ATOM   356  C C   . ASN A 1 52  ? -21.534 -3.460  -27.853 1.00 50.56  ? 139 ASN A C   1 
ATOM   357  O O   . ASN A 1 52  ? -22.571 -3.076  -27.305 1.00 50.93  ? 139 ASN A O   1 
ATOM   358  C CB  . ASN A 1 52  ? -22.893 -3.917  -29.911 1.00 54.65  ? 139 ASN A CB  1 
ATOM   359  C CG  . ASN A 1 52  ? -22.883 -4.557  -31.284 1.00 58.57  ? 139 ASN A CG  1 
ATOM   360  O OD1 . ASN A 1 52  ? -23.491 -5.606  -31.498 1.00 63.31  ? 139 ASN A OD1 1 
ATOM   361  N ND2 . ASN A 1 52  ? -22.200 -3.921  -32.226 1.00 62.80  ? 139 ASN A ND2 1 
ATOM   362  N N   . THR A 1 53  ? -20.427 -3.720  -27.163 1.00 40.09  ? 140 THR A N   1 
ATOM   363  C CA  . THR A 1 53  ? -20.324 -3.486  -25.728 1.00 42.68  ? 140 THR A CA  1 
ATOM   364  C C   . THR A 1 53  ? -19.187 -2.515  -25.462 1.00 43.00  ? 140 THR A C   1 
ATOM   365  O O   . THR A 1 53  ? -18.091 -2.665  -26.014 1.00 47.69  ? 140 THR A O   1 
ATOM   366  C CB  . THR A 1 53  ? -20.087 -4.782  -24.945 1.00 37.22  ? 140 THR A CB  1 
ATOM   367  O OG1 . THR A 1 53  ? -18.767 -5.273  -25.210 1.00 54.59  ? 140 THR A OG1 1 
ATOM   368  C CG2 . THR A 1 53  ? -21.107 -5.837  -25.325 1.00 44.01  ? 140 THR A CG2 1 
ATOM   369  N N   . HIS A 1 54  ? -19.451 -1.521  -24.615 1.00 34.91  ? 141 HIS A N   1 
ATOM   370  C CA  . HIS A 1 54  ? -18.436 -0.557  -24.189 1.00 34.29  ? 141 HIS A CA  1 
ATOM   371  C C   . HIS A 1 54  ? -18.674 -0.294  -22.705 1.00 34.79  ? 141 HIS A C   1 
ATOM   372  O O   . HIS A 1 54  ? -19.428 0.610   -22.336 1.00 36.48  ? 141 HIS A O   1 
ATOM   373  C CB  . HIS A 1 54  ? -18.498 0.724   -25.009 1.00 36.58  ? 141 HIS A CB  1 
ATOM   374  C CG  . HIS A 1 54  ? -17.333 1.637   -24.787 1.00 40.28  ? 141 HIS A CG  1 
ATOM   375  N ND1 . HIS A 1 54  ? -16.675 1.722   -23.580 1.00 35.18  ? 141 HIS A ND1 1 
ATOM   376  C CD2 . HIS A 1 54  ? -16.710 2.505   -25.618 1.00 30.81  ? 141 HIS A CD2 1 
ATOM   377  C CE1 . HIS A 1 54  ? -15.694 2.603   -23.676 1.00 31.37  ? 141 HIS A CE1 1 
ATOM   378  N NE2 . HIS A 1 54  ? -15.695 3.094   -24.903 1.00 40.81  ? 141 HIS A NE2 1 
ATOM   379  N N   . THR A 1 55  ? -18.034 -1.093  -21.858 1.00 31.64  ? 142 THR A N   1 
ATOM   380  C CA  . THR A 1 55  ? -18.106 -0.868  -20.424 1.00 35.59  ? 142 THR A CA  1 
ATOM   381  C C   . THR A 1 55  ? -17.150 0.252   -20.031 1.00 22.73  ? 142 THR A C   1 
ATOM   382  O O   . THR A 1 55  ? -16.071 0.402   -20.609 1.00 40.04  ? 142 THR A O   1 
ATOM   383  C CB  . THR A 1 55  ? -17.786 -2.154  -19.657 1.00 37.18  ? 142 THR A CB  1 
ATOM   384  O OG1 . THR A 1 55  ? -18.137 -1.991  -18.278 1.00 43.90  ? 142 THR A OG1 1 
ATOM   385  C CG2 . THR A 1 55  ? -16.313 -2.517  -19.761 1.00 31.29  ? 142 THR A CG2 1 
ATOM   386  N N   . VAL A 1 56  ? -17.570 1.068   -19.072 1.00 31.22  ? 143 VAL A N   1 
ATOM   387  C CA  . VAL A 1 56  ? -16.754 2.156   -18.554 1.00 27.36  ? 143 VAL A CA  1 
ATOM   388  C C   . VAL A 1 56  ? -16.625 1.951   -17.055 1.00 27.86  ? 143 VAL A C   1 
ATOM   389  O O   . VAL A 1 56  ? -17.581 2.179   -16.303 1.00 30.36  ? 143 VAL A O   1 
ATOM   390  C CB  . VAL A 1 56  ? -17.341 3.534   -18.876 1.00 24.53  ? 143 VAL A CB  1 
ATOM   391  C CG1 . VAL A 1 56  ? -16.574 4.610   -18.129 1.00 35.82  ? 143 VAL A CG1 1 
ATOM   392  C CG2 . VAL A 1 56  ? -17.283 3.787   -20.363 1.00 25.67  ? 143 VAL A CG2 1 
ATOM   393  N N   . VAL A 1 57  ? -15.450 1.514   -16.624 1.00 35.28  ? 144 VAL A N   1 
ATOM   394  C CA  . VAL A 1 57  ? -15.169 1.301   -15.212 1.00 40.93  ? 144 VAL A CA  1 
ATOM   395  C C   . VAL A 1 57  ? -14.541 2.573   -14.659 1.00 31.14  ? 144 VAL A C   1 
ATOM   396  O O   . VAL A 1 57  ? -13.461 2.984   -15.096 1.00 40.71  ? 144 VAL A O   1 
ATOM   397  C CB  . VAL A 1 57  ? -14.248 0.092   -15.010 1.00 33.49  ? 144 VAL A CB  1 
ATOM   398  C CG1 . VAL A 1 57  ? -13.670 0.107   -13.617 1.00 27.35  ? 144 VAL A CG1 1 
ATOM   399  C CG2 . VAL A 1 57  ? -15.008 -1.200  -15.281 1.00 26.66  ? 144 VAL A CG2 1 
ATOM   400  N N   . SER A 1 58  ? -15.220 3.203   -13.708 1.00 34.92  ? 145 SER A N   1 
ATOM   401  C CA  . SER A 1 58  ? -14.770 4.451   -13.116 1.00 32.85  ? 145 SER A CA  1 
ATOM   402  C C   . SER A 1 58  ? -14.243 4.207   -11.710 1.00 36.94  ? 145 SER A C   1 
ATOM   403  O O   . SER A 1 58  ? -14.637 3.252   -11.035 1.00 45.11  ? 145 SER A O   1 
ATOM   404  C CB  . SER A 1 58  ? -15.902 5.480   -13.070 1.00 42.40  ? 145 SER A CB  1 
ATOM   405  O OG  . SER A 1 58  ? -15.507 6.637   -12.353 1.00 48.37  ? 145 SER A OG  1 
ATOM   406  N N   . ALA A 1 59  ? -13.345 5.085   -11.274 1.00 39.21  ? 146 ALA A N   1 
ATOM   407  C CA  . ALA A 1 59  ? -12.798 5.023   -9.928  1.00 32.11  ? 146 ALA A CA  1 
ATOM   408  C C   . ALA A 1 59  ? -12.289 6.405   -9.552  1.00 39.10  ? 146 ALA A C   1 
ATOM   409  O O   . ALA A 1 59  ? -11.774 7.133   -10.405 1.00 31.88  ? 146 ALA A O   1 
ATOM   410  C CB  . ALA A 1 59  ? -11.673 3.988   -9.824  1.00 38.44  ? 146 ALA A CB  1 
ATOM   411  N N   . HIS A 1 60  ? -12.442 6.758   -8.277  1.00 30.42  ? 147 HIS A N   1 
ATOM   412  C CA  . HIS A 1 60  ? -11.982 8.054   -7.800  1.00 32.96  ? 147 HIS A CA  1 
ATOM   413  C C   . HIS A 1 60  ? -10.482 8.204   -8.025  1.00 27.22  ? 147 HIS A C   1 
ATOM   414  O O   . HIS A 1 60  ? -9.717  7.248   -7.876  1.00 35.60  ? 147 HIS A O   1 
ATOM   415  C CB  . HIS A 1 60  ? -12.312 8.221   -6.317  1.00 47.05  ? 147 HIS A CB  1 
ATOM   416  C CG  . HIS A 1 60  ? -12.159 9.624   -5.821  1.00 47.29  ? 147 HIS A CG  1 
ATOM   417  N ND1 . HIS A 1 60  ? -11.242 9.975   -4.853  1.00 53.16  ? 147 HIS A ND1 1 
ATOM   418  C CD2 . HIS A 1 60  ? -12.807 10.764  -6.157  1.00 47.24  ? 147 HIS A CD2 1 
ATOM   419  C CE1 . HIS A 1 60  ? -11.333 11.272  -4.615  1.00 60.95  ? 147 HIS A CE1 1 
ATOM   420  N NE2 . HIS A 1 60  ? -12.276 11.774  -5.393  1.00 57.71  ? 147 HIS A NE2 1 
ATOM   421  N N   . GLY A 1 61  ? -10.066 9.416   -8.395  1.00 37.02  ? 148 GLY A N   1 
ATOM   422  C CA  . GLY A 1 61  ? -8.662  9.652   -8.685  1.00 32.42  ? 148 GLY A CA  1 
ATOM   423  C C   . GLY A 1 61  ? -7.759  9.468   -7.483  1.00 31.74  ? 148 GLY A C   1 
ATOM   424  O O   . GLY A 1 61  ? -6.585  9.121   -7.633  1.00 35.44  ? 148 GLY A O   1 
ATOM   425  N N   . GLY A 1 62  ? -8.283  9.698   -6.285  1.00 34.54  ? 149 GLY A N   1 
ATOM   426  C CA  . GLY A 1 62  ? -7.546  9.486   -5.061  1.00 35.45  ? 149 GLY A CA  1 
ATOM   427  C C   . GLY A 1 62  ? -7.728  8.121   -4.438  1.00 41.31  ? 149 GLY A C   1 
ATOM   428  O O   . GLY A 1 62  ? -7.301  7.913   -3.298  1.00 46.28  ? 149 GLY A O   1 
ATOM   429  N N   . LEU A 1 63  ? -8.355  7.188   -5.146  1.00 39.18  ? 150 LEU A N   1 
ATOM   430  C CA  . LEU A 1 63  ? -8.547  5.840   -4.629  1.00 36.22  ? 150 LEU A CA  1 
ATOM   431  C C   . LEU A 1 63  ? -7.194  5.165   -4.437  1.00 39.47  ? 150 LEU A C   1 
ATOM   432  O O   . LEU A 1 63  ? -6.434  5.033   -5.408  1.00 44.43  ? 150 LEU A O   1 
ATOM   433  C CB  . LEU A 1 63  ? -9.414  5.021   -5.579  1.00 45.60  ? 150 LEU A CB  1 
ATOM   434  C CG  . LEU A 1 63  ? -9.500  3.520   -5.296  1.00 45.57  ? 150 LEU A CG  1 
ATOM   435  C CD1 . LEU A 1 63  ? -10.232 3.262   -3.988  1.00 38.34  ? 150 LEU A CD1 1 
ATOM   436  C CD2 . LEU A 1 63  ? -10.172 2.794   -6.451  1.00 35.21  ? 150 LEU A CD2 1 
ATOM   437  N N   . PRO A 1 64  ? -6.851  4.736   -3.223  1.00 33.71  ? 151 PRO A N   1 
ATOM   438  C CA  . PRO A 1 64  ? -5.529  4.134   -2.988  1.00 38.57  ? 151 PRO A CA  1 
ATOM   439  C C   . PRO A 1 64  ? -5.386  2.814   -3.732  1.00 43.54  ? 151 PRO A C   1 
ATOM   440  O O   . PRO A 1 64  ? -6.136  1.866   -3.493  1.00 42.05  ? 151 PRO A O   1 
ATOM   441  C CB  . PRO A 1 64  ? -5.494  3.935   -1.467  1.00 34.88  ? 151 PRO A CB  1 
ATOM   442  C CG  . PRO A 1 64  ? -6.553  4.847   -0.932  1.00 50.42  ? 151 PRO A CG  1 
ATOM   443  C CD  . PRO A 1 64  ? -7.619  4.886   -1.978  1.00 35.97  ? 151 PRO A CD  1 
ATOM   444  N N   . THR A 1 65  ? -4.419  2.764   -4.646  1.00 40.77  ? 152 THR A N   1 
ATOM   445  C CA  . THR A 1 65  ? -4.079  1.529   -5.341  1.00 34.59  ? 152 THR A CA  1 
ATOM   446  C C   . THR A 1 65  ? -2.971  0.752   -4.646  1.00 44.31  ? 152 THR A C   1 
ATOM   447  O O   . THR A 1 65  ? -2.880  -0.468  -4.824  1.00 61.98  ? 152 THR A O   1 
ATOM   448  C CB  . THR A 1 65  ? -3.649  1.829   -6.780  1.00 48.20  ? 152 THR A CB  1 
ATOM   449  O OG1 . THR A 1 65  ? -2.760  2.952   -6.787  1.00 41.42  ? 152 THR A OG1 1 
ATOM   450  C CG2 . THR A 1 65  ? -4.863  2.141   -7.644  1.00 54.39  ? 152 THR A CG2 1 
ATOM   451  N N   . LYS A 1 66  ? -2.130  1.431   -3.868  1.00 51.90  ? 153 LYS A N   1 
ATOM   452  C CA  . LYS A 1 66  ? -1.084  0.797   -3.081  1.00 47.10  ? 153 LYS A CA  1 
ATOM   453  C C   . LYS A 1 66  ? -0.973  1.526   -1.752  1.00 40.19  ? 153 LYS A C   1 
ATOM   454  O O   . LYS A 1 66  ? -1.041  2.758   -1.704  1.00 40.76  ? 153 LYS A O   1 
ATOM   455  C CB  . LYS A 1 66  ? 0.267   0.817   -3.812  1.00 44.30  ? 153 LYS A CB  1 
ATOM   456  N N   . ARG A 1 67  ? -0.809  0.764   -0.677  1.00 41.55  ? 154 ARG A N   1 
ATOM   457  C CA  . ARG A 1 67  ? -0.739  1.321   0.664   1.00 38.45  ? 154 ARG A CA  1 
ATOM   458  C C   . ARG A 1 67  ? 0.615   1.005   1.288   1.00 37.73  ? 154 ARG A C   1 
ATOM   459  O O   . ARG A 1 67  ? 1.355   0.138   0.816   1.00 34.64  ? 154 ARG A O   1 
ATOM   460  C CB  . ARG A 1 67  ? -1.879  0.786   1.533   1.00 47.12  ? 154 ARG A CB  1 
ATOM   461  C CG  . ARG A 1 67  ? -3.245  1.052   0.930   1.00 38.42  ? 154 ARG A CG  1 
ATOM   462  C CD  . ARG A 1 67  ? -4.347  0.838   1.938   1.00 46.64  ? 154 ARG A CD  1 
ATOM   463  N NE  . ARG A 1 67  ? -5.018  2.091   2.262   1.00 49.50  ? 154 ARG A NE  1 
ATOM   464  C CZ  . ARG A 1 67  ? -6.163  2.485   1.724   1.00 43.85  ? 154 ARG A CZ  1 
ATOM   465  N NH1 . ARG A 1 67  ? -6.788  1.754   0.815   1.00 48.81  ? 154 ARG A NH1 1 
ATOM   466  N NH2 . ARG A 1 67  ? -6.695  3.642   2.109   1.00 40.50  ? 154 ARG A NH2 1 
ATOM   467  N N   . PHE A 1 68  ? 0.927   1.719   2.374   1.00 35.30  ? 155 PHE A N   1 
ATOM   468  C CA  . PHE A 1 68  ? 2.291   1.714   2.894   1.00 36.25  ? 155 PHE A CA  1 
ATOM   469  C C   . PHE A 1 68  ? 2.681   0.359   3.471   1.00 34.36  ? 155 PHE A C   1 
ATOM   470  O O   . PHE A 1 68  ? 3.801   -0.113  3.245   1.00 39.08  ? 155 PHE A O   1 
ATOM   471  C CB  . PHE A 1 68  ? 2.463   2.805   3.947   1.00 30.17  ? 155 PHE A CB  1 
ATOM   472  C CG  . PHE A 1 68  ? 3.887   2.993   4.391   1.00 45.64  ? 155 PHE A CG  1 
ATOM   473  C CD1 . PHE A 1 68  ? 4.818   3.573   3.545   1.00 39.45  ? 155 PHE A CD1 1 
ATOM   474  C CD2 . PHE A 1 68  ? 4.299   2.576   5.646   1.00 40.69  ? 155 PHE A CD2 1 
ATOM   475  C CE1 . PHE A 1 68  ? 6.132   3.743   3.947   1.00 48.64  ? 155 PHE A CE1 1 
ATOM   476  C CE2 . PHE A 1 68  ? 5.612   2.741   6.052   1.00 37.76  ? 155 PHE A CE2 1 
ATOM   477  C CZ  . PHE A 1 68  ? 6.529   3.326   5.202   1.00 39.23  ? 155 PHE A CZ  1 
ATOM   478  N N   . PHE A 1 69  ? 1.786   -0.279  4.229   1.00 31.26  ? 156 PHE A N   1 
ATOM   479  C CA  . PHE A 1 69  ? 2.138   -1.544  4.869   1.00 43.64  ? 156 PHE A CA  1 
ATOM   480  C C   . PHE A 1 69  ? 2.450   -2.618  3.834   1.00 47.12  ? 156 PHE A C   1 
ATOM   481  O O   . PHE A 1 69  ? 3.463   -3.320  3.935   1.00 49.76  ? 156 PHE A O   1 
ATOM   482  C CB  . PHE A 1 69  ? 1.014   -2.009  5.794   1.00 59.60  ? 156 PHE A CB  1 
ATOM   483  C CG  . PHE A 1 69  ? 1.240   -3.376  6.375   1.00 38.76  ? 156 PHE A CG  1 
ATOM   484  C CD1 . PHE A 1 69  ? 2.295   -3.610  7.239   1.00 37.66  ? 156 PHE A CD1 1 
ATOM   485  C CD2 . PHE A 1 69  ? 0.405   -4.430  6.046   1.00 51.94  ? 156 PHE A CD2 1 
ATOM   486  C CE1 . PHE A 1 69  ? 2.510   -4.867  7.772   1.00 36.40  ? 156 PHE A CE1 1 
ATOM   487  C CE2 . PHE A 1 69  ? 0.613   -5.690  6.575   1.00 48.13  ? 156 PHE A CE2 1 
ATOM   488  C CZ  . PHE A 1 69  ? 1.667   -5.908  7.439   1.00 47.26  ? 156 PHE A CZ  1 
ATOM   489  N N   . THR A 1 70  ? 1.585   -2.761  2.827   1.00 52.41  ? 157 THR A N   1 
ATOM   490  C CA  . THR A 1 70  ? 1.853   -3.726  1.767   1.00 52.80  ? 157 THR A CA  1 
ATOM   491  C C   . THR A 1 70  ? 3.084   -3.336  0.959   1.00 53.90  ? 157 THR A C   1 
ATOM   492  O O   . THR A 1 70  ? 3.814   -4.214  0.482   1.00 49.74  ? 157 THR A O   1 
ATOM   493  C CB  . THR A 1 70  ? 0.633   -3.860  0.856   1.00 47.44  ? 157 THR A CB  1 
ATOM   494  O OG1 . THR A 1 70  ? 0.307   -2.581  0.298   1.00 54.55  ? 157 THR A OG1 1 
ATOM   495  C CG2 . THR A 1 70  ? -0.561  -4.380  1.647   1.00 33.17  ? 157 THR A CG2 1 
ATOM   496  N N   . ASP A 1 71  ? 3.337   -2.035  0.804   1.00 43.90  ? 158 ASP A N   1 
ATOM   497  C CA  . ASP A 1 71  ? 4.535   -1.592  0.096   1.00 40.78  ? 158 ASP A CA  1 
ATOM   498  C C   . ASP A 1 71  ? 5.789   -1.887  0.908   1.00 40.64  ? 158 ASP A C   1 
ATOM   499  O O   . ASP A 1 71  ? 6.740   -2.497  0.403   1.00 36.52  ? 158 ASP A O   1 
ATOM   500  C CB  . ASP A 1 71  ? 4.438   -0.098  -0.218  1.00 53.54  ? 158 ASP A CB  1 
ATOM   501  C CG  . ASP A 1 71  ? 3.880   0.175   -1.602  1.00 62.91  ? 158 ASP A CG  1 
ATOM   502  O OD1 . ASP A 1 71  ? 4.156   -0.618  -2.529  1.00 67.07  ? 158 ASP A OD1 1 
ATOM   503  O OD2 . ASP A 1 71  ? 3.167   1.186   -1.763  1.00 67.86  ? 158 ASP A OD2 1 
ATOM   504  N N   . LEU A 1 72  ? 5.806   -1.466  2.176   1.00 38.80  ? 159 LEU A N   1 
ATOM   505  C CA  . LEU A 1 72  ? 6.988   -1.656  3.011   1.00 31.31  ? 159 LEU A CA  1 
ATOM   506  C C   . LEU A 1 72  ? 7.316   -3.131  3.197   1.00 42.60  ? 159 LEU A C   1 
ATOM   507  O O   . LEU A 1 72  ? 8.490   -3.490  3.347   1.00 42.65  ? 159 LEU A O   1 
ATOM   508  C CB  . LEU A 1 72  ? 6.787   -0.982  4.368   1.00 29.92  ? 159 LEU A CB  1 
ATOM   509  C CG  . LEU A 1 72  ? 8.027   -0.879  5.259   1.00 40.62  ? 159 LEU A CG  1 
ATOM   510  C CD1 . LEU A 1 72  ? 9.096   -0.026  4.594   1.00 48.23  ? 159 LEU A CD1 1 
ATOM   511  C CD2 . LEU A 1 72  ? 7.672   -0.328  6.632   1.00 33.66  ? 159 LEU A CD2 1 
ATOM   512  N N   . SER A 1 73  ? 6.300   -3.998  3.184   1.00 38.62  ? 160 SER A N   1 
ATOM   513  C CA  . SER A 1 73  ? 6.541   -5.430  3.316   1.00 47.09  ? 160 SER A CA  1 
ATOM   514  C C   . SER A 1 73  ? 7.308   -5.998  2.130   1.00 50.60  ? 160 SER A C   1 
ATOM   515  O O   . SER A 1 73  ? 7.894   -7.080  2.249   1.00 51.20  ? 160 SER A O   1 
ATOM   516  C CB  . SER A 1 73  ? 5.215   -6.172  3.489   1.00 42.05  ? 160 SER A CB  1 
ATOM   517  O OG  . SER A 1 73  ? 4.506   -5.685  4.614   1.00 40.60  ? 160 SER A OG  1 
ATOM   518  N N   . LYS A 1 74  ? 7.318   -5.300  0.998   1.00 50.45  ? 161 LYS A N   1 
ATOM   519  C CA  . LYS A 1 74  ? 8.082   -5.709  -0.172  1.00 47.32  ? 161 LYS A CA  1 
ATOM   520  C C   . LYS A 1 74  ? 9.523   -5.216  -0.137  1.00 47.68  ? 161 LYS A C   1 
ATOM   521  O O   . LYS A 1 74  ? 10.274  -5.471  -1.083  1.00 56.02  ? 161 LYS A O   1 
ATOM   522  C CB  . LYS A 1 74  ? 7.398   -5.211  -1.452  1.00 33.93  ? 161 LYS A CB  1 
ATOM   523  N N   . LEU A 1 75  ? 9.924   -4.516  0.921   1.00 51.95  ? 162 LEU A N   1 
ATOM   524  C CA  . LEU A 1 75  ? 11.300  -4.057  1.050   1.00 47.74  ? 162 LEU A CA  1 
ATOM   525  C C   . LEU A 1 75  ? 12.178  -5.206  1.528   1.00 50.22  ? 162 LEU A C   1 
ATOM   526  O O   . LEU A 1 75  ? 11.822  -5.917  2.473   1.00 60.67  ? 162 LEU A O   1 
ATOM   527  C CB  . LEU A 1 75  ? 11.383  -2.881  2.024   1.00 42.38  ? 162 LEU A CB  1 
ATOM   528  C CG  . LEU A 1 75  ? 12.526  -1.889  1.804   1.00 34.98  ? 162 LEU A CG  1 
ATOM   529  C CD1 . LEU A 1 75  ? 12.917  -1.828  0.336   1.00 49.10  ? 162 LEU A CD1 1 
ATOM   530  C CD2 . LEU A 1 75  ? 12.149  -0.510  2.319   1.00 39.27  ? 162 LEU A CD2 1 
ATOM   531  N N   . LYS A 1 76  ? 13.320  -5.391  0.873   1.00 55.53  ? 163 LYS A N   1 
ATOM   532  C CA  . LYS A 1 76  ? 14.252  -6.458  1.196   1.00 49.04  ? 163 LYS A CA  1 
ATOM   533  C C   . LYS A 1 76  ? 15.555  -5.877  1.732   1.00 43.35  ? 163 LYS A C   1 
ATOM   534  O O   . LYS A 1 76  ? 15.869  -4.700  1.527   1.00 44.03  ? 163 LYS A O   1 
ATOM   535  C CB  . LYS A 1 76  ? 14.532  -7.330  -0.035  1.00 29.90  ? 163 LYS A CB  1 
ATOM   536  N N   . ARG A 1 77  ? 16.312  -6.719  2.434   1.00 37.24  ? 164 ARG A N   1 
ATOM   537  C CA  . ARG A 1 77  ? 17.601  -6.291  2.957   1.00 37.47  ? 164 ARG A CA  1 
ATOM   538  C C   . ARG A 1 77  ? 18.543  -5.934  1.815   1.00 45.58  ? 164 ARG A C   1 
ATOM   539  O O   . ARG A 1 77  ? 18.466  -6.489  0.717   1.00 45.44  ? 164 ARG A O   1 
ATOM   540  C CB  . ARG A 1 77  ? 18.213  -7.380  3.840   1.00 33.97  ? 164 ARG A CB  1 
ATOM   541  C CG  . ARG A 1 77  ? 17.389  -7.701  5.081   1.00 53.36  ? 164 ARG A CG  1 
ATOM   542  C CD  . ARG A 1 77  ? 17.625  -9.124  5.554   1.00 61.59  ? 164 ARG A CD  1 
ATOM   543  N NE  . ARG A 1 77  ? 16.553  -9.592  6.425   1.00 61.37  ? 164 ARG A NE  1 
ATOM   544  C CZ  . ARG A 1 77  ? 15.395  -10.073 5.991   1.00 83.27  ? 164 ARG A CZ  1 
ATOM   545  N NH1 . ARG A 1 77  ? 15.128  -10.170 4.700   1.00 68.14  ? 164 ARG A NH1 1 
ATOM   546  N NH2 . ARG A 1 77  ? 14.485  -10.468 6.877   1.00 63.58  ? 164 ARG A NH2 1 
ATOM   547  N N   . GLY A 1 78  ? 19.428  -4.977  2.077   1.00 44.46  ? 165 GLY A N   1 
ATOM   548  C CA  . GLY A 1 78  ? 20.293  -4.429  1.060   1.00 34.03  ? 165 GLY A CA  1 
ATOM   549  C C   . GLY A 1 78  ? 19.654  -3.347  0.212   1.00 39.64  ? 165 GLY A C   1 
ATOM   550  O O   . GLY A 1 78  ? 20.373  -2.516  -0.352  1.00 40.55  ? 165 GLY A O   1 
ATOM   551  N N   . GLN A 1 79  ? 18.328  -3.342  0.100   1.00 40.85  ? 166 GLN A N   1 
ATOM   552  C CA  . GLN A 1 79  ? 17.656  -2.256  -0.597  1.00 42.08  ? 166 GLN A CA  1 
ATOM   553  C C   . GLN A 1 79  ? 17.779  -0.966  0.210   1.00 36.02  ? 166 GLN A C   1 
ATOM   554  O O   . GLN A 1 79  ? 17.996  -0.975  1.423   1.00 49.23  ? 166 GLN A O   1 
ATOM   555  C CB  . GLN A 1 79  ? 16.188  -2.600  -0.843  1.00 38.05  ? 166 GLN A CB  1 
ATOM   556  C CG  . GLN A 1 79  ? 15.886  -3.129  -2.238  1.00 44.45  ? 166 GLN A CG  1 
ATOM   557  C CD  . GLN A 1 79  ? 14.788  -4.176  -2.237  1.00 58.91  ? 166 GLN A CD  1 
ATOM   558  O OE1 . GLN A 1 79  ? 13.722  -3.984  -1.648  1.00 58.27  ? 166 GLN A OE1 1 
ATOM   559  N NE2 . GLN A 1 79  ? 15.052  -5.303  -2.885  1.00 65.29  ? 166 GLN A NE2 1 
ATOM   560  N N   . LYS A 1 80  ? 17.647  0.162   -0.480  1.00 44.54  ? 167 LYS A N   1 
ATOM   561  C CA  . LYS A 1 80  ? 17.934  1.459   0.112   1.00 31.71  ? 167 LYS A CA  1 
ATOM   562  C C   . LYS A 1 80  ? 16.693  2.341   0.135   1.00 29.36  ? 167 LYS A C   1 
ATOM   563  O O   . LYS A 1 80  ? 15.879  2.319   -0.793  1.00 40.98  ? 167 LYS A O   1 
ATOM   564  C CB  . LYS A 1 80  ? 19.061  2.164   -0.653  1.00 44.72  ? 167 LYS A CB  1 
ATOM   565  C CG  . LYS A 1 80  ? 20.440  1.541   -0.444  1.00 55.24  ? 167 LYS A CG  1 
ATOM   566  C CD  . LYS A 1 80  ? 21.527  2.311   -1.185  1.00 53.68  ? 167 LYS A CD  1 
ATOM   567  C CE  . LYS A 1 80  ? 22.692  1.402   -1.565  1.00 80.43  ? 167 LYS A CE  1 
ATOM   568  N NZ  . LYS A 1 80  ? 24.001  2.121   -1.551  1.00 49.88  ? 167 LYS A NZ  1 
ATOM   569  N N   . PHE A 1 81  ? 16.557  3.107   1.212   1.00 23.21  ? 168 PHE A N   1 
ATOM   570  C CA  . PHE A 1 81  ? 15.621  4.216   1.305   1.00 33.04  ? 168 PHE A CA  1 
ATOM   571  C C   . PHE A 1 81  ? 16.390  5.426   1.813   1.00 33.73  ? 168 PHE A C   1 
ATOM   572  O O   . PHE A 1 81  ? 17.517  5.308   2.300   1.00 32.61  ? 168 PHE A O   1 
ATOM   573  C CB  . PHE A 1 81  ? 14.437  3.892   2.229   1.00 33.54  ? 168 PHE A CB  1 
ATOM   574  C CG  . PHE A 1 81  ? 14.799  3.846   3.688   1.00 29.72  ? 168 PHE A CG  1 
ATOM   575  C CD1 . PHE A 1 81  ? 15.259  2.672   4.260   1.00 30.75  ? 168 PHE A CD1 1 
ATOM   576  C CD2 . PHE A 1 81  ? 14.673  4.971   4.488   1.00 29.31  ? 168 PHE A CD2 1 
ATOM   577  C CE1 . PHE A 1 81  ? 15.595  2.622   5.600   1.00 29.52  ? 168 PHE A CE1 1 
ATOM   578  C CE2 . PHE A 1 81  ? 15.011  4.928   5.826   1.00 26.90  ? 168 PHE A CE2 1 
ATOM   579  C CZ  . PHE A 1 81  ? 15.470  3.752   6.384   1.00 25.59  ? 168 PHE A CZ  1 
ATOM   580  N N   . PHE A 1 82  ? 15.783  6.602   1.702   1.00 30.46  ? 169 PHE A N   1 
ATOM   581  C CA  . PHE A 1 82  ? 16.448  7.795   2.203   1.00 33.55  ? 169 PHE A CA  1 
ATOM   582  C C   . PHE A 1 82  ? 15.414  8.805   2.670   1.00 36.95  ? 169 PHE A C   1 
ATOM   583  O O   . PHE A 1 82  ? 14.288  8.847   2.170   1.00 43.20  ? 169 PHE A O   1 
ATOM   584  C CB  . PHE A 1 82  ? 17.384  8.413   1.149   1.00 42.89  ? 169 PHE A CB  1 
ATOM   585  C CG  . PHE A 1 82  ? 16.674  9.089   0.010   1.00 44.84  ? 169 PHE A CG  1 
ATOM   586  C CD1 . PHE A 1 82  ? 16.357  8.385   -1.140  1.00 45.03  ? 169 PHE A CD1 1 
ATOM   587  C CD2 . PHE A 1 82  ? 16.358  10.438  0.072   1.00 39.37  ? 169 PHE A CD2 1 
ATOM   588  C CE1 . PHE A 1 82  ? 15.720  9.007   -2.197  1.00 37.34  ? 169 PHE A CE1 1 
ATOM   589  C CE2 . PHE A 1 82  ? 15.717  11.064  -0.978  1.00 38.62  ? 169 PHE A CE2 1 
ATOM   590  C CZ  . PHE A 1 82  ? 15.400  10.348  -2.116  1.00 47.30  ? 169 PHE A CZ  1 
ATOM   591  N N   . LEU A 1 83  ? 15.816  9.614   3.643   1.00 44.79  ? 170 LEU A N   1 
ATOM   592  C CA  . LEU A 1 83  ? 14.989  10.682  4.184   1.00 43.93  ? 170 LEU A CA  1 
ATOM   593  C C   . LEU A 1 83  ? 15.631  12.012  3.820   1.00 43.62  ? 170 LEU A C   1 
ATOM   594  O O   . LEU A 1 83  ? 16.783  12.268  4.187   1.00 64.53  ? 170 LEU A O   1 
ATOM   595  C CB  . LEU A 1 83  ? 14.856  10.560  5.701   1.00 38.05  ? 170 LEU A CB  1 
ATOM   596  C CG  . LEU A 1 83  ? 14.742  9.155   6.292   1.00 25.15  ? 170 LEU A CG  1 
ATOM   597  C CD1 . LEU A 1 83  ? 15.250  9.154   7.723   1.00 31.41  ? 170 LEU A CD1 1 
ATOM   598  C CD2 . LEU A 1 83  ? 13.306  8.662   6.230   1.00 49.59  ? 170 LEU A CD2 1 
ATOM   599  N N   . GLN A 1 84  ? 14.900  12.847  3.092   1.00 47.60  ? 171 GLN A N   1 
ATOM   600  C CA  . GLN A 1 84  ? 15.311  14.229  2.894   1.00 43.93  ? 171 GLN A CA  1 
ATOM   601  C C   . GLN A 1 84  ? 14.738  15.069  4.024   1.00 48.56  ? 171 GLN A C   1 
ATOM   602  O O   . GLN A 1 84  ? 13.533  15.026  4.285   1.00 58.48  ? 171 GLN A O   1 
ATOM   603  C CB  . GLN A 1 84  ? 14.833  14.767  1.549   1.00 53.51  ? 171 GLN A CB  1 
ATOM   604  C CG  . GLN A 1 84  ? 15.537  16.045  1.133   1.00 76.42  ? 171 GLN A CG  1 
ATOM   605  C CD  . GLN A 1 84  ? 15.130  16.506  -0.244  1.00 72.55  ? 171 GLN A CD  1 
ATOM   606  O OE1 . GLN A 1 84  ? 14.379  15.829  -0.943  1.00 97.78  ? 171 GLN A OE1 1 
ATOM   607  N NE2 . GLN A 1 84  ? 15.639  17.658  -0.650  1.00 48.59  ? 171 GLN A NE2 1 
ATOM   608  N N   . VAL A 1 85  ? 15.603  15.820  4.703   1.00 50.57  ? 172 VAL A N   1 
ATOM   609  C CA  . VAL A 1 85  ? 15.215  16.645  5.841   1.00 41.27  ? 172 VAL A CA  1 
ATOM   610  C C   . VAL A 1 85  ? 15.852  18.015  5.657   1.00 57.91  ? 172 VAL A C   1 
ATOM   611  O O   . VAL A 1 85  ? 17.081  18.145  5.722   1.00 74.39  ? 172 VAL A O   1 
ATOM   612  C CB  . VAL A 1 85  ? 15.640  16.026  7.180   1.00 47.16  ? 172 VAL A CB  1 
ATOM   613  C CG1 . VAL A 1 85  ? 15.150  16.880  8.333   1.00 57.13  ? 172 VAL A CG1 1 
ATOM   614  C CG2 . VAL A 1 85  ? 15.116  14.599  7.305   1.00 49.88  ? 172 VAL A CG2 1 
ATOM   615  N N   . ASN A 1 86  ? 15.020  19.034  5.428   1.00 63.13  ? 173 ASN A N   1 
ATOM   616  C CA  . ASN A 1 86  ? 15.470  20.416  5.253   1.00 67.03  ? 173 ASN A CA  1 
ATOM   617  C C   . ASN A 1 86  ? 16.521  20.542  4.154   1.00 68.19  ? 173 ASN A C   1 
ATOM   618  O O   . ASN A 1 86  ? 17.425  21.377  4.240   1.00 72.75  ? 173 ASN A O   1 
ATOM   619  C CB  . ASN A 1 86  ? 15.999  21.002  6.566   1.00 44.39  ? 173 ASN A CB  1 
ATOM   620  N N   . GLY A 1 87  ? 16.415  19.715  3.116   1.00 56.78  ? 174 GLY A N   1 
ATOM   621  C CA  . GLY A 1 87  ? 17.353  19.776  2.011   1.00 51.25  ? 174 GLY A CA  1 
ATOM   622  C C   . GLY A 1 87  ? 18.284  18.584  1.923   1.00 64.44  ? 174 GLY A C   1 
ATOM   623  O O   . GLY A 1 87  ? 18.434  17.988  0.851   1.00 74.19  ? 174 GLY A O   1 
ATOM   624  N N   . LYS A 1 88  ? 18.911  18.222  3.040   1.00 71.43  ? 175 LYS A N   1 
ATOM   625  C CA  . LYS A 1 88  ? 19.896  17.147  3.037   1.00 72.48  ? 175 LYS A CA  1 
ATOM   626  C C   . LYS A 1 88  ? 19.220  15.794  2.854   1.00 60.00  ? 175 LYS A C   1 
ATOM   627  O O   . LYS A 1 88  ? 18.247  15.475  3.544   1.00 76.75  ? 175 LYS A O   1 
ATOM   628  C CB  . LYS A 1 88  ? 20.699  17.163  4.338   1.00 50.27  ? 175 LYS A CB  1 
ATOM   629  N N   . LYS A 1 89  ? 19.740  14.998  1.922   1.00 47.16  ? 176 LYS A N   1 
ATOM   630  C CA  . LYS A 1 89  ? 19.268  13.638  1.694   1.00 47.83  ? 176 LYS A CA  1 
ATOM   631  C C   . LYS A 1 89  ? 20.193  12.661  2.407   1.00 48.07  ? 176 LYS A C   1 
ATOM   632  O O   . LYS A 1 89  ? 21.408  12.674  2.183   1.00 59.31  ? 176 LYS A O   1 
ATOM   633  C CB  . LYS A 1 89  ? 19.214  13.316  0.199   1.00 50.38  ? 176 LYS A CB  1 
ATOM   634  C CG  . LYS A 1 89  ? 18.539  14.378  -0.655  1.00 65.53  ? 176 LYS A CG  1 
ATOM   635  C CD  . LYS A 1 89  ? 18.673  14.048  -2.136  1.00 75.67  ? 176 LYS A CD  1 
ATOM   636  C CE  . LYS A 1 89  ? 17.718  14.866  -2.993  1.00 67.95  ? 176 LYS A CE  1 
ATOM   637  N NZ  . LYS A 1 89  ? 17.480  16.223  -2.430  1.00 69.37  ? 176 LYS A NZ  1 
ATOM   638  N N   . MET A 1 90  ? 19.616  11.818  3.260   1.00 49.38  ? 177 MET A N   1 
ATOM   639  C CA  . MET A 1 90  ? 20.368  10.858  4.064   1.00 36.51  ? 177 MET A CA  1 
ATOM   640  C C   . MET A 1 90  ? 19.939  9.453   3.667   1.00 29.76  ? 177 MET A C   1 
ATOM   641  O O   . MET A 1 90  ? 18.813  9.037   3.958   1.00 32.06  ? 177 MET A O   1 
ATOM   642  C CB  . MET A 1 90  ? 20.142  11.105  5.556   1.00 39.84  ? 177 MET A CB  1 
ATOM   643  C CG  . MET A 1 90  ? 20.462  12.524  5.994   1.00 50.76  ? 177 MET A CG  1 
ATOM   644  S SD  . MET A 1 90  ? 19.393  13.127  7.312   1.00 59.02  ? 177 MET A SD  1 
ATOM   645  C CE  . MET A 1 90  ? 19.077  11.614  8.217   1.00 71.95  ? 177 MET A CE  1 
ATOM   646  N N   . ALA A 1 91  ? 20.837  8.721   3.012   1.00 32.60  ? 178 ALA A N   1 
ATOM   647  C CA  . ALA A 1 91  ? 20.519  7.390   2.518   1.00 35.94  ? 178 ALA A CA  1 
ATOM   648  C C   . ALA A 1 91  ? 20.721  6.339   3.603   1.00 35.47  ? 178 ALA A C   1 
ATOM   649  O O   . ALA A 1 91  ? 21.604  6.455   4.457   1.00 47.21  ? 178 ALA A O   1 
ATOM   650  C CB  . ALA A 1 91  ? 21.377  7.051   1.299   1.00 36.82  ? 178 ALA A CB  1 
ATOM   651  N N   . TYR A 1 92  ? 19.890  5.299   3.558   1.00 31.13  ? 179 TYR A N   1 
ATOM   652  C CA  . TYR A 1 92  ? 19.948  4.215   4.525   1.00 31.66  ? 179 TYR A CA  1 
ATOM   653  C C   . TYR A 1 92  ? 19.727  2.890   3.812   1.00 37.30  ? 179 TYR A C   1 
ATOM   654  O O   . TYR A 1 92  ? 18.915  2.800   2.887   1.00 36.36  ? 179 TYR A O   1 
ATOM   655  C CB  . TYR A 1 92  ? 18.908  4.401   5.636   1.00 27.79  ? 179 TYR A CB  1 
ATOM   656  C CG  . TYR A 1 92  ? 19.226  5.543   6.574   1.00 22.94  ? 179 TYR A CG  1 
ATOM   657  C CD1 . TYR A 1 92  ? 20.015  5.341   7.695   1.00 31.04  ? 179 TYR A CD1 1 
ATOM   658  C CD2 . TYR A 1 92  ? 18.737  6.820   6.338   1.00 25.20  ? 179 TYR A CD2 1 
ATOM   659  C CE1 . TYR A 1 92  ? 20.312  6.378   8.558   1.00 35.89  ? 179 TYR A CE1 1 
ATOM   660  C CE2 . TYR A 1 92  ? 19.028  7.865   7.197   1.00 27.04  ? 179 TYR A CE2 1 
ATOM   661  C CZ  . TYR A 1 92  ? 19.816  7.637   8.305   1.00 29.78  ? 179 TYR A CZ  1 
ATOM   662  O OH  . TYR A 1 92  ? 20.115  8.666   9.168   1.00 43.08  ? 179 TYR A OH  1 
ATOM   663  N N   . GLN A 1 93  ? 20.453  1.865   4.250   1.00 32.55  ? 180 GLN A N   1 
ATOM   664  C CA  . GLN A 1 93  ? 20.424  0.549   3.624   1.00 32.80  ? 180 GLN A CA  1 
ATOM   665  C C   . GLN A 1 93  ? 19.810  -0.453  4.590   1.00 31.84  ? 180 GLN A C   1 
ATOM   666  O O   . GLN A 1 93  ? 20.324  -0.649  5.695   1.00 43.58  ? 180 GLN A O   1 
ATOM   667  C CB  . GLN A 1 93  ? 21.830  0.113   3.215   1.00 39.27  ? 180 GLN A CB  1 
ATOM   668  C CG  . GLN A 1 93  ? 21.865  -0.812  2.016   1.00 46.53  ? 180 GLN A CG  1 
ATOM   669  C CD  . GLN A 1 93  ? 23.245  -1.375  1.763   1.00 52.34  ? 180 GLN A CD  1 
ATOM   670  O OE1 . GLN A 1 93  ? 23.852  -1.119  0.722   1.00 62.12  ? 180 GLN A OE1 1 
ATOM   671  N NE2 . GLN A 1 93  ? 23.754  -2.142  2.720   1.00 50.36  ? 180 GLN A NE2 1 
ATOM   672  N N   . VAL A 1 94  ? 18.724  -1.097  4.161   1.00 38.46  ? 181 VAL A N   1 
ATOM   673  C CA  . VAL A 1 94  ? 17.986  -2.009  5.030   1.00 39.32  ? 181 VAL A CA  1 
ATOM   674  C C   . VAL A 1 94  ? 18.877  -3.181  5.414   1.00 35.55  ? 181 VAL A C   1 
ATOM   675  O O   . VAL A 1 94  ? 19.395  -3.897  4.550   1.00 56.41  ? 181 VAL A O   1 
ATOM   676  C CB  . VAL A 1 94  ? 16.705  -2.488  4.341   1.00 30.12  ? 181 VAL A CB  1 
ATOM   677  C CG1 . VAL A 1 94  ? 15.952  -3.456  5.241   1.00 31.51  ? 181 VAL A CG1 1 
ATOM   678  C CG2 . VAL A 1 94  ? 15.831  -1.302  3.965   1.00 22.88  ? 181 VAL A CG2 1 
ATOM   679  N N   . PHE A 1 95  ? 19.058  -3.382  6.721   1.00 40.38  ? 182 PHE A N   1 
ATOM   680  C CA  . PHE A 1 95  ? 19.767  -4.546  7.234   1.00 39.35  ? 182 PHE A CA  1 
ATOM   681  C C   . PHE A 1 95  ? 19.003  -5.272  8.332   1.00 43.80  ? 182 PHE A C   1 
ATOM   682  O O   . PHE A 1 95  ? 19.528  -6.245  8.887   1.00 50.30  ? 182 PHE A O   1 
ATOM   683  C CB  . PHE A 1 95  ? 21.162  -4.151  7.752   1.00 42.92  ? 182 PHE A CB  1 
ATOM   684  C CG  . PHE A 1 95  ? 21.148  -3.432  9.075   1.00 45.25  ? 182 PHE A CG  1 
ATOM   685  C CD1 . PHE A 1 95  ? 20.893  -2.073  9.138   1.00 42.03  ? 182 PHE A CD1 1 
ATOM   686  C CD2 . PHE A 1 95  ? 21.408  -4.114  10.254  1.00 42.79  ? 182 PHE A CD2 1 
ATOM   687  C CE1 . PHE A 1 95  ? 20.886  -1.411  10.352  1.00 50.67  ? 182 PHE A CE1 1 
ATOM   688  C CE2 . PHE A 1 95  ? 21.400  -3.458  11.470  1.00 34.65  ? 182 PHE A CE2 1 
ATOM   689  C CZ  . PHE A 1 95  ? 21.139  -2.105  11.520  1.00 44.05  ? 182 PHE A CZ  1 
ATOM   690  N N   . ARG A 1 96  ? 17.790  -4.837  8.660   1.00 42.06  ? 183 ARG A N   1 
ATOM   691  C CA  . ARG A 1 96  ? 16.962  -5.511  9.651   1.00 37.05  ? 183 ARG A CA  1 
ATOM   692  C C   . ARG A 1 96  ? 15.510  -5.432  9.213   1.00 40.95  ? 183 ARG A C   1 
ATOM   693  O O   . ARG A 1 96  ? 15.048  -4.368  8.790   1.00 46.61  ? 183 ARG A O   1 
ATOM   694  C CB  . ARG A 1 96  ? 17.120  -4.878  11.037  1.00 36.58  ? 183 ARG A CB  1 
ATOM   695  C CG  . ARG A 1 96  ? 18.368  -5.272  11.789  1.00 33.46  ? 183 ARG A CG  1 
ATOM   696  C CD  . ARG A 1 96  ? 18.196  -4.988  13.272  1.00 35.24  ? 183 ARG A CD  1 
ATOM   697  N NE  . ARG A 1 96  ? 19.467  -5.013  13.983  1.00 59.90  ? 183 ARG A NE  1 
ATOM   698  C CZ  . ARG A 1 96  ? 19.986  -3.975  14.625  1.00 54.18  ? 183 ARG A CZ  1 
ATOM   699  N NH1 . ARG A 1 96  ? 19.367  -2.806  14.664  1.00 54.62  ? 183 ARG A NH1 1 
ATOM   700  N NH2 . ARG A 1 96  ? 21.157  -4.112  15.239  1.00 63.01  ? 183 ARG A NH2 1 
ATOM   701  N N   . ILE A 1 97  ? 14.800  -6.552  9.314   1.00 36.99  ? 184 ILE A N   1 
ATOM   702  C CA  . ILE A 1 97  ? 13.361  -6.602  9.078   1.00 27.81  ? 184 ILE A CA  1 
ATOM   703  C C   . ILE A 1 97  ? 12.760  -7.538  10.114  1.00 33.55  ? 184 ILE A C   1 
ATOM   704  O O   . ILE A 1 97  ? 13.081  -8.732  10.131  1.00 59.62  ? 184 ILE A O   1 
ATOM   705  C CB  . ILE A 1 97  ? 13.005  -7.081  7.660   1.00 47.72  ? 184 ILE A CB  1 
ATOM   706  C CG1 . ILE A 1 97  ? 13.533  -6.102  6.609   1.00 31.05  ? 184 ILE A CG1 1 
ATOM   707  C CG2 . ILE A 1 97  ? 11.495  -7.257  7.527   1.00 30.42  ? 184 ILE A CG2 1 
ATOM   708  C CD1 . ILE A 1 97  ? 13.268  -6.533  5.194   1.00 41.09  ? 184 ILE A CD1 1 
ATOM   709  N N   . LYS A 1 98  ? 11.897  -7.006  10.974  1.00 37.78  ? 185 LYS A N   1 
ATOM   710  C CA  . LYS A 1 98  ? 11.280  -7.795  12.029  1.00 36.74  ? 185 LYS A CA  1 
ATOM   711  C C   . LYS A 1 98  ? 9.822   -7.397  12.173  1.00 36.10  ? 185 LYS A C   1 
ATOM   712  O O   . LYS A 1 98  ? 9.485   -6.211  12.121  1.00 45.76  ? 185 LYS A O   1 
ATOM   713  C CB  . LYS A 1 98  ? 12.004  -7.607  13.370  1.00 30.68  ? 185 LYS A CB  1 
ATOM   714  N N   . THR A 1 99  ? 8.962   -8.395  12.347  1.00 48.27  ? 186 THR A N   1 
ATOM   715  C CA  . THR A 1 99  ? 7.562   -8.178  12.680  1.00 45.19  ? 186 THR A CA  1 
ATOM   716  C C   . THR A 1 99  ? 7.372   -8.509  14.154  1.00 46.82  ? 186 THR A C   1 
ATOM   717  O O   . THR A 1 99  ? 7.626   -9.642  14.578  1.00 58.37  ? 186 THR A O   1 
ATOM   718  C CB  . THR A 1 99  ? 6.642   -9.030  11.806  1.00 54.40  ? 186 THR A CB  1 
ATOM   719  O OG1 . THR A 1 99  ? 6.534   -8.438  10.505  1.00 38.33  ? 186 THR A OG1 1 
ATOM   720  C CG2 . THR A 1 99  ? 5.255   -9.123  12.426  1.00 46.44  ? 186 THR A CG2 1 
ATOM   721  N N   . VAL A 1 100 ? 6.943   -7.520  14.933  1.00 42.50  ? 187 VAL A N   1 
ATOM   722  C CA  . VAL A 1 100 ? 6.842   -7.650  16.378  1.00 48.53  ? 187 VAL A CA  1 
ATOM   723  C C   . VAL A 1 100 ? 5.403   -7.377  16.802  1.00 43.08  ? 187 VAL A C   1 
ATOM   724  O O   . VAL A 1 100 ? 4.588   -6.868  16.035  1.00 49.58  ? 187 VAL A O   1 
ATOM   725  C CB  . VAL A 1 100 ? 7.810   -6.705  17.113  1.00 53.47  ? 187 VAL A CB  1 
ATOM   726  C CG1 . VAL A 1 100 ? 9.241   -6.967  16.677  1.00 45.16  ? 187 VAL A CG1 1 
ATOM   727  C CG2 . VAL A 1 100 ? 7.424   -5.257  16.854  1.00 42.70  ? 187 VAL A CG2 1 
ATOM   728  N N   . ARG A 1 101 ? 5.102   -7.736  18.046  1.00 54.71  ? 188 ARG A N   1 
ATOM   729  C CA  . ARG A 1 101 ? 3.841   -7.340  18.646  1.00 47.42  ? 188 ARG A CA  1 
ATOM   730  C C   . ARG A 1 101 ? 3.831   -5.825  18.854  1.00 53.49  ? 188 ARG A C   1 
ATOM   731  O O   . ARG A 1 101 ? 4.891   -5.203  18.961  1.00 56.65  ? 188 ARG A O   1 
ATOM   732  C CB  . ARG A 1 101 ? 3.635   -8.061  19.977  1.00 72.35  ? 188 ARG A CB  1 
ATOM   733  C CG  . ARG A 1 101 ? 3.912   -9.557  19.923  1.00 64.45  ? 188 ARG A CG  1 
ATOM   734  C CD  . ARG A 1 101 ? 3.071   -10.317 20.939  1.00 73.80  ? 188 ARG A CD  1 
ATOM   735  N NE  . ARG A 1 101 ? 2.675   -11.632 20.448  1.00 96.13  ? 188 ARG A NE  1 
ATOM   736  C CZ  . ARG A 1 101 ? 1.439   -11.960 20.095  1.00 100.17 ? 188 ARG A CZ  1 
ATOM   737  N NH1 . ARG A 1 101 ? 0.446   -11.087 20.164  1.00 89.26  ? 188 ARG A NH1 1 
ATOM   738  N NH2 . ARG A 1 101 ? 1.193   -13.192 19.661  1.00 89.61  ? 188 ARG A NH2 1 
ATOM   739  N N   . PRO A 1 102 ? 2.648   -5.204  18.909  1.00 62.82  ? 189 PRO A N   1 
ATOM   740  C CA  . PRO A 1 102 ? 2.600   -3.736  19.040  1.00 57.57  ? 189 PRO A CA  1 
ATOM   741  C C   . PRO A 1 102 ? 3.284   -3.200  20.289  1.00 56.80  ? 189 PRO A C   1 
ATOM   742  O O   . PRO A 1 102 ? 3.610   -2.007  20.329  1.00 57.52  ? 189 PRO A O   1 
ATOM   743  C CB  . PRO A 1 102 ? 1.094   -3.428  19.053  1.00 46.76  ? 189 PRO A CB  1 
ATOM   744  C CG  . PRO A 1 102 ? 0.425   -4.730  19.360  1.00 55.22  ? 189 PRO A CG  1 
ATOM   745  C CD  . PRO A 1 102 ? 1.302   -5.787  18.776  1.00 58.89  ? 189 PRO A CD  1 
ATOM   746  N N   . ASP A 1 103 ? 3.516   -4.032  21.302  1.00 56.10  ? 190 ASP A N   1 
ATOM   747  C CA  . ASP A 1 103 ? 4.200   -3.591  22.509  1.00 65.64  ? 190 ASP A CA  1 
ATOM   748  C C   . ASP A 1 103 ? 5.704   -3.829  22.467  1.00 69.84  ? 190 ASP A C   1 
ATOM   749  O O   . ASP A 1 103 ? 6.422   -3.303  23.325  1.00 67.59  ? 190 ASP A O   1 
ATOM   750  C CB  . ASP A 1 103 ? 3.610   -4.295  23.737  1.00 44.27  ? 190 ASP A CB  1 
ATOM   751  N N   . GLU A 1 104 ? 6.198   -4.594  21.494  1.00 67.92  ? 191 GLU A N   1 
ATOM   752  C CA  . GLU A 1 104 ? 7.616   -4.956  21.431  1.00 65.66  ? 191 GLU A CA  1 
ATOM   753  C C   . GLU A 1 104 ? 8.399   -3.883  20.671  1.00 62.53  ? 191 GLU A C   1 
ATOM   754  O O   . GLU A 1 104 ? 8.832   -4.058  19.531  1.00 58.61  ? 191 GLU A O   1 
ATOM   755  C CB  . GLU A 1 104 ? 7.786   -6.329  20.798  1.00 53.77  ? 191 GLU A CB  1 
ATOM   756  C CG  . GLU A 1 104 ? 7.724   -7.477  21.789  1.00 67.84  ? 191 GLU A CG  1 
ATOM   757  C CD  . GLU A 1 104 ? 8.166   -8.791  21.178  1.00 95.53  ? 191 GLU A CD  1 
ATOM   758  O OE1 . GLU A 1 104 ? 8.017   -8.952  19.948  1.00 62.35  ? 191 GLU A OE1 1 
ATOM   759  O OE2 . GLU A 1 104 ? 8.664   -9.659  21.927  1.00 104.65 ? 191 GLU A OE2 1 
ATOM   760  N N   . THR A 1 105 ? 8.583   -2.752  21.343  1.00 75.37  ? 192 THR A N   1 
ATOM   761  C CA  . THR A 1 105 ? 9.384   -1.652  20.826  1.00 64.47  ? 192 THR A CA  1 
ATOM   762  C C   . THR A 1 105 ? 10.827  -1.697  21.312  1.00 65.26  ? 192 THR A C   1 
ATOM   763  O O   . THR A 1 105 ? 11.609  -0.804  20.969  1.00 62.04  ? 192 THR A O   1 
ATOM   764  C CB  . THR A 1 105 ? 8.756   -0.311  21.223  1.00 81.95  ? 192 THR A CB  1 
ATOM   765  O OG1 . THR A 1 105 ? 9.283   0.109   22.489  1.00 70.10  ? 192 THR A OG1 1 
ATOM   766  C CG2 . THR A 1 105 ? 7.241   -0.439  21.329  1.00 74.36  ? 192 THR A CG2 1 
ATOM   767  N N   . GLN A 1 106 ? 11.196  -2.724  22.084  1.00 70.13  ? 193 GLN A N   1 
ATOM   768  C CA  . GLN A 1 106 ? 12.475  -2.723  22.789  1.00 62.49  ? 193 GLN A CA  1 
ATOM   769  C C   . GLN A 1 106 ? 13.663  -2.732  21.836  1.00 57.06  ? 193 GLN A C   1 
ATOM   770  O O   . GLN A 1 106 ? 14.733  -2.218  22.181  1.00 66.77  ? 193 GLN A O   1 
ATOM   771  C CB  . GLN A 1 106 ? 12.547  -3.928  23.726  1.00 72.30  ? 193 GLN A CB  1 
ATOM   772  C CG  . GLN A 1 106 ? 11.249  -4.219  24.467  1.00 76.54  ? 193 GLN A CG  1 
ATOM   773  C CD  . GLN A 1 106 ? 10.820  -3.082  25.376  1.00 85.33  ? 193 GLN A CD  1 
ATOM   774  O OE1 . GLN A 1 106 ? 10.042  -2.211  24.981  1.00 84.61  ? 193 GLN A OE1 1 
ATOM   775  N NE2 . GLN A 1 106 ? 11.326  -3.086  26.605  1.00 64.14  ? 193 GLN A NE2 1 
ATOM   776  N N   . SER A 1 107 ? 13.502  -3.303  20.640  1.00 62.73  ? 194 SER A N   1 
ATOM   777  C CA  . SER A 1 107 ? 14.623  -3.451  19.719  1.00 43.31  ? 194 SER A CA  1 
ATOM   778  C C   . SER A 1 107 ? 15.088  -2.130  19.118  1.00 44.30  ? 194 SER A C   1 
ATOM   779  O O   . SER A 1 107 ? 16.155  -2.099  18.497  1.00 58.99  ? 194 SER A O   1 
ATOM   780  C CB  . SER A 1 107 ? 14.253  -4.425  18.598  1.00 64.68  ? 194 SER A CB  1 
ATOM   781  O OG  . SER A 1 107 ? 12.881  -4.320  18.253  1.00 63.98  ? 194 SER A OG  1 
ATOM   782  N N   . LEU A 1 108 ? 14.329  -1.049  19.284  1.00 44.61  ? 195 LEU A N   1 
ATOM   783  C CA  . LEU A 1 108 ? 14.667  0.246   18.699  1.00 41.51  ? 195 LEU A CA  1 
ATOM   784  C C   . LEU A 1 108 ? 15.332  1.108   19.768  1.00 41.61  ? 195 LEU A C   1 
ATOM   785  O O   . LEU A 1 108 ? 14.666  1.593   20.689  1.00 51.49  ? 195 LEU A O   1 
ATOM   786  C CB  . LEU A 1 108 ? 13.424  0.931   18.131  1.00 36.08  ? 195 LEU A CB  1 
ATOM   787  C CG  . LEU A 1 108 ? 13.028  0.628   16.682  1.00 43.58  ? 195 LEU A CG  1 
ATOM   788  C CD1 . LEU A 1 108 ? 13.265  -0.829  16.301  1.00 50.64  ? 195 LEU A CD1 1 
ATOM   789  C CD2 . LEU A 1 108 ? 11.579  1.009   16.445  1.00 43.87  ? 195 LEU A CD2 1 
ATOM   790  N N   . ARG A 1 109 ? 16.643  1.300   19.637  1.00 40.38  ? 196 ARG A N   1 
ATOM   791  C CA  . ARG A 1 109 ? 17.428  1.994   20.645  1.00 40.11  ? 196 ARG A CA  1 
ATOM   792  C C   . ARG A 1 109 ? 18.544  2.766   19.960  1.00 35.79  ? 196 ARG A C   1 
ATOM   793  O O   . ARG A 1 109 ? 18.909  2.481   18.818  1.00 33.14  ? 196 ARG A O   1 
ATOM   794  C CB  . ARG A 1 109 ? 18.010  1.008   21.670  1.00 45.95  ? 196 ARG A CB  1 
ATOM   795  C CG  . ARG A 1 109 ? 18.756  -0.171  21.050  1.00 32.69  ? 196 ARG A CG  1 
ATOM   796  C CD  . ARG A 1 109 ? 18.893  -1.335  22.018  1.00 42.64  ? 196 ARG A CD  1 
ATOM   797  N NE  . ARG A 1 109 ? 19.917  -2.285  21.593  1.00 69.11  ? 196 ARG A NE  1 
ATOM   798  C CZ  . ARG A 1 109 ? 21.223  -2.106  21.755  1.00 69.38  ? 196 ARG A CZ  1 
ATOM   799  N NH1 . ARG A 1 109 ? 21.704  -1.022  22.343  1.00 56.27  ? 196 ARG A NH1 1 
ATOM   800  N NH2 . ARG A 1 109 ? 22.064  -3.038  21.320  1.00 70.06  ? 196 ARG A NH2 1 
ATOM   801  N N   . ILE A 1 110 ? 19.080  3.761   20.663  1.00 59.97  ? 197 ILE A N   1 
ATOM   802  C CA  . ILE A 1 110 ? 20.328  4.382   20.226  1.00 46.02  ? 197 ILE A CA  1 
ATOM   803  C C   . ILE A 1 110 ? 21.416  3.320   20.338  1.00 40.55  ? 197 ILE A C   1 
ATOM   804  O O   . ILE A 1 110 ? 21.751  2.869   21.437  1.00 55.69  ? 197 ILE A O   1 
ATOM   805  C CB  . ILE A 1 110 ? 20.679  5.632   21.049  1.00 43.38  ? 197 ILE A CB  1 
ATOM   806  C CG1 . ILE A 1 110 ? 20.102  6.906   20.426  1.00 39.59  ? 197 ILE A CG1 1 
ATOM   807  C CG2 . ILE A 1 110 ? 22.187  5.829   21.117  1.00 46.56  ? 197 ILE A CG2 1 
ATOM   808  C CD1 . ILE A 1 110 ? 18.692  6.826   19.953  1.00 33.33  ? 197 ILE A CD1 1 
ATOM   809  N N   . GLU A 1 111 ? 21.933  2.879   19.197  1.00 47.16  ? 198 GLU A N   1 
ATOM   810  C CA  . GLU A 1 111 ? 23.039  1.942   19.187  1.00 41.40  ? 198 GLU A CA  1 
ATOM   811  C C   . GLU A 1 111 ? 24.328  2.726   19.047  1.00 45.33  ? 198 GLU A C   1 
ATOM   812  O O   . GLU A 1 111 ? 24.497  3.440   18.045  1.00 52.24  ? 198 GLU A O   1 
ATOM   813  C CB  . GLU A 1 111 ? 22.888  0.944   18.047  1.00 39.59  ? 198 GLU A CB  1 
ATOM   814  C CG  . GLU A 1 111 ? 21.457  0.457   17.858  1.00 43.26  ? 198 GLU A CG  1 
ATOM   815  C CD  . GLU A 1 111 ? 21.373  -0.935  17.259  1.00 46.81  ? 198 GLU A CD  1 
ATOM   816  O OE1 . GLU A 1 111 ? 22.433  -1.551  17.019  1.00 72.10  ? 198 GLU A OE1 1 
ATOM   817  O OE2 . GLU A 1 111 ? 20.243  -1.411  17.018  1.00 50.50  ? 198 GLU A OE2 1 
ATOM   818  N N   . PRO A 1 112 ? 25.244  2.647   20.013  1.00 55.01  ? 199 PRO A N   1 
ATOM   819  C CA  . PRO A 1 112 ? 26.440  3.497   19.973  1.00 51.19  ? 199 PRO A CA  1 
ATOM   820  C C   . PRO A 1 112 ? 27.228  3.308   18.684  1.00 42.86  ? 199 PRO A C   1 
ATOM   821  O O   . PRO A 1 112 ? 27.341  2.199   18.158  1.00 37.70  ? 199 PRO A O   1 
ATOM   822  C CB  . PRO A 1 112 ? 27.241  3.036   21.197  1.00 62.26  ? 199 PRO A CB  1 
ATOM   823  C CG  . PRO A 1 112 ? 26.219  2.430   22.110  1.00 56.73  ? 199 PRO A CG  1 
ATOM   824  C CD  . PRO A 1 112 ? 25.213  1.785   21.207  1.00 51.06  ? 199 PRO A CD  1 
ATOM   825  N N   . GLY A 1 113 ? 27.747  4.420   18.163  1.00 43.15  ? 200 GLY A N   1 
ATOM   826  C CA  . GLY A 1 113 ? 28.553  4.419   16.963  1.00 49.56  ? 200 GLY A CA  1 
ATOM   827  C C   . GLY A 1 113 ? 27.793  4.277   15.663  1.00 53.52  ? 200 GLY A C   1 
ATOM   828  O O   . GLY A 1 113 ? 28.377  4.511   14.596  1.00 56.93  ? 200 GLY A O   1 
ATOM   829  N N   . ARG A 1 114 ? 26.516  3.915   15.704  1.00 38.74  ? 201 ARG A N   1 
ATOM   830  C CA  . ARG A 1 114 ? 25.753  3.648   14.497  1.00 33.88  ? 201 ARG A CA  1 
ATOM   831  C C   . ARG A 1 114 ? 24.839  4.816   14.154  1.00 40.06  ? 201 ARG A C   1 
ATOM   832  O O   . ARG A 1 114 ? 24.431  5.593   15.021  1.00 54.72  ? 201 ARG A O   1 
ATOM   833  C CB  . ARG A 1 114 ? 24.928  2.370   14.648  1.00 26.14  ? 201 ARG A CB  1 
ATOM   834  C CG  . ARG A 1 114 ? 25.663  1.257   15.370  1.00 42.08  ? 201 ARG A CG  1 
ATOM   835  C CD  . ARG A 1 114 ? 25.029  -0.092  15.087  1.00 44.03  ? 201 ARG A CD  1 
ATOM   836  N NE  . ARG A 1 114 ? 25.269  -0.523  13.716  1.00 50.11  ? 201 ARG A NE  1 
ATOM   837  C CZ  . ARG A 1 114 ? 24.723  -1.597  13.164  1.00 59.85  ? 201 ARG A CZ  1 
ATOM   838  N NH1 . ARG A 1 114 ? 23.902  -2.381  13.843  1.00 60.60  ? 201 ARG A NH1 1 
ATOM   839  N NH2 . ARG A 1 114 ? 25.008  -1.892  11.898  1.00 62.63  ? 201 ARG A NH2 1 
ATOM   840  N N   . ASP A 1 115 ? 24.533  4.934   12.864  1.00 50.69  ? 202 ASP A N   1 
ATOM   841  C CA  . ASP A 1 115 ? 23.568  5.896   12.342  1.00 40.38  ? 202 ASP A CA  1 
ATOM   842  C C   . ASP A 1 115 ? 22.447  5.091   11.700  1.00 33.11  ? 202 ASP A C   1 
ATOM   843  O O   . ASP A 1 115 ? 22.618  4.543   10.606  1.00 29.44  ? 202 ASP A O   1 
ATOM   844  C CB  . ASP A 1 115 ? 24.227  6.845   11.340  1.00 38.57  ? 202 ASP A CB  1 
ATOM   845  C CG  . ASP A 1 115 ? 23.270  7.901   10.806  1.00 44.79  ? 202 ASP A CG  1 
ATOM   846  O OD1 . ASP A 1 115 ? 22.096  7.939   11.234  1.00 51.16  ? 202 ASP A OD1 1 
ATOM   847  O OD2 . ASP A 1 115 ? 23.704  8.704   9.953   1.00 48.44  ? 202 ASP A OD2 1 
ATOM   848  N N   . LEU A 1 116 ? 21.308  5.013   12.378  1.00 22.11  ? 203 LEU A N   1 
ATOM   849  C CA  . LEU A 1 116 ? 20.227  4.138   11.963  1.00 36.26  ? 203 LEU A CA  1 
ATOM   850  C C   . LEU A 1 116 ? 18.976  4.937   11.629  1.00 37.81  ? 203 LEU A C   1 
ATOM   851  O O   . LEU A 1 116 ? 18.802  6.082   12.058  1.00 37.97  ? 203 LEU A O   1 
ATOM   852  C CB  . LEU A 1 116 ? 19.900  3.103   13.047  1.00 37.20  ? 203 LEU A CB  1 
ATOM   853  C CG  . LEU A 1 116 ? 21.063  2.235   13.523  1.00 33.14  ? 203 LEU A CG  1 
ATOM   854  C CD1 . LEU A 1 116 ? 20.559  1.168   14.473  1.00 37.90  ? 203 LEU A CD1 1 
ATOM   855  C CD2 . LEU A 1 116 ? 21.777  1.608   12.339  1.00 31.64  ? 203 LEU A CD2 1 
ATOM   856  N N   . ALA A 1 117 ? 18.107  4.302   10.848  1.00 34.56  ? 204 ALA A N   1 
ATOM   857  C CA  . ALA A 1 117 ? 16.797  4.839   10.515  1.00 27.83  ? 204 ALA A CA  1 
ATOM   858  C C   . ALA A 1 117 ? 15.868  3.659   10.293  1.00 26.72  ? 204 ALA A C   1 
ATOM   859  O O   . ALA A 1 117 ? 16.186  2.762   9.507   1.00 30.40  ? 204 ALA A O   1 
ATOM   860  C CB  . ALA A 1 117 ? 16.849  5.729   9.269   1.00 23.29  ? 204 ALA A CB  1 
ATOM   861  N N   . THR A 1 118 ? 14.740  3.652   10.994  1.00 25.02  ? 205 THR A N   1 
ATOM   862  C CA  . THR A 1 118 ? 13.781  2.556   10.920  1.00 27.36  ? 205 THR A CA  1 
ATOM   863  C C   . THR A 1 118 ? 12.476  3.077   10.341  1.00 26.12  ? 205 THR A C   1 
ATOM   864  O O   . THR A 1 118 ? 11.886  4.019   10.881  1.00 33.81  ? 205 THR A O   1 
ATOM   865  C CB  . THR A 1 118 ? 13.549  1.928   12.295  1.00 27.96  ? 205 THR A CB  1 
ATOM   866  O OG1 . THR A 1 118 ? 14.638  1.054   12.605  1.00 47.68  ? 205 THR A OG1 1 
ATOM   867  C CG2 . THR A 1 118 ? 12.254  1.129   12.312  1.00 35.63  ? 205 THR A CG2 1 
ATOM   868  N N   . LEU A 1 119 ? 12.041  2.478   9.238   1.00 28.90  ? 206 LEU A N   1 
ATOM   869  C CA  . LEU A 1 119 ? 10.708  2.714   8.699   1.00 39.54  ? 206 LEU A CA  1 
ATOM   870  C C   . LEU A 1 119 ? 9.758   1.759   9.408   1.00 33.68  ? 206 LEU A C   1 
ATOM   871  O O   . LEU A 1 119 ? 9.815   0.543   9.198   1.00 36.37  ? 206 LEU A O   1 
ATOM   872  C CB  . LEU A 1 119 ? 10.681  2.511   7.186   1.00 27.68  ? 206 LEU A CB  1 
ATOM   873  C CG  . LEU A 1 119 ? 11.692  3.331   6.382   1.00 29.39  ? 206 LEU A CG  1 
ATOM   874  C CD1 . LEU A 1 119 ? 11.540  3.071   4.893   1.00 36.39  ? 206 LEU A CD1 1 
ATOM   875  C CD2 . LEU A 1 119 ? 11.544  4.814   6.689   1.00 35.80  ? 206 LEU A CD2 1 
ATOM   876  N N   . MET A 1 120 ? 8.904   2.301   10.268  1.00 26.26  ? 207 MET A N   1 
ATOM   877  C CA  . MET A 1 120 ? 7.954   1.509   11.028  1.00 32.52  ? 207 MET A CA  1 
ATOM   878  C C   . MET A 1 120 ? 6.540   1.715   10.511  1.00 43.08  ? 207 MET A C   1 
ATOM   879  O O   . MET A 1 120 ? 6.132   2.840   10.208  1.00 47.52  ? 207 MET A O   1 
ATOM   880  C CB  . MET A 1 120 ? 8.010   1.848   12.519  1.00 32.54  ? 207 MET A CB  1 
ATOM   881  C CG  . MET A 1 120 ? 7.240   0.861   13.371  1.00 42.26  ? 207 MET A CG  1 
ATOM   882  S SD  . MET A 1 120 ? 6.382   1.630   14.753  1.00 65.36  ? 207 MET A SD  1 
ATOM   883  C CE  . MET A 1 120 ? 7.777   2.186   15.722  1.00 33.22  ? 207 MET A CE  1 
ATOM   884  N N   . THR A 1 121 ? 5.799   0.616   10.412  1.00 39.82  ? 208 THR A N   1 
ATOM   885  C CA  . THR A 1 121 ? 4.381   0.681   10.113  1.00 30.18  ? 208 THR A CA  1 
ATOM   886  C C   . THR A 1 121 ? 3.691   -0.501  10.773  1.00 29.23  ? 208 THR A C   1 
ATOM   887  O O   . THR A 1 121 ? 4.313   -1.522  11.077  1.00 41.48  ? 208 THR A O   1 
ATOM   888  C CB  . THR A 1 121 ? 4.110   0.692   8.605   1.00 45.26  ? 208 THR A CB  1 
ATOM   889  O OG1 . THR A 1 121 ? 2.777   1.162   8.367   1.00 37.40  ? 208 THR A OG1 1 
ATOM   890  C CG2 . THR A 1 121 ? 4.268   -0.702  8.017   1.00 33.03  ? 208 THR A CG2 1 
ATOM   891  N N   . CYS A 1 122 ? 2.397   -0.339  11.007  1.00 28.35  ? 209 CYS A N   1 
ATOM   892  C CA  . CYS A 1 122 ? 1.568   -1.372  11.598  1.00 39.80  ? 209 CYS A CA  1 
ATOM   893  C C   . CYS A 1 122 ? 0.604   -1.909  10.550  1.00 42.82  ? 209 CYS A C   1 
ATOM   894  O O   . CYS A 1 122 ? 0.285   -1.234  9.568   1.00 57.22  ? 209 CYS A O   1 
ATOM   895  C CB  . CYS A 1 122 ? 0.794   -0.824  12.801  1.00 39.52  ? 209 CYS A CB  1 
ATOM   896  S SG  . CYS A 1 122 ? 0.133   0.843   12.541  1.00 71.95  ? 209 CYS A SG  1 
ATOM   897  N N   . THR A 1 123 ? 0.157   -3.141  10.755  1.00 46.66  ? 210 THR A N   1 
ATOM   898  C CA  . THR A 1 123 ? -0.879  -3.684  9.892   1.00 52.84  ? 210 THR A CA  1 
ATOM   899  C C   . THR A 1 123 ? -2.141  -2.834  10.033  1.00 48.01  ? 210 THR A C   1 
ATOM   900  O O   . THR A 1 123 ? -2.463  -2.379  11.138  1.00 54.60  ? 210 THR A O   1 
ATOM   901  C CB  . THR A 1 123 ? -1.148  -5.153  10.236  1.00 62.22  ? 210 THR A CB  1 
ATOM   902  O OG1 . THR A 1 123 ? -2.138  -5.695  9.351   1.00 82.93  ? 210 THR A OG1 1 
ATOM   903  C CG2 . THR A 1 123 ? -1.599  -5.310  11.673  1.00 56.77  ? 210 THR A CG2 1 
ATOM   904  N N   . PRO A 1 124 ? -2.868  -2.576  8.938   1.00 53.67  ? 211 PRO A N   1 
ATOM   905  C CA  . PRO A 1 124 ? -3.860  -1.488  8.950   1.00 52.86  ? 211 PRO A CA  1 
ATOM   906  C C   . PRO A 1 124 ? -5.116  -1.749  9.774   1.00 52.98  ? 211 PRO A C   1 
ATOM   907  O O   . PRO A 1 124 ? -6.211  -1.336  9.382   1.00 66.91  ? 211 PRO A O   1 
ATOM   908  C CB  . PRO A 1 124 ? -4.205  -1.312  7.465   1.00 59.48  ? 211 PRO A CB  1 
ATOM   909  C CG  . PRO A 1 124 ? -3.871  -2.606  6.826   1.00 71.77  ? 211 PRO A CG  1 
ATOM   910  C CD  . PRO A 1 124 ? -2.782  -3.247  7.629   1.00 64.55  ? 211 PRO A CD  1 
ATOM   911  N N   . TYR A 1 125 ? -4.977  -2.419  10.912  1.00 46.94  ? 212 TYR A N   1 
ATOM   912  C CA  . TYR A 1 125 ? -6.012  -2.440  11.935  1.00 44.81  ? 212 TYR A CA  1 
ATOM   913  C C   . TYR A 1 125 ? -5.365  -2.112  13.274  1.00 50.84  ? 212 TYR A C   1 
ATOM   914  O O   . TYR A 1 125 ? -4.142  -2.007  13.386  1.00 59.84  ? 212 TYR A O   1 
ATOM   915  C CB  . TYR A 1 125 ? -6.759  -3.783  11.977  1.00 45.17  ? 212 TYR A CB  1 
ATOM   916  C CG  . TYR A 1 125 ? -5.886  -5.016  11.969  1.00 50.47  ? 212 TYR A CG  1 
ATOM   917  C CD1 . TYR A 1 125 ? -5.388  -5.546  13.152  1.00 49.34  ? 212 TYR A CD1 1 
ATOM   918  C CD2 . TYR A 1 125 ? -5.577  -5.665  10.780  1.00 57.20  ? 212 TYR A CD2 1 
ATOM   919  C CE1 . TYR A 1 125 ? -4.597  -6.679  13.150  1.00 75.92  ? 212 TYR A CE1 1 
ATOM   920  C CE2 . TYR A 1 125 ? -4.786  -6.799  10.768  1.00 51.31  ? 212 TYR A CE2 1 
ATOM   921  C CZ  . TYR A 1 125 ? -4.299  -7.303  11.956  1.00 64.98  ? 212 TYR A CZ  1 
ATOM   922  O OH  . TYR A 1 125 ? -3.509  -8.430  11.951  1.00 74.36  ? 212 TYR A OH  1 
ATOM   923  N N   . MET A 1 126 ? -6.197  -1.941  14.299  1.00 49.60  ? 213 MET A N   1 
ATOM   924  C CA  . MET A 1 126 ? -5.730  -1.362  15.554  1.00 45.15  ? 213 MET A CA  1 
ATOM   925  C C   . MET A 1 126 ? -5.328  -2.403  16.592  1.00 41.97  ? 213 MET A C   1 
ATOM   926  O O   . MET A 1 126 ? -4.235  -2.320  17.163  1.00 59.19  ? 213 MET A O   1 
ATOM   927  C CB  . MET A 1 126 ? -6.811  -0.446  16.125  1.00 43.84  ? 213 MET A CB  1 
ATOM   928  C CG  . MET A 1 126 ? -6.935  0.868   15.394  1.00 43.13  ? 213 MET A CG  1 
ATOM   929  S SD  . MET A 1 126 ? -7.793  2.064   16.417  1.00 42.74  ? 213 MET A SD  1 
ATOM   930  C CE  . MET A 1 126 ? -9.291  1.145   16.753  1.00 35.22  ? 213 MET A CE  1 
ATOM   931  N N   . ILE A 1 127 ? -6.192  -3.369  16.864  1.00 47.04  ? 214 ILE A N   1 
ATOM   932  C CA  . ILE A 1 127 ? -5.958  -4.345  17.922  1.00 39.99  ? 214 ILE A CA  1 
ATOM   933  C C   . ILE A 1 127 ? -5.217  -5.542  17.348  1.00 41.58  ? 214 ILE A C   1 
ATOM   934  O O   . ILE A 1 127 ? -5.496  -5.983  16.226  1.00 53.11  ? 214 ILE A O   1 
ATOM   935  C CB  . ILE A 1 127 ? -7.285  -4.766  18.577  1.00 43.94  ? 214 ILE A CB  1 
ATOM   936  C CG1 . ILE A 1 127 ? -8.068  -3.528  19.011  1.00 39.67  ? 214 ILE A CG1 1 
ATOM   937  C CG2 . ILE A 1 127 ? -7.037  -5.679  19.766  1.00 49.27  ? 214 ILE A CG2 1 
ATOM   938  C CD1 . ILE A 1 127 ? -9.548  -3.756  19.087  1.00 50.58  ? 214 ILE A CD1 1 
ATOM   939  N N   . ASN A 1 128 ? -4.266  -6.069  18.125  1.00 50.15  ? 215 ASN A N   1 
ATOM   940  C CA  . ASN A 1 128 ? -3.367  -7.134  17.677  1.00 48.35  ? 215 ASN A CA  1 
ATOM   941  C C   . ASN A 1 128 ? -2.591  -6.707  16.437  1.00 55.79  ? 215 ASN A C   1 
ATOM   942  O O   . ASN A 1 128 ? -2.268  -7.526  15.573  1.00 62.10  ? 215 ASN A O   1 
ATOM   943  C CB  . ASN A 1 128 ? -4.126  -8.440  17.418  1.00 57.25  ? 215 ASN A CB  1 
ATOM   944  C CG  . ASN A 1 128 ? -4.876  -8.932  18.644  1.00 72.20  ? 215 ASN A CG  1 
ATOM   945  O OD1 . ASN A 1 128 ? -4.462  -8.687  19.779  1.00 57.33  ? 215 ASN A OD1 1 
ATOM   946  N ND2 . ASN A 1 128 ? -5.984  -9.631  18.420  1.00 64.46  ? 215 ASN A ND2 1 
ATOM   947  N N   . SER A 1 129 ? -2.291  -5.413  16.349  1.00 56.90  ? 216 SER A N   1 
ATOM   948  C CA  . SER A 1 129 ? -1.638  -4.838  15.177  1.00 48.43  ? 216 SER A CA  1 
ATOM   949  C C   . SER A 1 129 ? -0.143  -5.103  15.272  1.00 57.75  ? 216 SER A C   1 
ATOM   950  O O   . SER A 1 129 ? 0.590   -4.373  15.944  1.00 73.35  ? 216 SER A O   1 
ATOM   951  C CB  . SER A 1 129 ? -1.928  -3.345  15.084  1.00 62.06  ? 216 SER A CB  1 
ATOM   952  O OG  . SER A 1 129 ? -1.736  -2.865  13.764  1.00 53.67  ? 216 SER A OG  1 
ATOM   953  N N   . HIS A 1 130 ? 0.315   -6.151  14.597  1.00 45.13  ? 217 HIS A N   1 
ATOM   954  C CA  . HIS A 1 130 ? 1.741   -6.430  14.542  1.00 53.21  ? 217 HIS A CA  1 
ATOM   955  C C   . HIS A 1 130 ? 2.453   -5.369  13.714  1.00 48.73  ? 217 HIS A C   1 
ATOM   956  O O   . HIS A 1 130 ? 1.951   -4.920  12.679  1.00 55.96  ? 217 HIS A O   1 
ATOM   957  C CB  . HIS A 1 130 ? 1.988   -7.821  13.962  1.00 49.60  ? 217 HIS A CB  1 
ATOM   958  C CG  . HIS A 1 130 ? 1.414   -8.924  14.793  1.00 52.64  ? 217 HIS A CG  1 
ATOM   959  N ND1 . HIS A 1 130 ? 0.413   -9.754  14.340  1.00 77.10  ? 217 HIS A ND1 1 
ATOM   960  C CD2 . HIS A 1 130 ? 1.689   -9.319  16.059  1.00 59.94  ? 217 HIS A CD2 1 
ATOM   961  C CE1 . HIS A 1 130 ? 0.101   -10.621 15.288  1.00 83.37  ? 217 HIS A CE1 1 
ATOM   962  N NE2 . HIS A 1 130 ? 0.861   -10.378 16.341  1.00 61.18  ? 217 HIS A NE2 1 
ATOM   963  N N   . ARG A 1 131 ? 3.632   -4.969  14.176  1.00 48.88  ? 218 ARG A N   1 
ATOM   964  C CA  . ARG A 1 131 ? 4.350   -3.836  13.613  1.00 41.43  ? 218 ARG A CA  1 
ATOM   965  C C   . ARG A 1 131 ? 5.512   -4.302  12.747  1.00 33.16  ? 218 ARG A C   1 
ATOM   966  O O   . ARG A 1 131 ? 6.254   -5.217  13.117  1.00 49.37  ? 218 ARG A O   1 
ATOM   967  C CB  . ARG A 1 131 ? 4.856   -2.917  14.724  1.00 34.54  ? 218 ARG A CB  1 
ATOM   968  C CG  . ARG A 1 131 ? 3.803   -1.937  15.210  1.00 49.59  ? 218 ARG A CG  1 
ATOM   969  C CD  . ARG A 1 131 ? 4.349   -0.999  16.285  1.00 62.78  ? 218 ARG A CD  1 
ATOM   970  N NE  . ARG A 1 131 ? 3.557   0.210   16.516  1.00 65.73  ? 218 ARG A NE  1 
ATOM   971  C CZ  . ARG A 1 131 ? 2.238   0.325   16.394  1.00 77.02  ? 218 ARG A CZ  1 
ATOM   972  N NH1 . ARG A 1 131 ? 1.459   -0.720  16.157  1.00 60.39  ? 218 ARG A NH1 1 
ATOM   973  N NH2 . ARG A 1 131 ? 1.678   1.522   16.552  1.00 82.30  ? 218 ARG A NH2 1 
ATOM   974  N N   . LEU A 1 132 ? 5.658   -3.667  11.589  1.00 36.67  ? 219 LEU A N   1 
ATOM   975  C CA  . LEU A 1 132 ? 6.760   -3.939  10.680  1.00 28.98  ? 219 LEU A CA  1 
ATOM   976  C C   . LEU A 1 132 ? 7.895   -2.972  10.984  1.00 36.13  ? 219 LEU A C   1 
ATOM   977  O O   . LEU A 1 132 ? 7.706   -1.751  10.936  1.00 44.14  ? 219 LEU A O   1 
ATOM   978  C CB  . LEU A 1 132 ? 6.312   -3.801  9.226   1.00 39.00  ? 219 LEU A CB  1 
ATOM   979  C CG  . LEU A 1 132 ? 7.387   -4.087  8.179   1.00 40.22  ? 219 LEU A CG  1 
ATOM   980  C CD1 . LEU A 1 132 ? 8.039   -5.441  8.434   1.00 30.44  ? 219 LEU A CD1 1 
ATOM   981  C CD2 . LEU A 1 132 ? 6.791   -4.022  6.787   1.00 42.06  ? 219 LEU A CD2 1 
ATOM   982  N N   . LEU A 1 133 ? 9.065   -3.516  11.299  1.00 28.07  ? 220 LEU A N   1 
ATOM   983  C CA  . LEU A 1 133 ? 10.245  -2.730  11.653  1.00 28.58  ? 220 LEU A CA  1 
ATOM   984  C C   . LEU A 1 133 ? 11.303  -2.956  10.580  1.00 32.96  ? 220 LEU A C   1 
ATOM   985  O O   . LEU A 1 133 ? 11.996  -3.977  10.589  1.00 43.22  ? 220 LEU A O   1 
ATOM   986  C CB  . LEU A 1 133 ? 10.768  -3.118  13.032  1.00 36.77  ? 220 LEU A CB  1 
ATOM   987  C CG  . LEU A 1 133 ? 9.838   -2.816  14.203  1.00 34.92  ? 220 LEU A CG  1 
ATOM   988  C CD1 . LEU A 1 133 ? 10.140  -3.734  15.374  1.00 48.03  ? 220 LEU A CD1 1 
ATOM   989  C CD2 . LEU A 1 133 ? 9.983   -1.366  14.602  1.00 48.59  ? 220 LEU A CD2 1 
ATOM   990  N N   . VAL A 1 134 ? 11.430  -2.003  9.663   1.00 39.91  ? 221 VAL A N   1 
ATOM   991  C CA  . VAL A 1 134 ? 12.428  -2.051  8.601   1.00 34.89  ? 221 VAL A CA  1 
ATOM   992  C C   . VAL A 1 134 ? 13.535  -1.078  8.989   1.00 40.90  ? 221 VAL A C   1 
ATOM   993  O O   . VAL A 1 134 ? 13.394  0.138   8.835   1.00 39.15  ? 221 VAL A O   1 
ATOM   994  C CB  . VAL A 1 134 ? 11.822  -1.712  7.236   1.00 30.50  ? 221 VAL A CB  1 
ATOM   995  C CG1 . VAL A 1 134 ? 12.919  -1.468  6.217   1.00 32.58  ? 221 VAL A CG1 1 
ATOM   996  C CG2 . VAL A 1 134 ? 10.904  -2.832  6.776   1.00 38.14  ? 221 VAL A CG2 1 
ATOM   997  N N   . THR A 1 135 ? 14.643  -1.611  9.494   1.00 40.28  ? 222 THR A N   1 
ATOM   998  C CA  . THR A 1 135 ? 15.760  -0.807  9.968   1.00 39.53  ? 222 THR A CA  1 
ATOM   999  C C   . THR A 1 135 ? 16.845  -0.725  8.902   1.00 41.55  ? 222 THR A C   1 
ATOM   1000 O O   . THR A 1 135 ? 17.116  -1.705  8.200   1.00 42.47  ? 222 THR A O   1 
ATOM   1001 C CB  . THR A 1 135 ? 16.339  -1.393  11.258  1.00 38.68  ? 222 THR A CB  1 
ATOM   1002 O OG1 . THR A 1 135 ? 15.284  -1.594  12.208  1.00 50.06  ? 222 THR A OG1 1 
ATOM   1003 C CG2 . THR A 1 135 ? 17.386  -0.465  11.856  1.00 32.30  ? 222 THR A CG2 1 
ATOM   1004 N N   . GLY A 1 136 ? 17.464  0.444   8.786   1.00 40.57  ? 223 GLY A N   1 
ATOM   1005 C CA  . GLY A 1 136 ? 18.518  0.649   7.815   1.00 26.68  ? 223 GLY A CA  1 
ATOM   1006 C C   . GLY A 1 136 ? 19.727  1.327   8.424   1.00 31.07  ? 223 GLY A C   1 
ATOM   1007 O O   . GLY A 1 136 ? 19.627  2.071   9.399   1.00 38.99  ? 223 GLY A O   1 
ATOM   1008 N N   . LYS A 1 137 ? 20.883  1.053   7.827   1.00 47.12  ? 224 LYS A N   1 
ATOM   1009 C CA  . LYS A 1 137 ? 22.143  1.672   8.210   1.00 35.16  ? 224 LYS A CA  1 
ATOM   1010 C C   . LYS A 1 137 ? 22.504  2.769   7.216   1.00 35.07  ? 224 LYS A C   1 
ATOM   1011 O O   . LYS A 1 137 ? 22.242  2.656   6.016   1.00 38.39  ? 224 LYS A O   1 
ATOM   1012 C CB  . LYS A 1 137 ? 23.266  0.636   8.265   1.00 44.66  ? 224 LYS A CB  1 
ATOM   1013 C CG  . LYS A 1 137 ? 23.240  -0.349  7.105   1.00 46.03  ? 224 LYS A CG  1 
ATOM   1014 C CD  . LYS A 1 137 ? 24.599  -0.984  6.873   1.00 59.41  ? 224 LYS A CD  1 
ATOM   1015 C CE  . LYS A 1 137 ? 24.918  -2.023  7.932   1.00 47.38  ? 224 LYS A CE  1 
ATOM   1016 N NZ  . LYS A 1 137 ? 25.634  -3.184  7.334   1.00 74.53  ? 224 LYS A NZ  1 
ATOM   1017 N N   . ARG A 1 138 ? 23.122  3.831   7.727   1.00 30.77  ? 225 ARG A N   1 
ATOM   1018 C CA  . ARG A 1 138 ? 23.444  4.982   6.894   1.00 34.96  ? 225 ARG A CA  1 
ATOM   1019 C C   . ARG A 1 138 ? 24.466  4.611   5.829   1.00 31.89  ? 225 ARG A C   1 
ATOM   1020 O O   . ARG A 1 138 ? 25.475  3.960   6.117   1.00 51.14  ? 225 ARG A O   1 
ATOM   1021 C CB  . ARG A 1 138 ? 23.970  6.130   7.755   1.00 39.29  ? 225 ARG A CB  1 
ATOM   1022 C CG  . ARG A 1 138 ? 24.319  7.383   6.965   1.00 27.94  ? 225 ARG A CG  1 
ATOM   1023 C CD  . ARG A 1 138 ? 23.103  8.269   6.766   1.00 28.36  ? 225 ARG A CD  1 
ATOM   1024 N NE  . ARG A 1 138 ? 23.430  9.494   6.048   1.00 34.23  ? 225 ARG A NE  1 
ATOM   1025 C CZ  . ARG A 1 138 ? 23.865  10.607  6.623   1.00 41.33  ? 225 ARG A CZ  1 
ATOM   1026 N NH1 . ARG A 1 138 ? 24.041  10.686  7.932   1.00 46.30  ? 225 ARG A NH1 1 
ATOM   1027 N NH2 . ARG A 1 138 ? 24.128  11.669  5.866   1.00 39.07  ? 225 ARG A NH2 1 
ATOM   1028 N N   . VAL A 1 139 ? 24.195  5.022   4.594   1.00 34.44  ? 226 VAL A N   1 
ATOM   1029 C CA  . VAL A 1 139 ? 25.110  4.824   3.471   1.00 36.18  ? 226 VAL A CA  1 
ATOM   1030 C C   . VAL A 1 139 ? 25.181  6.115   2.669   1.00 39.11  ? 226 VAL A C   1 
ATOM   1031 O O   . VAL A 1 139 ? 24.304  6.980   2.780   1.00 39.43  ? 226 VAL A O   1 
ATOM   1032 C CB  . VAL A 1 139 ? 24.665  3.660   2.560   1.00 29.75  ? 226 VAL A CB  1 
ATOM   1033 C CG1 . VAL A 1 139 ? 24.781  2.332   3.292   1.00 29.45  ? 226 VAL A CG1 1 
ATOM   1034 C CG2 . VAL A 1 139 ? 23.249  3.883   2.060   1.00 33.75  ? 226 VAL A CG2 1 
ATOM   1035 N N   . PRO A 1 140 ? 26.236  6.282   1.870   1.00 45.03  ? 227 PRO A N   1 
ATOM   1036 C CA  . PRO A 1 140 ? 26.309  7.462   0.999   1.00 39.36  ? 227 PRO A CA  1 
ATOM   1037 C C   . PRO A 1 140 ? 25.140  7.508   0.026   1.00 44.76  ? 227 PRO A C   1 
ATOM   1038 O O   . PRO A 1 140 ? 24.609  6.478   -0.395  1.00 54.11  ? 227 PRO A O   1 
ATOM   1039 C CB  . PRO A 1 140 ? 27.642  7.279   0.265   1.00 44.02  ? 227 PRO A CB  1 
ATOM   1040 C CG  . PRO A 1 140 ? 28.458  6.431   1.182   1.00 41.51  ? 227 PRO A CG  1 
ATOM   1041 C CD  . PRO A 1 140 ? 27.484  5.497   1.838   1.00 41.57  ? 227 PRO A CD  1 
ATOM   1042 N N   . TYR A 1 141 ? 24.739  8.727   -0.328  1.00 50.15  ? 228 TYR A N   1 
ATOM   1043 C CA  . TYR A 1 141 ? 23.603  8.943   -1.221  1.00 53.20  ? 228 TYR A CA  1 
ATOM   1044 C C   . TYR A 1 141 ? 24.075  8.804   -2.663  1.00 69.32  ? 228 TYR A C   1 
ATOM   1045 O O   . TYR A 1 141 ? 24.720  9.702   -3.208  1.00 68.80  ? 228 TYR A O   1 
ATOM   1046 C CB  . TYR A 1 141 ? 22.980  10.312  -0.973  1.00 52.70  ? 228 TYR A CB  1 
ATOM   1047 C CG  . TYR A 1 141 ? 21.873  10.657  -1.941  1.00 68.25  ? 228 TYR A CG  1 
ATOM   1048 C CD1 . TYR A 1 141 ? 20.684  9.940   -1.951  1.00 76.14  ? 228 TYR A CD1 1 
ATOM   1049 C CD2 . TYR A 1 141 ? 22.018  11.696  -2.850  1.00 54.77  ? 228 TYR A CD2 1 
ATOM   1050 C CE1 . TYR A 1 141 ? 19.668  10.249  -2.837  1.00 74.28  ? 228 TYR A CE1 1 
ATOM   1051 C CE2 . TYR A 1 141 ? 21.010  12.012  -3.741  1.00 73.11  ? 228 TYR A CE2 1 
ATOM   1052 C CZ  . TYR A 1 141 ? 19.837  11.286  -3.730  1.00 79.92  ? 228 TYR A CZ  1 
ATOM   1053 O OH  . TYR A 1 141 ? 18.827  11.598  -4.612  1.00 73.47  ? 228 TYR A OH  1 
ATOM   1054 N N   . THR A 1 142 ? 23.754  7.674   -3.285  1.00 71.30  ? 229 THR A N   1 
ATOM   1055 C CA  . THR A 1 142 ? 24.113  7.412   -4.677  1.00 81.26  ? 229 THR A CA  1 
ATOM   1056 C C   . THR A 1 142 ? 22.891  6.820   -5.373  1.00 92.06  ? 229 THR A C   1 
ATOM   1057 O O   . THR A 1 142 ? 21.760  6.919   -4.884  1.00 93.83  ? 229 THR A O   1 
ATOM   1058 C CB  . THR A 1 142 ? 25.340  6.487   -4.767  1.00 90.87  ? 229 THR A CB  1 
ATOM   1059 O OG1 . THR A 1 142 ? 25.050  5.238   -4.125  1.00 90.91  ? 229 THR A OG1 1 
ATOM   1060 C CG2 . THR A 1 142 ? 26.563  7.124   -4.114  1.00 73.17  ? 229 THR A CG2 1 
ATOM   1061 N N   . GLU A 1 143 ? 23.111  6.203   -6.531  1.00 101.81 ? 230 GLU A N   1 
ATOM   1062 C CA  . GLU A 1 143 ? 22.061  5.470   -7.237  1.00 107.12 ? 230 GLU A CA  1 
ATOM   1063 C C   . GLU A 1 143 ? 22.592  4.140   -7.762  1.00 100.00 ? 230 GLU A C   1 
ATOM   1064 O O   . GLU A 1 143 ? 22.622  3.909   -8.971  1.00 99.35  ? 230 GLU A O   1 
ATOM   1065 C CB  . GLU A 1 143 ? 21.484  6.294   -8.391  1.00 75.55  ? 230 GLU A CB  1 
ATOM   1066 C CG  . GLU A 1 143 ? 20.618  7.465   -7.961  1.00 66.21  ? 230 GLU A CG  1 
ATOM   1067 C CD  . GLU A 1 143 ? 21.386  8.769   -7.916  1.00 88.91  ? 230 GLU A CD  1 
ATOM   1068 O OE1 . GLU A 1 143 ? 22.629  8.732   -8.035  1.00 92.50  ? 230 GLU A OE1 1 
ATOM   1069 O OE2 . GLU A 1 143 ? 20.749  9.832   -7.757  1.00 82.56  ? 230 GLU A OE2 1 
HETATM 1070 O O   . HOH B 2 .   ? 0.526   -2.235  -2.091  1.00 48.86  ? 301 HOH A O   1 
HETATM 1071 O O   . HOH B 2 .   ? 14.698  -9.498  2.211   1.00 44.08  ? 302 HOH A O   1 
HETATM 1072 O O   . HOH B 2 .   ? -8.337  0.496   -1.211  1.00 50.51  ? 303 HOH A O   1 
HETATM 1073 O O   . HOH B 2 .   ? 17.787  4.269   23.263  1.00 30.81  ? 304 HOH A O   1 
# 
loop_
_pdbx_poly_seq_scheme.asym_id 
_pdbx_poly_seq_scheme.entity_id 
_pdbx_poly_seq_scheme.seq_id 
_pdbx_poly_seq_scheme.mon_id 
_pdbx_poly_seq_scheme.ndb_seq_num 
_pdbx_poly_seq_scheme.pdb_seq_num 
_pdbx_poly_seq_scheme.auth_seq_num 
_pdbx_poly_seq_scheme.pdb_mon_id 
_pdbx_poly_seq_scheme.auth_mon_id 
_pdbx_poly_seq_scheme.pdb_strand_id 
_pdbx_poly_seq_scheme.pdb_ins_code 
_pdbx_poly_seq_scheme.hetero 
A 1 1   MET 1   88  ?   ?   ?   A . n 
A 1 2   ASN 2   89  ?   ?   ?   A . n 
A 1 3   GLN 3   90  90  GLN GLN A . n 
A 1 4   ALA 4   91  91  ALA ALA A . n 
A 1 5   TYR 5   92  92  TYR TYR A . n 
A 1 6   VAL 6   93  93  VAL VAL A . n 
A 1 7   LYS 7   94  94  LYS LYS A . n 
A 1 8   ARG 8   95  95  ARG ARG A . n 
A 1 9   HIS 9   96  96  HIS HIS A . n 
A 1 10  LEU 10  97  97  LEU LEU A . n 
A 1 11  ILE 11  98  98  ILE ILE A . n 
A 1 12  GLY 12  99  99  GLY GLY A . n 
A 1 13  ARG 13  100 100 ARG ARG A . n 
A 1 14  VAL 14  101 101 VAL VAL A . n 
A 1 15  VAL 15  102 102 VAL VAL A . n 
A 1 16  ILE 16  103 103 ILE ILE A . n 
A 1 17  PRO 17  104 104 PRO PRO A . n 
A 1 18  LYS 18  105 105 LYS LYS A . n 
A 1 19  LEU 19  106 106 LEU LEU A . n 
A 1 20  ALA 20  107 107 ALA ALA A . n 
A 1 21  VAL 21  108 108 VAL VAL A . n 
A 1 22  ASP 22  109 109 ASP ASP A . n 
A 1 23  LEU 23  110 110 LEU LEU A . n 
A 1 24  PRO 24  111 111 PRO PRO A . n 
A 1 25  LEU 25  112 112 LEU LEU A . n 
A 1 26  PHE 26  113 113 PHE PHE A . n 
A 1 27  ASP 27  114 114 ASP ASP A . n 
A 1 28  THR 28  115 115 THR THR A . n 
A 1 29  THR 29  116 116 THR THR A . n 
A 1 30  ASN 30  117 117 ASN ASN A . n 
A 1 31  ASN 31  118 118 ASN ASN A . n 
A 1 32  THR 32  119 119 THR THR A . n 
A 1 33  LEU 33  120 120 LEU LEU A . n 
A 1 34  LEU 34  121 121 LEU LEU A . n 
A 1 35  ASP 35  122 122 ASP ASP A . n 
A 1 36  GLN 36  123 123 GLN GLN A . n 
A 1 37  GLY 37  124 124 GLY GLY A . n 
A 1 38  ALA 38  125 125 ALA ALA A . n 
A 1 39  VAL 39  126 126 VAL VAL A . n 
A 1 40  VAL 40  127 127 VAL VAL A . n 
A 1 41  LEU 41  128 128 LEU LEU A . n 
A 1 42  PRO 42  129 129 PRO PRO A . n 
A 1 43  GLY 43  130 130 GLY GLY A . n 
A 1 44  THR 44  131 131 THR THR A . n 
A 1 45  SER 45  132 132 SER SER A . n 
A 1 46  TYR 46  133 133 TYR TYR A . n 
A 1 47  PRO 47  134 134 PRO PRO A . n 
A 1 48  ARG 48  135 135 ARG ARG A . n 
A 1 49  GLY 49  136 136 GLY GLY A . n 
A 1 50  GLY 50  137 137 GLY GLY A . n 
A 1 51  LYS 51  138 138 LYS LYS A . n 
A 1 52  ASN 52  139 139 ASN ASN A . n 
A 1 53  THR 53  140 140 THR THR A . n 
A 1 54  HIS 54  141 141 HIS HIS A . n 
A 1 55  THR 55  142 142 THR THR A . n 
A 1 56  VAL 56  143 143 VAL VAL A . n 
A 1 57  VAL 57  144 144 VAL VAL A . n 
A 1 58  SER 58  145 145 SER SER A . n 
A 1 59  ALA 59  146 146 ALA ALA A . n 
A 1 60  HIS 60  147 147 HIS HIS A . n 
A 1 61  GLY 61  148 148 GLY GLY A . n 
A 1 62  GLY 62  149 149 GLY GLY A . n 
A 1 63  LEU 63  150 150 LEU LEU A . n 
A 1 64  PRO 64  151 151 PRO PRO A . n 
A 1 65  THR 65  152 152 THR THR A . n 
A 1 66  LYS 66  153 153 LYS LYS A . n 
A 1 67  ARG 67  154 154 ARG ARG A . n 
A 1 68  PHE 68  155 155 PHE PHE A . n 
A 1 69  PHE 69  156 156 PHE PHE A . n 
A 1 70  THR 70  157 157 THR THR A . n 
A 1 71  ASP 71  158 158 ASP ASP A . n 
A 1 72  LEU 72  159 159 LEU LEU A . n 
A 1 73  SER 73  160 160 SER SER A . n 
A 1 74  LYS 74  161 161 LYS LYS A . n 
A 1 75  LEU 75  162 162 LEU LEU A . n 
A 1 76  LYS 76  163 163 LYS LYS A . n 
A 1 77  ARG 77  164 164 ARG ARG A . n 
A 1 78  GLY 78  165 165 GLY GLY A . n 
A 1 79  GLN 79  166 166 GLN GLN A . n 
A 1 80  LYS 80  167 167 LYS LYS A . n 
A 1 81  PHE 81  168 168 PHE PHE A . n 
A 1 82  PHE 82  169 169 PHE PHE A . n 
A 1 83  LEU 83  170 170 LEU LEU A . n 
A 1 84  GLN 84  171 171 GLN GLN A . n 
A 1 85  VAL 85  172 172 VAL VAL A . n 
A 1 86  ASN 86  173 173 ASN ASN A . n 
A 1 87  GLY 87  174 174 GLY GLY A . n 
A 1 88  LYS 88  175 175 LYS LYS A . n 
A 1 89  LYS 89  176 176 LYS LYS A . n 
A 1 90  MET 90  177 177 MET MET A . n 
A 1 91  ALA 91  178 178 ALA ALA A . n 
A 1 92  TYR 92  179 179 TYR TYR A . n 
A 1 93  GLN 93  180 180 GLN GLN A . n 
A 1 94  VAL 94  181 181 VAL VAL A . n 
A 1 95  PHE 95  182 182 PHE PHE A . n 
A 1 96  ARG 96  183 183 ARG ARG A . n 
A 1 97  ILE 97  184 184 ILE ILE A . n 
A 1 98  LYS 98  185 185 LYS LYS A . n 
A 1 99  THR 99  186 186 THR THR A . n 
A 1 100 VAL 100 187 187 VAL VAL A . n 
A 1 101 ARG 101 188 188 ARG ARG A . n 
A 1 102 PRO 102 189 189 PRO PRO A . n 
A 1 103 ASP 103 190 190 ASP ASP A . n 
A 1 104 GLU 104 191 191 GLU GLU A . n 
A 1 105 THR 105 192 192 THR THR A . n 
A 1 106 GLN 106 193 193 GLN GLN A . n 
A 1 107 SER 107 194 194 SER SER A . n 
A 1 108 LEU 108 195 195 LEU LEU A . n 
A 1 109 ARG 109 196 196 ARG ARG A . n 
A 1 110 ILE 110 197 197 ILE ILE A . n 
A 1 111 GLU 111 198 198 GLU GLU A . n 
A 1 112 PRO 112 199 199 PRO PRO A . n 
A 1 113 GLY 113 200 200 GLY GLY A . n 
A 1 114 ARG 114 201 201 ARG ARG A . n 
A 1 115 ASP 115 202 202 ASP ASP A . n 
A 1 116 LEU 116 203 203 LEU LEU A . n 
A 1 117 ALA 117 204 204 ALA ALA A . n 
A 1 118 THR 118 205 205 THR THR A . n 
A 1 119 LEU 119 206 206 LEU LEU A . n 
A 1 120 MET 120 207 207 MET MET A . n 
A 1 121 THR 121 208 208 THR THR A . n 
A 1 122 CYS 122 209 209 CYS CYS A . n 
A 1 123 THR 123 210 210 THR THR A . n 
A 1 124 PRO 124 211 211 PRO PRO A . n 
A 1 125 TYR 125 212 212 TYR TYR A . n 
A 1 126 MET 126 213 213 MET MET A . n 
A 1 127 ILE 127 214 214 ILE ILE A . n 
A 1 128 ASN 128 215 215 ASN ASN A . n 
A 1 129 SER 129 216 216 SER SER A . n 
A 1 130 HIS 130 217 217 HIS HIS A . n 
A 1 131 ARG 131 218 218 ARG ARG A . n 
A 1 132 LEU 132 219 219 LEU LEU A . n 
A 1 133 LEU 133 220 220 LEU LEU A . n 
A 1 134 VAL 134 221 221 VAL VAL A . n 
A 1 135 THR 135 222 222 THR THR A . n 
A 1 136 GLY 136 223 223 GLY GLY A . n 
A 1 137 LYS 137 224 224 LYS LYS A . n 
A 1 138 ARG 138 225 225 ARG ARG A . n 
A 1 139 VAL 139 226 226 VAL VAL A . n 
A 1 140 PRO 140 227 227 PRO PRO A . n 
A 1 141 TYR 141 228 228 TYR TYR A . n 
A 1 142 THR 142 229 229 THR THR A . n 
A 1 143 GLU 143 230 230 GLU GLU A . n 
A 1 144 SER 144 231 ?   ?   ?   A . n 
A 1 145 LEU 145 232 ?   ?   ?   A . n 
A 1 146 GLU 146 233 ?   ?   ?   A . n 
A 1 147 HIS 147 234 ?   ?   ?   A . n 
A 1 148 HIS 148 235 ?   ?   ?   A . n 
A 1 149 HIS 149 236 ?   ?   ?   A . n 
A 1 150 HIS 150 237 ?   ?   ?   A . n 
A 1 151 HIS 151 238 ?   ?   ?   A . n 
A 1 152 HIS 152 239 ?   ?   ?   A . n 
# 
_pdbx_contact_author.id                 2 
_pdbx_contact_author.email              kvengadesan@rcb.res.in 
_pdbx_contact_author.name_first         Vengadesan 
_pdbx_contact_author.name_last          Krishnan 
_pdbx_contact_author.name_mi            ? 
_pdbx_contact_author.role               'principal investigator/group leader' 
_pdbx_contact_author.identifier_ORCID   0000-0002-8083-0121 
# 
loop_
_pdbx_nonpoly_scheme.asym_id 
_pdbx_nonpoly_scheme.entity_id 
_pdbx_nonpoly_scheme.mon_id 
_pdbx_nonpoly_scheme.ndb_seq_num 
_pdbx_nonpoly_scheme.pdb_seq_num 
_pdbx_nonpoly_scheme.auth_seq_num 
_pdbx_nonpoly_scheme.pdb_mon_id 
_pdbx_nonpoly_scheme.auth_mon_id 
_pdbx_nonpoly_scheme.pdb_strand_id 
_pdbx_nonpoly_scheme.pdb_ins_code 
B 2 HOH 1 301 4 HOH HOH A . 
B 2 HOH 2 302 1 HOH HOH A . 
B 2 HOH 3 303 3 HOH HOH A . 
B 2 HOH 4 304 2 HOH HOH A . 
# 
_pdbx_struct_assembly.id                   1 
_pdbx_struct_assembly.details              author_defined_assembly 
_pdbx_struct_assembly.method_details       ? 
_pdbx_struct_assembly.oligomeric_details   monomeric 
_pdbx_struct_assembly.oligomeric_count     1 
# 
_pdbx_struct_assembly_gen.assembly_id       1 
_pdbx_struct_assembly_gen.oper_expression   1 
_pdbx_struct_assembly_gen.asym_id_list      A,B 
# 
_pdbx_struct_oper_list.id                   1 
_pdbx_struct_oper_list.type                 'identity operation' 
_pdbx_struct_oper_list.name                 1_555 
_pdbx_struct_oper_list.symmetry_operation   x,y,z 
_pdbx_struct_oper_list.matrix[1][1]         1.0000000000 
_pdbx_struct_oper_list.matrix[1][2]         0.0000000000 
_pdbx_struct_oper_list.matrix[1][3]         0.0000000000 
_pdbx_struct_oper_list.vector[1]            0.0000000000 
_pdbx_struct_oper_list.matrix[2][1]         0.0000000000 
_pdbx_struct_oper_list.matrix[2][2]         1.0000000000 
_pdbx_struct_oper_list.matrix[2][3]         0.0000000000 
_pdbx_struct_oper_list.vector[2]            0.0000000000 
_pdbx_struct_oper_list.matrix[3][1]         0.0000000000 
_pdbx_struct_oper_list.matrix[3][2]         0.0000000000 
_pdbx_struct_oper_list.matrix[3][3]         1.0000000000 
_pdbx_struct_oper_list.vector[3]            0.0000000000 
# 
_pdbx_audit_revision_history.ordinal             1 
_pdbx_audit_revision_history.data_content_type   'Structure model' 
_pdbx_audit_revision_history.major_revision      1 
_pdbx_audit_revision_history.minor_revision      0 
_pdbx_audit_revision_history.revision_date       2023-08-30 
# 
_pdbx_audit_revision_details.ordinal             1 
_pdbx_audit_revision_details.revision_ordinal    1 
_pdbx_audit_revision_details.data_content_type   'Structure model' 
_pdbx_audit_revision_details.provider            repository 
_pdbx_audit_revision_details.type                'Initial release' 
_pdbx_audit_revision_details.description         ? 
_pdbx_audit_revision_details.details             ? 
# 
loop_
_software.citation_id 
_software.classification 
_software.compiler_name 
_software.compiler_version 
_software.contact_author 
_software.contact_author_email 
_software.date 
_software.description 
_software.dependencies 
_software.hardware 
_software.language 
_software.location 
_software.mods 
_software.name 
_software.os 
_software.os_version 
_software.type 
_software.version 
_software.pdbx_ordinal 
? refinement       ? ? ? ? ? ? ? ? ? ? ? PHENIX    ? ? ? '(1.20.1_4487: ???)' 1 
? 'data reduction' ? ? ? ? ? ? ? ? ? ? ? XDS       ? ? ? .                    2 
? 'data scaling'   ? ? ? ? ? ? ? ? ? ? ? STARANISO ? ? ? .                    3 
? phasing          ? ? ? ? ? ? ? ? ? ? ? PHASER    ? ? ? .                    4 
# 
_pdbx_validate_torsion.id              1 
_pdbx_validate_torsion.PDB_model_num   1 
_pdbx_validate_torsion.auth_comp_id    PRO 
_pdbx_validate_torsion.auth_asym_id    A 
_pdbx_validate_torsion.auth_seq_id     211 
_pdbx_validate_torsion.PDB_ins_code    ? 
_pdbx_validate_torsion.label_alt_id    ? 
_pdbx_validate_torsion.phi             -71.75 
_pdbx_validate_torsion.psi             37.15 
# 
loop_
_pdbx_unobs_or_zero_occ_atoms.id 
_pdbx_unobs_or_zero_occ_atoms.PDB_model_num 
_pdbx_unobs_or_zero_occ_atoms.polymer_flag 
_pdbx_unobs_or_zero_occ_atoms.occupancy_flag 
_pdbx_unobs_or_zero_occ_atoms.auth_asym_id 
_pdbx_unobs_or_zero_occ_atoms.auth_comp_id 
_pdbx_unobs_or_zero_occ_atoms.auth_seq_id 
_pdbx_unobs_or_zero_occ_atoms.PDB_ins_code 
_pdbx_unobs_or_zero_occ_atoms.auth_atom_id 
_pdbx_unobs_or_zero_occ_atoms.label_alt_id 
_pdbx_unobs_or_zero_occ_atoms.label_asym_id 
_pdbx_unobs_or_zero_occ_atoms.label_comp_id 
_pdbx_unobs_or_zero_occ_atoms.label_seq_id 
_pdbx_unobs_or_zero_occ_atoms.label_atom_id 
1  1 Y 1 A GLN 90  ? CG  ? A GLN 3   CG  
2  1 Y 1 A GLN 90  ? CD  ? A GLN 3   CD  
3  1 Y 1 A GLN 90  ? OE1 ? A GLN 3   OE1 
4  1 Y 1 A GLN 90  ? NE2 ? A GLN 3   NE2 
5  1 Y 1 A LYS 94  ? CG  ? A LYS 7   CG  
6  1 Y 1 A LYS 94  ? CD  ? A LYS 7   CD  
7  1 Y 1 A LYS 94  ? CE  ? A LYS 7   CE  
8  1 Y 1 A LYS 94  ? NZ  ? A LYS 7   NZ  
9  1 Y 1 A ARG 95  ? CG  ? A ARG 8   CG  
10 1 Y 1 A ARG 95  ? CD  ? A ARG 8   CD  
11 1 Y 1 A ARG 95  ? NE  ? A ARG 8   NE  
12 1 Y 1 A ARG 95  ? CZ  ? A ARG 8   CZ  
13 1 Y 1 A ARG 95  ? NH1 ? A ARG 8   NH1 
14 1 Y 1 A ARG 95  ? NH2 ? A ARG 8   NH2 
15 1 Y 1 A LYS 105 ? CG  ? A LYS 18  CG  
16 1 Y 1 A LYS 105 ? CD  ? A LYS 18  CD  
17 1 Y 1 A LYS 105 ? CE  ? A LYS 18  CE  
18 1 Y 1 A LYS 105 ? NZ  ? A LYS 18  NZ  
19 1 Y 1 A ASP 114 ? CG  ? A ASP 27  CG  
20 1 Y 1 A ASP 114 ? OD1 ? A ASP 27  OD1 
21 1 Y 1 A ASP 114 ? OD2 ? A ASP 27  OD2 
22 1 Y 1 A LYS 153 ? CG  ? A LYS 66  CG  
23 1 Y 1 A LYS 153 ? CD  ? A LYS 66  CD  
24 1 Y 1 A LYS 153 ? CE  ? A LYS 66  CE  
25 1 Y 1 A LYS 153 ? NZ  ? A LYS 66  NZ  
26 1 Y 1 A LYS 161 ? CG  ? A LYS 74  CG  
27 1 Y 1 A LYS 161 ? CD  ? A LYS 74  CD  
28 1 Y 1 A LYS 161 ? CE  ? A LYS 74  CE  
29 1 Y 1 A LYS 161 ? NZ  ? A LYS 74  NZ  
30 1 Y 1 A LYS 163 ? CG  ? A LYS 76  CG  
31 1 Y 1 A LYS 163 ? CD  ? A LYS 76  CD  
32 1 Y 1 A LYS 163 ? CE  ? A LYS 76  CE  
33 1 Y 1 A LYS 163 ? NZ  ? A LYS 76  NZ  
34 1 Y 1 A ASN 173 ? CG  ? A ASN 86  CG  
35 1 Y 1 A ASN 173 ? OD1 ? A ASN 86  OD1 
36 1 Y 1 A ASN 173 ? ND2 ? A ASN 86  ND2 
37 1 Y 1 A LYS 175 ? CG  ? A LYS 88  CG  
38 1 Y 1 A LYS 175 ? CD  ? A LYS 88  CD  
39 1 Y 1 A LYS 175 ? CE  ? A LYS 88  CE  
40 1 Y 1 A LYS 175 ? NZ  ? A LYS 88  NZ  
41 1 Y 1 A LYS 185 ? CG  ? A LYS 98  CG  
42 1 Y 1 A LYS 185 ? CD  ? A LYS 98  CD  
43 1 Y 1 A LYS 185 ? CE  ? A LYS 98  CE  
44 1 Y 1 A LYS 185 ? NZ  ? A LYS 98  NZ  
45 1 Y 1 A ASP 190 ? CG  ? A ASP 103 CG  
46 1 Y 1 A ASP 190 ? OD1 ? A ASP 103 OD1 
47 1 Y 1 A ASP 190 ? OD2 ? A ASP 103 OD2 
# 
loop_
_pdbx_unobs_or_zero_occ_residues.id 
_pdbx_unobs_or_zero_occ_residues.PDB_model_num 
_pdbx_unobs_or_zero_occ_residues.polymer_flag 
_pdbx_unobs_or_zero_occ_residues.occupancy_flag 
_pdbx_unobs_or_zero_occ_residues.auth_asym_id 
_pdbx_unobs_or_zero_occ_residues.auth_comp_id 
_pdbx_unobs_or_zero_occ_residues.auth_seq_id 
_pdbx_unobs_or_zero_occ_residues.PDB_ins_code 
_pdbx_unobs_or_zero_occ_residues.label_asym_id 
_pdbx_unobs_or_zero_occ_residues.label_comp_id 
_pdbx_unobs_or_zero_occ_residues.label_seq_id 
1  1 Y 1 A MET 88  ? A MET 1   
2  1 Y 1 A ASN 89  ? A ASN 2   
3  1 Y 1 A SER 231 ? A SER 144 
4  1 Y 1 A LEU 232 ? A LEU 145 
5  1 Y 1 A GLU 233 ? A GLU 146 
6  1 Y 1 A HIS 234 ? A HIS 147 
7  1 Y 1 A HIS 235 ? A HIS 148 
8  1 Y 1 A HIS 236 ? A HIS 149 
9  1 Y 1 A HIS 237 ? A HIS 150 
10 1 Y 1 A HIS 238 ? A HIS 151 
11 1 Y 1 A HIS 239 ? A HIS 152 
# 
loop_
_chem_comp_atom.comp_id 
_chem_comp_atom.atom_id 
_chem_comp_atom.type_symbol 
_chem_comp_atom.pdbx_aromatic_flag 
_chem_comp_atom.pdbx_stereo_config 
_chem_comp_atom.pdbx_ordinal 
ALA N    N N N 1   
ALA CA   C N S 2   
ALA C    C N N 3   
ALA O    O N N 4   
ALA CB   C N N 5   
ALA OXT  O N N 6   
ALA H    H N N 7   
ALA H2   H N N 8   
ALA HA   H N N 9   
ALA HB1  H N N 10  
ALA HB2  H N N 11  
ALA HB3  H N N 12  
ALA HXT  H N N 13  
ARG N    N N N 14  
ARG CA   C N S 15  
ARG C    C N N 16  
ARG O    O N N 17  
ARG CB   C N N 18  
ARG CG   C N N 19  
ARG CD   C N N 20  
ARG NE   N N N 21  
ARG CZ   C N N 22  
ARG NH1  N N N 23  
ARG NH2  N N N 24  
ARG OXT  O N N 25  
ARG H    H N N 26  
ARG H2   H N N 27  
ARG HA   H N N 28  
ARG HB2  H N N 29  
ARG HB3  H N N 30  
ARG HG2  H N N 31  
ARG HG3  H N N 32  
ARG HD2  H N N 33  
ARG HD3  H N N 34  
ARG HE   H N N 35  
ARG HH11 H N N 36  
ARG HH12 H N N 37  
ARG HH21 H N N 38  
ARG HH22 H N N 39  
ARG HXT  H N N 40  
ASN N    N N N 41  
ASN CA   C N S 42  
ASN C    C N N 43  
ASN O    O N N 44  
ASN CB   C N N 45  
ASN CG   C N N 46  
ASN OD1  O N N 47  
ASN ND2  N N N 48  
ASN OXT  O N N 49  
ASN H    H N N 50  
ASN H2   H N N 51  
ASN HA   H N N 52  
ASN HB2  H N N 53  
ASN HB3  H N N 54  
ASN HD21 H N N 55  
ASN HD22 H N N 56  
ASN HXT  H N N 57  
ASP N    N N N 58  
ASP CA   C N S 59  
ASP C    C N N 60  
ASP O    O N N 61  
ASP CB   C N N 62  
ASP CG   C N N 63  
ASP OD1  O N N 64  
ASP OD2  O N N 65  
ASP OXT  O N N 66  
ASP H    H N N 67  
ASP H2   H N N 68  
ASP HA   H N N 69  
ASP HB2  H N N 70  
ASP HB3  H N N 71  
ASP HD2  H N N 72  
ASP HXT  H N N 73  
CYS N    N N N 74  
CYS CA   C N R 75  
CYS C    C N N 76  
CYS O    O N N 77  
CYS CB   C N N 78  
CYS SG   S N N 79  
CYS OXT  O N N 80  
CYS H    H N N 81  
CYS H2   H N N 82  
CYS HA   H N N 83  
CYS HB2  H N N 84  
CYS HB3  H N N 85  
CYS HG   H N N 86  
CYS HXT  H N N 87  
GLN N    N N N 88  
GLN CA   C N S 89  
GLN C    C N N 90  
GLN O    O N N 91  
GLN CB   C N N 92  
GLN CG   C N N 93  
GLN CD   C N N 94  
GLN OE1  O N N 95  
GLN NE2  N N N 96  
GLN OXT  O N N 97  
GLN H    H N N 98  
GLN H2   H N N 99  
GLN HA   H N N 100 
GLN HB2  H N N 101 
GLN HB3  H N N 102 
GLN HG2  H N N 103 
GLN HG3  H N N 104 
GLN HE21 H N N 105 
GLN HE22 H N N 106 
GLN HXT  H N N 107 
GLU N    N N N 108 
GLU CA   C N S 109 
GLU C    C N N 110 
GLU O    O N N 111 
GLU CB   C N N 112 
GLU CG   C N N 113 
GLU CD   C N N 114 
GLU OE1  O N N 115 
GLU OE2  O N N 116 
GLU OXT  O N N 117 
GLU H    H N N 118 
GLU H2   H N N 119 
GLU HA   H N N 120 
GLU HB2  H N N 121 
GLU HB3  H N N 122 
GLU HG2  H N N 123 
GLU HG3  H N N 124 
GLU HE2  H N N 125 
GLU HXT  H N N 126 
GLY N    N N N 127 
GLY CA   C N N 128 
GLY C    C N N 129 
GLY O    O N N 130 
GLY OXT  O N N 131 
GLY H    H N N 132 
GLY H2   H N N 133 
GLY HA2  H N N 134 
GLY HA3  H N N 135 
GLY HXT  H N N 136 
HIS N    N N N 137 
HIS CA   C N S 138 
HIS C    C N N 139 
HIS O    O N N 140 
HIS CB   C N N 141 
HIS CG   C Y N 142 
HIS ND1  N Y N 143 
HIS CD2  C Y N 144 
HIS CE1  C Y N 145 
HIS NE2  N Y N 146 
HIS OXT  O N N 147 
HIS H    H N N 148 
HIS H2   H N N 149 
HIS HA   H N N 150 
HIS HB2  H N N 151 
HIS HB3  H N N 152 
HIS HD1  H N N 153 
HIS HD2  H N N 154 
HIS HE1  H N N 155 
HIS HE2  H N N 156 
HIS HXT  H N N 157 
HOH O    O N N 158 
HOH H1   H N N 159 
HOH H2   H N N 160 
ILE N    N N N 161 
ILE CA   C N S 162 
ILE C    C N N 163 
ILE O    O N N 164 
ILE CB   C N S 165 
ILE CG1  C N N 166 
ILE CG2  C N N 167 
ILE CD1  C N N 168 
ILE OXT  O N N 169 
ILE H    H N N 170 
ILE H2   H N N 171 
ILE HA   H N N 172 
ILE HB   H N N 173 
ILE HG12 H N N 174 
ILE HG13 H N N 175 
ILE HG21 H N N 176 
ILE HG22 H N N 177 
ILE HG23 H N N 178 
ILE HD11 H N N 179 
ILE HD12 H N N 180 
ILE HD13 H N N 181 
ILE HXT  H N N 182 
LEU N    N N N 183 
LEU CA   C N S 184 
LEU C    C N N 185 
LEU O    O N N 186 
LEU CB   C N N 187 
LEU CG   C N N 188 
LEU CD1  C N N 189 
LEU CD2  C N N 190 
LEU OXT  O N N 191 
LEU H    H N N 192 
LEU H2   H N N 193 
LEU HA   H N N 194 
LEU HB2  H N N 195 
LEU HB3  H N N 196 
LEU HG   H N N 197 
LEU HD11 H N N 198 
LEU HD12 H N N 199 
LEU HD13 H N N 200 
LEU HD21 H N N 201 
LEU HD22 H N N 202 
LEU HD23 H N N 203 
LEU HXT  H N N 204 
LYS N    N N N 205 
LYS CA   C N S 206 
LYS C    C N N 207 
LYS O    O N N 208 
LYS CB   C N N 209 
LYS CG   C N N 210 
LYS CD   C N N 211 
LYS CE   C N N 212 
LYS NZ   N N N 213 
LYS OXT  O N N 214 
LYS H    H N N 215 
LYS H2   H N N 216 
LYS HA   H N N 217 
LYS HB2  H N N 218 
LYS HB3  H N N 219 
LYS HG2  H N N 220 
LYS HG3  H N N 221 
LYS HD2  H N N 222 
LYS HD3  H N N 223 
LYS HE2  H N N 224 
LYS HE3  H N N 225 
LYS HZ1  H N N 226 
LYS HZ2  H N N 227 
LYS HZ3  H N N 228 
LYS HXT  H N N 229 
MET N    N N N 230 
MET CA   C N S 231 
MET C    C N N 232 
MET O    O N N 233 
MET CB   C N N 234 
MET CG   C N N 235 
MET SD   S N N 236 
MET CE   C N N 237 
MET OXT  O N N 238 
MET H    H N N 239 
MET H2   H N N 240 
MET HA   H N N 241 
MET HB2  H N N 242 
MET HB3  H N N 243 
MET HG2  H N N 244 
MET HG3  H N N 245 
MET HE1  H N N 246 
MET HE2  H N N 247 
MET HE3  H N N 248 
MET HXT  H N N 249 
PHE N    N N N 250 
PHE CA   C N S 251 
PHE C    C N N 252 
PHE O    O N N 253 
PHE CB   C N N 254 
PHE CG   C Y N 255 
PHE CD1  C Y N 256 
PHE CD2  C Y N 257 
PHE CE1  C Y N 258 
PHE CE2  C Y N 259 
PHE CZ   C Y N 260 
PHE OXT  O N N 261 
PHE H    H N N 262 
PHE H2   H N N 263 
PHE HA   H N N 264 
PHE HB2  H N N 265 
PHE HB3  H N N 266 
PHE HD1  H N N 267 
PHE HD2  H N N 268 
PHE HE1  H N N 269 
PHE HE2  H N N 270 
PHE HZ   H N N 271 
PHE HXT  H N N 272 
PRO N    N N N 273 
PRO CA   C N S 274 
PRO C    C N N 275 
PRO O    O N N 276 
PRO CB   C N N 277 
PRO CG   C N N 278 
PRO CD   C N N 279 
PRO OXT  O N N 280 
PRO H    H N N 281 
PRO HA   H N N 282 
PRO HB2  H N N 283 
PRO HB3  H N N 284 
PRO HG2  H N N 285 
PRO HG3  H N N 286 
PRO HD2  H N N 287 
PRO HD3  H N N 288 
PRO HXT  H N N 289 
SER N    N N N 290 
SER CA   C N S 291 
SER C    C N N 292 
SER O    O N N 293 
SER CB   C N N 294 
SER OG   O N N 295 
SER OXT  O N N 296 
SER H    H N N 297 
SER H2   H N N 298 
SER HA   H N N 299 
SER HB2  H N N 300 
SER HB3  H N N 301 
SER HG   H N N 302 
SER HXT  H N N 303 
THR N    N N N 304 
THR CA   C N S 305 
THR C    C N N 306 
THR O    O N N 307 
THR CB   C N R 308 
THR OG1  O N N 309 
THR CG2  C N N 310 
THR OXT  O N N 311 
THR H    H N N 312 
THR H2   H N N 313 
THR HA   H N N 314 
THR HB   H N N 315 
THR HG1  H N N 316 
THR HG21 H N N 317 
THR HG22 H N N 318 
THR HG23 H N N 319 
THR HXT  H N N 320 
TYR N    N N N 321 
TYR CA   C N S 322 
TYR C    C N N 323 
TYR O    O N N 324 
TYR CB   C N N 325 
TYR CG   C Y N 326 
TYR CD1  C Y N 327 
TYR CD2  C Y N 328 
TYR CE1  C Y N 329 
TYR CE2  C Y N 330 
TYR CZ   C Y N 331 
TYR OH   O N N 332 
TYR OXT  O N N 333 
TYR H    H N N 334 
TYR H2   H N N 335 
TYR HA   H N N 336 
TYR HB2  H N N 337 
TYR HB3  H N N 338 
TYR HD1  H N N 339 
TYR HD2  H N N 340 
TYR HE1  H N N 341 
TYR HE2  H N N 342 
TYR HH   H N N 343 
TYR HXT  H N N 344 
VAL N    N N N 345 
VAL CA   C N S 346 
VAL C    C N N 347 
VAL O    O N N 348 
VAL CB   C N N 349 
VAL CG1  C N N 350 
VAL CG2  C N N 351 
VAL OXT  O N N 352 
VAL H    H N N 353 
VAL H2   H N N 354 
VAL HA   H N N 355 
VAL HB   H N N 356 
VAL HG11 H N N 357 
VAL HG12 H N N 358 
VAL HG13 H N N 359 
VAL HG21 H N N 360 
VAL HG22 H N N 361 
VAL HG23 H N N 362 
VAL HXT  H N N 363 
# 
loop_
_chem_comp_bond.comp_id 
_chem_comp_bond.atom_id_1 
_chem_comp_bond.atom_id_2 
_chem_comp_bond.value_order 
_chem_comp_bond.pdbx_aromatic_flag 
_chem_comp_bond.pdbx_stereo_config 
_chem_comp_bond.pdbx_ordinal 
ALA N   CA   sing N N 1   
ALA N   H    sing N N 2   
ALA N   H2   sing N N 3   
ALA CA  C    sing N N 4   
ALA CA  CB   sing N N 5   
ALA CA  HA   sing N N 6   
ALA C   O    doub N N 7   
ALA C   OXT  sing N N 8   
ALA CB  HB1  sing N N 9   
ALA CB  HB2  sing N N 10  
ALA CB  HB3  sing N N 11  
ALA OXT HXT  sing N N 12  
ARG N   CA   sing N N 13  
ARG N   H    sing N N 14  
ARG N   H2   sing N N 15  
ARG CA  C    sing N N 16  
ARG CA  CB   sing N N 17  
ARG CA  HA   sing N N 18  
ARG C   O    doub N N 19  
ARG C   OXT  sing N N 20  
ARG CB  CG   sing N N 21  
ARG CB  HB2  sing N N 22  
ARG CB  HB3  sing N N 23  
ARG CG  CD   sing N N 24  
ARG CG  HG2  sing N N 25  
ARG CG  HG3  sing N N 26  
ARG CD  NE   sing N N 27  
ARG CD  HD2  sing N N 28  
ARG CD  HD3  sing N N 29  
ARG NE  CZ   sing N N 30  
ARG NE  HE   sing N N 31  
ARG CZ  NH1  sing N N 32  
ARG CZ  NH2  doub N N 33  
ARG NH1 HH11 sing N N 34  
ARG NH1 HH12 sing N N 35  
ARG NH2 HH21 sing N N 36  
ARG NH2 HH22 sing N N 37  
ARG OXT HXT  sing N N 38  
ASN N   CA   sing N N 39  
ASN N   H    sing N N 40  
ASN N   H2   sing N N 41  
ASN CA  C    sing N N 42  
ASN CA  CB   sing N N 43  
ASN CA  HA   sing N N 44  
ASN C   O    doub N N 45  
ASN C   OXT  sing N N 46  
ASN CB  CG   sing N N 47  
ASN CB  HB2  sing N N 48  
ASN CB  HB3  sing N N 49  
ASN CG  OD1  doub N N 50  
ASN CG  ND2  sing N N 51  
ASN ND2 HD21 sing N N 52  
ASN ND2 HD22 sing N N 53  
ASN OXT HXT  sing N N 54  
ASP N   CA   sing N N 55  
ASP N   H    sing N N 56  
ASP N   H2   sing N N 57  
ASP CA  C    sing N N 58  
ASP CA  CB   sing N N 59  
ASP CA  HA   sing N N 60  
ASP C   O    doub N N 61  
ASP C   OXT  sing N N 62  
ASP CB  CG   sing N N 63  
ASP CB  HB2  sing N N 64  
ASP CB  HB3  sing N N 65  
ASP CG  OD1  doub N N 66  
ASP CG  OD2  sing N N 67  
ASP OD2 HD2  sing N N 68  
ASP OXT HXT  sing N N 69  
CYS N   CA   sing N N 70  
CYS N   H    sing N N 71  
CYS N   H2   sing N N 72  
CYS CA  C    sing N N 73  
CYS CA  CB   sing N N 74  
CYS CA  HA   sing N N 75  
CYS C   O    doub N N 76  
CYS C   OXT  sing N N 77  
CYS CB  SG   sing N N 78  
CYS CB  HB2  sing N N 79  
CYS CB  HB3  sing N N 80  
CYS SG  HG   sing N N 81  
CYS OXT HXT  sing N N 82  
GLN N   CA   sing N N 83  
GLN N   H    sing N N 84  
GLN N   H2   sing N N 85  
GLN CA  C    sing N N 86  
GLN CA  CB   sing N N 87  
GLN CA  HA   sing N N 88  
GLN C   O    doub N N 89  
GLN C   OXT  sing N N 90  
GLN CB  CG   sing N N 91  
GLN CB  HB2  sing N N 92  
GLN CB  HB3  sing N N 93  
GLN CG  CD   sing N N 94  
GLN CG  HG2  sing N N 95  
GLN CG  HG3  sing N N 96  
GLN CD  OE1  doub N N 97  
GLN CD  NE2  sing N N 98  
GLN NE2 HE21 sing N N 99  
GLN NE2 HE22 sing N N 100 
GLN OXT HXT  sing N N 101 
GLU N   CA   sing N N 102 
GLU N   H    sing N N 103 
GLU N   H2   sing N N 104 
GLU CA  C    sing N N 105 
GLU CA  CB   sing N N 106 
GLU CA  HA   sing N N 107 
GLU C   O    doub N N 108 
GLU C   OXT  sing N N 109 
GLU CB  CG   sing N N 110 
GLU CB  HB2  sing N N 111 
GLU CB  HB3  sing N N 112 
GLU CG  CD   sing N N 113 
GLU CG  HG2  sing N N 114 
GLU CG  HG3  sing N N 115 
GLU CD  OE1  doub N N 116 
GLU CD  OE2  sing N N 117 
GLU OE2 HE2  sing N N 118 
GLU OXT HXT  sing N N 119 
GLY N   CA   sing N N 120 
GLY N   H    sing N N 121 
GLY N   H2   sing N N 122 
GLY CA  C    sing N N 123 
GLY CA  HA2  sing N N 124 
GLY CA  HA3  sing N N 125 
GLY C   O    doub N N 126 
GLY C   OXT  sing N N 127 
GLY OXT HXT  sing N N 128 
HIS N   CA   sing N N 129 
HIS N   H    sing N N 130 
HIS N   H2   sing N N 131 
HIS CA  C    sing N N 132 
HIS CA  CB   sing N N 133 
HIS CA  HA   sing N N 134 
HIS C   O    doub N N 135 
HIS C   OXT  sing N N 136 
HIS CB  CG   sing N N 137 
HIS CB  HB2  sing N N 138 
HIS CB  HB3  sing N N 139 
HIS CG  ND1  sing Y N 140 
HIS CG  CD2  doub Y N 141 
HIS ND1 CE1  doub Y N 142 
HIS ND1 HD1  sing N N 143 
HIS CD2 NE2  sing Y N 144 
HIS CD2 HD2  sing N N 145 
HIS CE1 NE2  sing Y N 146 
HIS CE1 HE1  sing N N 147 
HIS NE2 HE2  sing N N 148 
HIS OXT HXT  sing N N 149 
HOH O   H1   sing N N 150 
HOH O   H2   sing N N 151 
ILE N   CA   sing N N 152 
ILE N   H    sing N N 153 
ILE N   H2   sing N N 154 
ILE CA  C    sing N N 155 
ILE CA  CB   sing N N 156 
ILE CA  HA   sing N N 157 
ILE C   O    doub N N 158 
ILE C   OXT  sing N N 159 
ILE CB  CG1  sing N N 160 
ILE CB  CG2  sing N N 161 
ILE CB  HB   sing N N 162 
ILE CG1 CD1  sing N N 163 
ILE CG1 HG12 sing N N 164 
ILE CG1 HG13 sing N N 165 
ILE CG2 HG21 sing N N 166 
ILE CG2 HG22 sing N N 167 
ILE CG2 HG23 sing N N 168 
ILE CD1 HD11 sing N N 169 
ILE CD1 HD12 sing N N 170 
ILE CD1 HD13 sing N N 171 
ILE OXT HXT  sing N N 172 
LEU N   CA   sing N N 173 
LEU N   H    sing N N 174 
LEU N   H2   sing N N 175 
LEU CA  C    sing N N 176 
LEU CA  CB   sing N N 177 
LEU CA  HA   sing N N 178 
LEU C   O    doub N N 179 
LEU C   OXT  sing N N 180 
LEU CB  CG   sing N N 181 
LEU CB  HB2  sing N N 182 
LEU CB  HB3  sing N N 183 
LEU CG  CD1  sing N N 184 
LEU CG  CD2  sing N N 185 
LEU CG  HG   sing N N 186 
LEU CD1 HD11 sing N N 187 
LEU CD1 HD12 sing N N 188 
LEU CD1 HD13 sing N N 189 
LEU CD2 HD21 sing N N 190 
LEU CD2 HD22 sing N N 191 
LEU CD2 HD23 sing N N 192 
LEU OXT HXT  sing N N 193 
LYS N   CA   sing N N 194 
LYS N   H    sing N N 195 
LYS N   H2   sing N N 196 
LYS CA  C    sing N N 197 
LYS CA  CB   sing N N 198 
LYS CA  HA   sing N N 199 
LYS C   O    doub N N 200 
LYS C   OXT  sing N N 201 
LYS CB  CG   sing N N 202 
LYS CB  HB2  sing N N 203 
LYS CB  HB3  sing N N 204 
LYS CG  CD   sing N N 205 
LYS CG  HG2  sing N N 206 
LYS CG  HG3  sing N N 207 
LYS CD  CE   sing N N 208 
LYS CD  HD2  sing N N 209 
LYS CD  HD3  sing N N 210 
LYS CE  NZ   sing N N 211 
LYS CE  HE2  sing N N 212 
LYS CE  HE3  sing N N 213 
LYS NZ  HZ1  sing N N 214 
LYS NZ  HZ2  sing N N 215 
LYS NZ  HZ3  sing N N 216 
LYS OXT HXT  sing N N 217 
MET N   CA   sing N N 218 
MET N   H    sing N N 219 
MET N   H2   sing N N 220 
MET CA  C    sing N N 221 
MET CA  CB   sing N N 222 
MET CA  HA   sing N N 223 
MET C   O    doub N N 224 
MET C   OXT  sing N N 225 
MET CB  CG   sing N N 226 
MET CB  HB2  sing N N 227 
MET CB  HB3  sing N N 228 
MET CG  SD   sing N N 229 
MET CG  HG2  sing N N 230 
MET CG  HG3  sing N N 231 
MET SD  CE   sing N N 232 
MET CE  HE1  sing N N 233 
MET CE  HE2  sing N N 234 
MET CE  HE3  sing N N 235 
MET OXT HXT  sing N N 236 
PHE N   CA   sing N N 237 
PHE N   H    sing N N 238 
PHE N   H2   sing N N 239 
PHE CA  C    sing N N 240 
PHE CA  CB   sing N N 241 
PHE CA  HA   sing N N 242 
PHE C   O    doub N N 243 
PHE C   OXT  sing N N 244 
PHE CB  CG   sing N N 245 
PHE CB  HB2  sing N N 246 
PHE CB  HB3  sing N N 247 
PHE CG  CD1  doub Y N 248 
PHE CG  CD2  sing Y N 249 
PHE CD1 CE1  sing Y N 250 
PHE CD1 HD1  sing N N 251 
PHE CD2 CE2  doub Y N 252 
PHE CD2 HD2  sing N N 253 
PHE CE1 CZ   doub Y N 254 
PHE CE1 HE1  sing N N 255 
PHE CE2 CZ   sing Y N 256 
PHE CE2 HE2  sing N N 257 
PHE CZ  HZ   sing N N 258 
PHE OXT HXT  sing N N 259 
PRO N   CA   sing N N 260 
PRO N   CD   sing N N 261 
PRO N   H    sing N N 262 
PRO CA  C    sing N N 263 
PRO CA  CB   sing N N 264 
PRO CA  HA   sing N N 265 
PRO C   O    doub N N 266 
PRO C   OXT  sing N N 267 
PRO CB  CG   sing N N 268 
PRO CB  HB2  sing N N 269 
PRO CB  HB3  sing N N 270 
PRO CG  CD   sing N N 271 
PRO CG  HG2  sing N N 272 
PRO CG  HG3  sing N N 273 
PRO CD  HD2  sing N N 274 
PRO CD  HD3  sing N N 275 
PRO OXT HXT  sing N N 276 
SER N   CA   sing N N 277 
SER N   H    sing N N 278 
SER N   H2   sing N N 279 
SER CA  C    sing N N 280 
SER CA  CB   sing N N 281 
SER CA  HA   sing N N 282 
SER C   O    doub N N 283 
SER C   OXT  sing N N 284 
SER CB  OG   sing N N 285 
SER CB  HB2  sing N N 286 
SER CB  HB3  sing N N 287 
SER OG  HG   sing N N 288 
SER OXT HXT  sing N N 289 
THR N   CA   sing N N 290 
THR N   H    sing N N 291 
THR N   H2   sing N N 292 
THR CA  C    sing N N 293 
THR CA  CB   sing N N 294 
THR CA  HA   sing N N 295 
THR C   O    doub N N 296 
THR C   OXT  sing N N 297 
THR CB  OG1  sing N N 298 
THR CB  CG2  sing N N 299 
THR CB  HB   sing N N 300 
THR OG1 HG1  sing N N 301 
THR CG2 HG21 sing N N 302 
THR CG2 HG22 sing N N 303 
THR CG2 HG23 sing N N 304 
THR OXT HXT  sing N N 305 
TYR N   CA   sing N N 306 
TYR N   H    sing N N 307 
TYR N   H2   sing N N 308 
TYR CA  C    sing N N 309 
TYR CA  CB   sing N N 310 
TYR CA  HA   sing N N 311 
TYR C   O    doub N N 312 
TYR C   OXT  sing N N 313 
TYR CB  CG   sing N N 314 
TYR CB  HB2  sing N N 315 
TYR CB  HB3  sing N N 316 
TYR CG  CD1  doub Y N 317 
TYR CG  CD2  sing Y N 318 
TYR CD1 CE1  sing Y N 319 
TYR CD1 HD1  sing N N 320 
TYR CD2 CE2  doub Y N 321 
TYR CD2 HD2  sing N N 322 
TYR CE1 CZ   doub Y N 323 
TYR CE1 HE1  sing N N 324 
TYR CE2 CZ   sing Y N 325 
TYR CE2 HE2  sing N N 326 
TYR CZ  OH   sing N N 327 
TYR OH  HH   sing N N 328 
TYR OXT HXT  sing N N 329 
VAL N   CA   sing N N 330 
VAL N   H    sing N N 331 
VAL N   H2   sing N N 332 
VAL CA  C    sing N N 333 
VAL CA  CB   sing N N 334 
VAL CA  HA   sing N N 335 
VAL C   O    doub N N 336 
VAL C   OXT  sing N N 337 
VAL CB  CG1  sing N N 338 
VAL CB  CG2  sing N N 339 
VAL CB  HB   sing N N 340 
VAL CG1 HG11 sing N N 341 
VAL CG1 HG12 sing N N 342 
VAL CG1 HG13 sing N N 343 
VAL CG2 HG21 sing N N 344 
VAL CG2 HG22 sing N N 345 
VAL CG2 HG23 sing N N 346 
VAL OXT HXT  sing N N 347 
# 
_pdbx_audit_support.funding_organization   'Department of Biotechnology (DBT, India)' 
_pdbx_audit_support.country                India 
_pdbx_audit_support.grant_number           BT/PR5891/BRB/10/1098/2012 
_pdbx_audit_support.ordinal                1 
# 
_pdbx_entity_nonpoly.entity_id   2 
_pdbx_entity_nonpoly.name        water 
_pdbx_entity_nonpoly.comp_id     HOH 
# 
_pdbx_struct_assembly_auth_evidence.id                     1 
_pdbx_struct_assembly_auth_evidence.assembly_id            1 
_pdbx_struct_assembly_auth_evidence.experimental_support   'gel filtration' 
_pdbx_struct_assembly_auth_evidence.details                ? 
# 
